data_2IT5
# 
_entry.id   2IT5 
# 
_audit_conform.dict_name       mmcif_pdbx.dic 
_audit_conform.dict_version    5.398 
_audit_conform.dict_location   http://mmcif.pdb.org/dictionaries/ascii/mmcif_pdbx.dic 
# 
loop_
_database_2.database_id 
_database_2.database_code 
_database_2.pdbx_database_accession 
_database_2.pdbx_DOI 
PDB   2IT5         pdb_00002it5 10.2210/pdb2it5/pdb 
RCSB  RCSB039983   ?            ?                   
WWPDB D_1000039983 ?            ?                   
# 
loop_
_pdbx_audit_revision_history.ordinal 
_pdbx_audit_revision_history.data_content_type 
_pdbx_audit_revision_history.major_revision 
_pdbx_audit_revision_history.minor_revision 
_pdbx_audit_revision_history.revision_date 
1 'Structure model' 1 0 2006-12-05 
2 'Structure model' 1 1 2008-05-01 
3 'Structure model' 1 2 2011-07-13 
4 'Structure model' 2 0 2020-07-29 
5 'Structure model' 2 1 2023-08-30 
6 'Structure model' 2 2 2024-10-30 
# 
loop_
_pdbx_audit_revision_details.ordinal 
_pdbx_audit_revision_details.revision_ordinal 
_pdbx_audit_revision_details.data_content_type 
_pdbx_audit_revision_details.provider 
_pdbx_audit_revision_details.type 
_pdbx_audit_revision_details.description 
_pdbx_audit_revision_details.details 
1 1 'Structure model' repository 'Initial release' ?                          ? 
2 4 'Structure model' repository Remediation       'Carbohydrate remediation' ? 
# 
loop_
_pdbx_audit_revision_group.ordinal 
_pdbx_audit_revision_group.revision_ordinal 
_pdbx_audit_revision_group.data_content_type 
_pdbx_audit_revision_group.group 
1  2 'Structure model' 'Version format compliance' 
2  3 'Structure model' 'Version format compliance' 
3  4 'Structure model' 'Atomic model'              
4  4 'Structure model' 'Data collection'           
5  4 'Structure model' 'Derived calculations'      
6  4 'Structure model' 'Structure summary'         
7  5 'Structure model' 'Data collection'           
8  5 'Structure model' 'Database references'       
9  5 'Structure model' 'Refinement description'    
10 5 'Structure model' 'Structure summary'         
11 6 'Structure model' 'Structure summary'         
# 
loop_
_pdbx_audit_revision_category.ordinal 
_pdbx_audit_revision_category.revision_ordinal 
_pdbx_audit_revision_category.data_content_type 
_pdbx_audit_revision_category.category 
1  4 'Structure model' atom_site                     
2  4 'Structure model' chem_comp                     
3  4 'Structure model' entity                        
4  4 'Structure model' pdbx_branch_scheme            
5  4 'Structure model' pdbx_chem_comp_identifier     
6  4 'Structure model' pdbx_entity_branch            
7  4 'Structure model' pdbx_entity_branch_descriptor 
8  4 'Structure model' pdbx_entity_branch_link       
9  4 'Structure model' pdbx_entity_branch_list       
10 4 'Structure model' pdbx_entity_nonpoly           
11 4 'Structure model' pdbx_nonpoly_scheme           
12 4 'Structure model' pdbx_struct_assembly_gen      
13 4 'Structure model' pdbx_struct_conn_angle        
14 4 'Structure model' struct_asym                   
15 4 'Structure model' struct_conn                   
16 4 'Structure model' struct_site                   
17 4 'Structure model' struct_site_gen               
18 5 'Structure model' chem_comp                     
19 5 'Structure model' chem_comp_atom                
20 5 'Structure model' chem_comp_bond                
21 5 'Structure model' database_2                    
22 5 'Structure model' pdbx_initial_refinement_model 
23 6 'Structure model' pdbx_entry_details            
24 6 'Structure model' pdbx_modification_feature     
# 
loop_
_pdbx_audit_revision_item.ordinal 
_pdbx_audit_revision_item.revision_ordinal 
_pdbx_audit_revision_item.data_content_type 
_pdbx_audit_revision_item.item 
1  4 'Structure model' '_atom_site.auth_asym_id'                     
2  4 'Structure model' '_atom_site.auth_seq_id'                      
3  4 'Structure model' '_atom_site.label_asym_id'                    
4  4 'Structure model' '_chem_comp.name'                             
5  4 'Structure model' '_chem_comp.type'                             
6  4 'Structure model' '_entity.formula_weight'                      
7  4 'Structure model' '_entity.pdbx_description'                    
8  4 'Structure model' '_entity.pdbx_number_of_molecules'            
9  4 'Structure model' '_entity.type'                                
10 4 'Structure model' '_pdbx_struct_assembly_gen.asym_id_list'      
11 4 'Structure model' '_pdbx_struct_conn_angle.ptnr1_auth_asym_id'  
12 4 'Structure model' '_pdbx_struct_conn_angle.ptnr1_auth_comp_id'  
13 4 'Structure model' '_pdbx_struct_conn_angle.ptnr1_auth_seq_id'   
14 4 'Structure model' '_pdbx_struct_conn_angle.ptnr1_label_alt_id'  
15 4 'Structure model' '_pdbx_struct_conn_angle.ptnr1_label_asym_id' 
16 4 'Structure model' '_pdbx_struct_conn_angle.ptnr1_label_atom_id' 
17 4 'Structure model' '_pdbx_struct_conn_angle.ptnr1_label_comp_id' 
18 4 'Structure model' '_pdbx_struct_conn_angle.ptnr1_label_seq_id'  
19 4 'Structure model' '_pdbx_struct_conn_angle.ptnr2_label_asym_id' 
20 4 'Structure model' '_pdbx_struct_conn_angle.ptnr3_auth_asym_id'  
21 4 'Structure model' '_pdbx_struct_conn_angle.ptnr3_auth_comp_id'  
22 4 'Structure model' '_pdbx_struct_conn_angle.ptnr3_auth_seq_id'   
23 4 'Structure model' '_pdbx_struct_conn_angle.ptnr3_label_alt_id'  
24 4 'Structure model' '_pdbx_struct_conn_angle.ptnr3_label_asym_id' 
25 4 'Structure model' '_pdbx_struct_conn_angle.ptnr3_label_atom_id' 
26 4 'Structure model' '_pdbx_struct_conn_angle.ptnr3_label_comp_id' 
27 4 'Structure model' '_pdbx_struct_conn_angle.ptnr3_label_seq_id'  
28 4 'Structure model' '_pdbx_struct_conn_angle.value'               
29 4 'Structure model' '_struct_conn.pdbx_dist_value'                
30 4 'Structure model' '_struct_conn.pdbx_leaving_atom_flag'         
31 4 'Structure model' '_struct_conn.pdbx_ptnr2_label_alt_id'        
32 4 'Structure model' '_struct_conn.ptnr1_auth_asym_id'             
33 4 'Structure model' '_struct_conn.ptnr1_auth_seq_id'              
34 4 'Structure model' '_struct_conn.ptnr1_label_asym_id'            
35 4 'Structure model' '_struct_conn.ptnr2_auth_asym_id'             
36 4 'Structure model' '_struct_conn.ptnr2_auth_comp_id'             
37 4 'Structure model' '_struct_conn.ptnr2_auth_seq_id'              
38 4 'Structure model' '_struct_conn.ptnr2_label_asym_id'            
39 4 'Structure model' '_struct_conn.ptnr2_label_atom_id'            
40 4 'Structure model' '_struct_conn.ptnr2_label_comp_id'            
41 4 'Structure model' '_struct_conn.ptnr2_label_seq_id'             
42 5 'Structure model' '_chem_comp.pdbx_synonyms'                    
43 5 'Structure model' '_database_2.pdbx_DOI'                        
44 5 'Structure model' '_database_2.pdbx_database_accession'         
# 
_pdbx_database_status.status_code                     REL 
_pdbx_database_status.entry_id                        2IT5 
_pdbx_database_status.recvd_initial_deposition_date   2006-10-19 
_pdbx_database_status.deposit_site                    RCSB 
_pdbx_database_status.process_site                    RCSB 
_pdbx_database_status.status_code_sf                  REL 
_pdbx_database_status.status_code_mr                  ? 
_pdbx_database_status.SG_entry                        ? 
_pdbx_database_status.pdb_format_compatible           Y 
_pdbx_database_status.status_code_cs                  ? 
_pdbx_database_status.status_code_nmr_data            ? 
_pdbx_database_status.methods_development_category    ? 
# 
_pdbx_database_related.db_name        PDB 
_pdbx_database_related.db_id          2IT6 
_pdbx_database_related.details        'Crystal Structure of DCSIGN-CRD with man2' 
_pdbx_database_related.content_type   unspecified 
# 
loop_
_audit_author.name 
_audit_author.pdbx_ordinal 
'Weis, W.I.'      1 
'Feinberg, H.'    2 
'Castelli, R.'    3 
'Drickamer, K.'   4 
'Seeberger, P.H.' 5 
# 
_citation.id                        primary 
_citation.title                     
'Multiple modes of binding enhance the affinity of DC-SIGN for high mannose N-linked glycans found on viral glycoproteins.' 
_citation.journal_abbrev            J.Biol.Chem. 
_citation.journal_volume            282 
_citation.page_first                4202 
_citation.page_last                 4209 
_citation.year                      2007 
_citation.journal_id_ASTM           JBCHA3 
_citation.country                   US 
_citation.journal_id_ISSN           0021-9258 
_citation.journal_id_CSD            0071 
_citation.book_publisher            ? 
_citation.pdbx_database_id_PubMed   17150970 
_citation.pdbx_database_id_DOI      10.1074/jbc.M609689200 
# 
loop_
_citation_author.citation_id 
_citation_author.name 
_citation_author.ordinal 
_citation_author.identifier_ORCID 
primary 'Feinberg, H.'    1 ? 
primary 'Castelli, R.'    2 ? 
primary 'Drickamer, K.'   3 ? 
primary 'Seeberger, P.H.' 4 ? 
primary 'Weis, W.I.'      5 ? 
# 
loop_
_entity.id 
_entity.type 
_entity.src_method 
_entity.pdbx_description 
_entity.formula_weight 
_entity.pdbx_number_of_molecules 
_entity.pdbx_ec 
_entity.pdbx_mutation 
_entity.pdbx_fragment 
_entity.details 
1 polymer     man 'CD209 antigen, DCSIGN-CRD'                                                     16130.791 1  ? ? ? ? 
2 branched    man 'alpha-D-mannopyranose-(1-2)-alpha-D-mannopyranose-(1-3)-alpha-D-mannopyranose' 504.438   1  ? ? ? ? 
3 non-polymer syn 'CALCIUM ION'                                                                   40.078    3  ? ? ? ? 
4 water       nat water                                                                           18.015    59 ? ? ? ? 
# 
_entity_name_com.entity_id   1 
_entity_name_com.name        
'Dendritic cell-specific ICAM-3-grabbing nonintegrin 1, DC-SIGN1, DC-SIGN, C-type lectin domain family 4 member L' 
# 
_entity_poly.entity_id                      1 
_entity_poly.type                           'polypeptide(L)' 
_entity_poly.nstd_linkage                   no 
_entity_poly.nstd_monomer                   no 
_entity_poly.pdbx_seq_one_letter_code       
;ERLCHPCPWEWTFFQGNCYFMSNSQRNWHDSITACKEVGAQLVVIKSAEEQNFLQLQSSRSNRFTWMGLSDLNQEGTWQW
VDGSPLLPSFKQYWNRGEPNNVGEEDCAEFSGNGWNDDKCNLAKFWICKKSAASCSRDE
;
_entity_poly.pdbx_seq_one_letter_code_can   
;ERLCHPCPWEWTFFQGNCYFMSNSQRNWHDSITACKEVGAQLVVIKSAEEQNFLQLQSSRSNRFTWMGLSDLNQEGTWQW
VDGSPLLPSFKQYWNRGEPNNVGEEDCAEFSGNGWNDDKCNLAKFWICKKSAASCSRDE
;
_entity_poly.pdbx_strand_id                 A 
_entity_poly.pdbx_target_identifier         ? 
# 
loop_
_pdbx_entity_nonpoly.entity_id 
_pdbx_entity_nonpoly.name 
_pdbx_entity_nonpoly.comp_id 
3 'CALCIUM ION' CA  
4 water         HOH 
# 
loop_
_entity_poly_seq.entity_id 
_entity_poly_seq.num 
_entity_poly_seq.mon_id 
_entity_poly_seq.hetero 
1 1   GLU n 
1 2   ARG n 
1 3   LEU n 
1 4   CYS n 
1 5   HIS n 
1 6   PRO n 
1 7   CYS n 
1 8   PRO n 
1 9   TRP n 
1 10  GLU n 
1 11  TRP n 
1 12  THR n 
1 13  PHE n 
1 14  PHE n 
1 15  GLN n 
1 16  GLY n 
1 17  ASN n 
1 18  CYS n 
1 19  TYR n 
1 20  PHE n 
1 21  MET n 
1 22  SER n 
1 23  ASN n 
1 24  SER n 
1 25  GLN n 
1 26  ARG n 
1 27  ASN n 
1 28  TRP n 
1 29  HIS n 
1 30  ASP n 
1 31  SER n 
1 32  ILE n 
1 33  THR n 
1 34  ALA n 
1 35  CYS n 
1 36  LYS n 
1 37  GLU n 
1 38  VAL n 
1 39  GLY n 
1 40  ALA n 
1 41  GLN n 
1 42  LEU n 
1 43  VAL n 
1 44  VAL n 
1 45  ILE n 
1 46  LYS n 
1 47  SER n 
1 48  ALA n 
1 49  GLU n 
1 50  GLU n 
1 51  GLN n 
1 52  ASN n 
1 53  PHE n 
1 54  LEU n 
1 55  GLN n 
1 56  LEU n 
1 57  GLN n 
1 58  SER n 
1 59  SER n 
1 60  ARG n 
1 61  SER n 
1 62  ASN n 
1 63  ARG n 
1 64  PHE n 
1 65  THR n 
1 66  TRP n 
1 67  MET n 
1 68  GLY n 
1 69  LEU n 
1 70  SER n 
1 71  ASP n 
1 72  LEU n 
1 73  ASN n 
1 74  GLN n 
1 75  GLU n 
1 76  GLY n 
1 77  THR n 
1 78  TRP n 
1 79  GLN n 
1 80  TRP n 
1 81  VAL n 
1 82  ASP n 
1 83  GLY n 
1 84  SER n 
1 85  PRO n 
1 86  LEU n 
1 87  LEU n 
1 88  PRO n 
1 89  SER n 
1 90  PHE n 
1 91  LYS n 
1 92  GLN n 
1 93  TYR n 
1 94  TRP n 
1 95  ASN n 
1 96  ARG n 
1 97  GLY n 
1 98  GLU n 
1 99  PRO n 
1 100 ASN n 
1 101 ASN n 
1 102 VAL n 
1 103 GLY n 
1 104 GLU n 
1 105 GLU n 
1 106 ASP n 
1 107 CYS n 
1 108 ALA n 
1 109 GLU n 
1 110 PHE n 
1 111 SER n 
1 112 GLY n 
1 113 ASN n 
1 114 GLY n 
1 115 TRP n 
1 116 ASN n 
1 117 ASP n 
1 118 ASP n 
1 119 LYS n 
1 120 CYS n 
1 121 ASN n 
1 122 LEU n 
1 123 ALA n 
1 124 LYS n 
1 125 PHE n 
1 126 TRP n 
1 127 ILE n 
1 128 CYS n 
1 129 LYS n 
1 130 LYS n 
1 131 SER n 
1 132 ALA n 
1 133 ALA n 
1 134 SER n 
1 135 CYS n 
1 136 SER n 
1 137 ARG n 
1 138 ASP n 
1 139 GLU n 
# 
_entity_src_gen.entity_id                          1 
_entity_src_gen.pdbx_src_id                        1 
_entity_src_gen.pdbx_alt_source_flag               sample 
_entity_src_gen.pdbx_seq_type                      ? 
_entity_src_gen.pdbx_beg_seq_num                   ? 
_entity_src_gen.pdbx_end_seq_num                   ? 
_entity_src_gen.gene_src_common_name               human 
_entity_src_gen.gene_src_genus                     Homo 
_entity_src_gen.pdbx_gene_src_gene                 'CD209, CLEC4L' 
_entity_src_gen.gene_src_species                   ? 
_entity_src_gen.gene_src_strain                    ? 
_entity_src_gen.gene_src_tissue                    ? 
_entity_src_gen.gene_src_tissue_fraction           ? 
_entity_src_gen.gene_src_details                   ? 
_entity_src_gen.pdbx_gene_src_fragment             ? 
_entity_src_gen.pdbx_gene_src_scientific_name      'Homo sapiens' 
_entity_src_gen.pdbx_gene_src_ncbi_taxonomy_id     9606 
_entity_src_gen.pdbx_gene_src_variant              ? 
_entity_src_gen.pdbx_gene_src_cell_line            ? 
_entity_src_gen.pdbx_gene_src_atcc                 ? 
_entity_src_gen.pdbx_gene_src_organ                ? 
_entity_src_gen.pdbx_gene_src_organelle            ? 
_entity_src_gen.pdbx_gene_src_cell                 ? 
_entity_src_gen.pdbx_gene_src_cellular_location    ? 
_entity_src_gen.host_org_common_name               ? 
_entity_src_gen.pdbx_host_org_scientific_name      'Escherichia coli BL21(DE3)' 
_entity_src_gen.pdbx_host_org_ncbi_taxonomy_id     469008 
_entity_src_gen.host_org_genus                     Escherichia 
_entity_src_gen.pdbx_host_org_gene                 ? 
_entity_src_gen.pdbx_host_org_organ                ? 
_entity_src_gen.host_org_species                   'Escherichia coli' 
_entity_src_gen.pdbx_host_org_tissue               ? 
_entity_src_gen.pdbx_host_org_tissue_fraction      ? 
_entity_src_gen.pdbx_host_org_strain               'BL21(DE3)' 
_entity_src_gen.pdbx_host_org_variant              ? 
_entity_src_gen.pdbx_host_org_cell_line            ? 
_entity_src_gen.pdbx_host_org_atcc                 ? 
_entity_src_gen.pdbx_host_org_culture_collection   ? 
_entity_src_gen.pdbx_host_org_cell                 ? 
_entity_src_gen.pdbx_host_org_organelle            ? 
_entity_src_gen.pdbx_host_org_cellular_location    ? 
_entity_src_gen.pdbx_host_org_vector_type          ? 
_entity_src_gen.pdbx_host_org_vector               ? 
_entity_src_gen.host_org_details                   ? 
_entity_src_gen.expression_system_id               ? 
_entity_src_gen.plasmid_name                       ? 
_entity_src_gen.plasmid_details                    ? 
_entity_src_gen.pdbx_description                   ? 
# 
_pdbx_entity_branch.entity_id   2 
_pdbx_entity_branch.type        oligosaccharide 
# 
loop_
_pdbx_entity_branch_descriptor.ordinal 
_pdbx_entity_branch_descriptor.entity_id 
_pdbx_entity_branch_descriptor.descriptor 
_pdbx_entity_branch_descriptor.type 
_pdbx_entity_branch_descriptor.program 
_pdbx_entity_branch_descriptor.program_version 
1 2 DManpa1-2DManpa1-3DManpa1-ROH                          'Glycam Condensed Sequence' GMML       1.0   
2 2 'WURCS=2.0/1,3,2/[a1122h-1a_1-5]/1-1-1/a3-b1_b2-c1'    WURCS                       PDB2Glycan 1.1.0 
3 2 '[][a-D-Manp]{[(3+1)][a-D-Manp]{[(2+1)][a-D-Manp]{}}}' LINUCS                      PDB-CARE   ?     
# 
loop_
_pdbx_entity_branch_link.link_id 
_pdbx_entity_branch_link.entity_id 
_pdbx_entity_branch_link.entity_branch_list_num_1 
_pdbx_entity_branch_link.comp_id_1 
_pdbx_entity_branch_link.atom_id_1 
_pdbx_entity_branch_link.leaving_atom_id_1 
_pdbx_entity_branch_link.entity_branch_list_num_2 
_pdbx_entity_branch_link.comp_id_2 
_pdbx_entity_branch_link.atom_id_2 
_pdbx_entity_branch_link.leaving_atom_id_2 
_pdbx_entity_branch_link.value_order 
_pdbx_entity_branch_link.details 
1 2 2 MAN C1 O1 1 MAN O3 HO3 sing ? 
2 2 3 MAN C1 O1 2 MAN O2 HO2 sing ? 
# 
loop_
_chem_comp.id 
_chem_comp.type 
_chem_comp.mon_nstd_flag 
_chem_comp.name 
_chem_comp.pdbx_synonyms 
_chem_comp.formula 
_chem_comp.formula_weight 
ALA 'L-peptide linking'           y ALANINE               ?                                     'C3 H7 N O2'     89.093  
ARG 'L-peptide linking'           y ARGININE              ?                                     'C6 H15 N4 O2 1' 175.209 
ASN 'L-peptide linking'           y ASPARAGINE            ?                                     'C4 H8 N2 O3'    132.118 
ASP 'L-peptide linking'           y 'ASPARTIC ACID'       ?                                     'C4 H7 N O4'     133.103 
CA  non-polymer                   . 'CALCIUM ION'         ?                                     'Ca 2'           40.078  
CYS 'L-peptide linking'           y CYSTEINE              ?                                     'C3 H7 N O2 S'   121.158 
GLN 'L-peptide linking'           y GLUTAMINE             ?                                     'C5 H10 N2 O3'   146.144 
GLU 'L-peptide linking'           y 'GLUTAMIC ACID'       ?                                     'C5 H9 N O4'     147.129 
GLY 'peptide linking'             y GLYCINE               ?                                     'C2 H5 N O2'     75.067  
HIS 'L-peptide linking'           y HISTIDINE             ?                                     'C6 H10 N3 O2 1' 156.162 
HOH non-polymer                   . WATER                 ?                                     'H2 O'           18.015  
ILE 'L-peptide linking'           y ISOLEUCINE            ?                                     'C6 H13 N O2'    131.173 
LEU 'L-peptide linking'           y LEUCINE               ?                                     'C6 H13 N O2'    131.173 
LYS 'L-peptide linking'           y LYSINE                ?                                     'C6 H15 N2 O2 1' 147.195 
MAN 'D-saccharide, alpha linking' . alpha-D-mannopyranose 'alpha-D-mannose; D-mannose; mannose' 'C6 H12 O6'      180.156 
MET 'L-peptide linking'           y METHIONINE            ?                                     'C5 H11 N O2 S'  149.211 
PHE 'L-peptide linking'           y PHENYLALANINE         ?                                     'C9 H11 N O2'    165.189 
PRO 'L-peptide linking'           y PROLINE               ?                                     'C5 H9 N O2'     115.130 
SER 'L-peptide linking'           y SERINE                ?                                     'C3 H7 N O3'     105.093 
THR 'L-peptide linking'           y THREONINE             ?                                     'C4 H9 N O3'     119.119 
TRP 'L-peptide linking'           y TRYPTOPHAN            ?                                     'C11 H12 N2 O2'  204.225 
TYR 'L-peptide linking'           y TYROSINE              ?                                     'C9 H11 N O3'    181.189 
VAL 'L-peptide linking'           y VALINE                ?                                     'C5 H11 N O2'    117.146 
# 
loop_
_pdbx_chem_comp_identifier.comp_id 
_pdbx_chem_comp_identifier.type 
_pdbx_chem_comp_identifier.program 
_pdbx_chem_comp_identifier.program_version 
_pdbx_chem_comp_identifier.identifier 
MAN 'CONDENSED IUPAC CARBOHYDRATE SYMBOL' GMML     1.0 DManpa            
MAN 'COMMON NAME'                         GMML     1.0 a-D-mannopyranose 
MAN 'IUPAC CARBOHYDRATE SYMBOL'           PDB-CARE 1.0 a-D-Manp          
MAN 'SNFG CARBOHYDRATE SYMBOL'            GMML     1.0 Man               
# 
loop_
_pdbx_poly_seq_scheme.asym_id 
_pdbx_poly_seq_scheme.entity_id 
_pdbx_poly_seq_scheme.seq_id 
_pdbx_poly_seq_scheme.mon_id 
_pdbx_poly_seq_scheme.ndb_seq_num 
_pdbx_poly_seq_scheme.pdb_seq_num 
_pdbx_poly_seq_scheme.auth_seq_num 
_pdbx_poly_seq_scheme.pdb_mon_id 
_pdbx_poly_seq_scheme.auth_mon_id 
_pdbx_poly_seq_scheme.pdb_strand_id 
_pdbx_poly_seq_scheme.pdb_ins_code 
_pdbx_poly_seq_scheme.hetero 
A 1 1   GLU 1   250 ?   ?   ?   A . n 
A 1 2   ARG 2   251 ?   ?   ?   A . n 
A 1 3   LEU 3   252 ?   ?   ?   A . n 
A 1 4   CYS 4   253 253 CYS CYS A . n 
A 1 5   HIS 5   254 254 HIS HIS A . n 
A 1 6   PRO 6   255 255 PRO PRO A . n 
A 1 7   CYS 7   256 256 CYS CYS A . n 
A 1 8   PRO 8   257 257 PRO PRO A . n 
A 1 9   TRP 9   258 258 TRP TRP A . n 
A 1 10  GLU 10  259 259 GLU GLU A . n 
A 1 11  TRP 11  260 260 TRP TRP A . n 
A 1 12  THR 12  261 261 THR THR A . n 
A 1 13  PHE 13  262 262 PHE PHE A . n 
A 1 14  PHE 14  263 263 PHE PHE A . n 
A 1 15  GLN 15  264 264 GLN GLN A . n 
A 1 16  GLY 16  265 265 GLY GLY A . n 
A 1 17  ASN 17  266 266 ASN ASN A . n 
A 1 18  CYS 18  267 267 CYS CYS A . n 
A 1 19  TYR 19  268 268 TYR TYR A . n 
A 1 20  PHE 20  269 269 PHE PHE A . n 
A 1 21  MET 21  270 270 MET MET A . n 
A 1 22  SER 22  271 271 SER SER A . n 
A 1 23  ASN 23  272 272 ASN ASN A . n 
A 1 24  SER 24  273 273 SER SER A . n 
A 1 25  GLN 25  274 274 GLN GLN A . n 
A 1 26  ARG 26  275 275 ARG ARG A . n 
A 1 27  ASN 27  276 276 ASN ASN A . n 
A 1 28  TRP 28  277 277 TRP TRP A . n 
A 1 29  HIS 29  278 278 HIS HIS A . n 
A 1 30  ASP 30  279 279 ASP ASP A . n 
A 1 31  SER 31  280 280 SER SER A . n 
A 1 32  ILE 32  281 281 ILE ILE A . n 
A 1 33  THR 33  282 282 THR THR A . n 
A 1 34  ALA 34  283 283 ALA ALA A . n 
A 1 35  CYS 35  284 284 CYS CYS A . n 
A 1 36  LYS 36  285 285 LYS LYS A . n 
A 1 37  GLU 37  286 286 GLU GLU A . n 
A 1 38  VAL 38  287 287 VAL VAL A . n 
A 1 39  GLY 39  288 288 GLY GLY A . n 
A 1 40  ALA 40  289 289 ALA ALA A . n 
A 1 41  GLN 41  290 290 GLN GLN A . n 
A 1 42  LEU 42  291 291 LEU LEU A . n 
A 1 43  VAL 43  292 292 VAL VAL A . n 
A 1 44  VAL 44  293 293 VAL VAL A . n 
A 1 45  ILE 45  294 294 ILE ILE A . n 
A 1 46  LYS 46  295 295 LYS LYS A . n 
A 1 47  SER 47  296 296 SER SER A . n 
A 1 48  ALA 48  297 297 ALA ALA A . n 
A 1 49  GLU 49  298 298 GLU GLU A . n 
A 1 50  GLU 50  299 299 GLU GLU A . n 
A 1 51  GLN 51  300 300 GLN GLN A . n 
A 1 52  ASN 52  301 301 ASN ASN A . n 
A 1 53  PHE 53  302 302 PHE PHE A . n 
A 1 54  LEU 54  303 303 LEU LEU A . n 
A 1 55  GLN 55  304 304 GLN GLN A . n 
A 1 56  LEU 56  305 305 LEU LEU A . n 
A 1 57  GLN 57  306 306 GLN GLN A . n 
A 1 58  SER 58  307 307 SER SER A . n 
A 1 59  SER 59  308 308 SER SER A . n 
A 1 60  ARG 60  309 309 ARG ARG A . n 
A 1 61  SER 61  310 310 SER SER A . n 
A 1 62  ASN 62  311 311 ASN ASN A . n 
A 1 63  ARG 63  312 312 ARG ARG A . n 
A 1 64  PHE 64  313 313 PHE PHE A . n 
A 1 65  THR 65  314 314 THR THR A . n 
A 1 66  TRP 66  315 315 TRP TRP A . n 
A 1 67  MET 67  316 316 MET MET A . n 
A 1 68  GLY 68  317 317 GLY GLY A . n 
A 1 69  LEU 69  318 318 LEU LEU A . n 
A 1 70  SER 70  319 319 SER SER A . n 
A 1 71  ASP 71  320 320 ASP ASP A . n 
A 1 72  LEU 72  321 321 LEU LEU A . n 
A 1 73  ASN 73  322 322 ASN ASN A . n 
A 1 74  GLN 74  323 323 GLN GLN A . n 
A 1 75  GLU 75  324 324 GLU GLU A . n 
A 1 76  GLY 76  325 325 GLY GLY A . n 
A 1 77  THR 77  326 326 THR THR A . n 
A 1 78  TRP 78  327 327 TRP TRP A . n 
A 1 79  GLN 79  328 328 GLN GLN A . n 
A 1 80  TRP 80  329 329 TRP TRP A . n 
A 1 81  VAL 81  330 330 VAL VAL A . n 
A 1 82  ASP 82  331 331 ASP ASP A . n 
A 1 83  GLY 83  332 332 GLY GLY A . n 
A 1 84  SER 84  333 333 SER SER A . n 
A 1 85  PRO 85  334 334 PRO PRO A . n 
A 1 86  LEU 86  335 335 LEU LEU A . n 
A 1 87  LEU 87  336 336 LEU LEU A . n 
A 1 88  PRO 88  337 337 PRO PRO A . n 
A 1 89  SER 89  338 338 SER SER A . n 
A 1 90  PHE 90  339 339 PHE PHE A . n 
A 1 91  LYS 91  340 340 LYS LYS A . n 
A 1 92  GLN 92  341 341 GLN GLN A . n 
A 1 93  TYR 93  342 342 TYR TYR A . n 
A 1 94  TRP 94  343 343 TRP TRP A . n 
A 1 95  ASN 95  344 344 ASN ASN A . n 
A 1 96  ARG 96  345 345 ARG ARG A . n 
A 1 97  GLY 97  346 346 GLY GLY A . n 
A 1 98  GLU 98  347 347 GLU GLU A . n 
A 1 99  PRO 99  348 348 PRO PRO A . n 
A 1 100 ASN 100 349 349 ASN ASN A . n 
A 1 101 ASN 101 350 350 ASN ASN A . n 
A 1 102 VAL 102 351 351 VAL VAL A . n 
A 1 103 GLY 103 352 352 GLY GLY A . n 
A 1 104 GLU 104 353 353 GLU GLU A . n 
A 1 105 GLU 105 354 354 GLU GLU A . n 
A 1 106 ASP 106 355 355 ASP ASP A . n 
A 1 107 CYS 107 356 356 CYS CYS A . n 
A 1 108 ALA 108 357 357 ALA ALA A . n 
A 1 109 GLU 109 358 358 GLU GLU A . n 
A 1 110 PHE 110 359 359 PHE PHE A . n 
A 1 111 SER 111 360 360 SER SER A . n 
A 1 112 GLY 112 361 361 GLY GLY A . n 
A 1 113 ASN 113 362 362 ASN ASN A . n 
A 1 114 GLY 114 363 363 GLY GLY A . n 
A 1 115 TRP 115 364 364 TRP TRP A . n 
A 1 116 ASN 116 365 365 ASN ASN A . n 
A 1 117 ASP 117 366 366 ASP ASP A . n 
A 1 118 ASP 118 367 367 ASP ASP A . n 
A 1 119 LYS 119 368 368 LYS LYS A . n 
A 1 120 CYS 120 369 369 CYS CYS A . n 
A 1 121 ASN 121 370 370 ASN ASN A . n 
A 1 122 LEU 122 371 371 LEU LEU A . n 
A 1 123 ALA 123 372 372 ALA ALA A . n 
A 1 124 LYS 124 373 373 LYS LYS A . n 
A 1 125 PHE 125 374 374 PHE PHE A . n 
A 1 126 TRP 126 375 375 TRP TRP A . n 
A 1 127 ILE 127 376 376 ILE ILE A . n 
A 1 128 CYS 128 377 377 CYS CYS A . n 
A 1 129 LYS 129 378 378 LYS LYS A . n 
A 1 130 LYS 130 379 379 LYS LYS A . n 
A 1 131 SER 131 380 380 SER SER A . n 
A 1 132 ALA 132 381 381 ALA ALA A . n 
A 1 133 ALA 133 382 382 ALA ALA A . n 
A 1 134 SER 134 383 383 SER SER A . n 
A 1 135 CYS 135 384 384 CYS CYS A . n 
A 1 136 SER 136 385 ?   ?   ?   A . n 
A 1 137 ARG 137 386 ?   ?   ?   A . n 
A 1 138 ASP 138 387 ?   ?   ?   A . n 
A 1 139 GLU 139 388 ?   ?   ?   A . n 
# 
loop_
_pdbx_branch_scheme.asym_id 
_pdbx_branch_scheme.entity_id 
_pdbx_branch_scheme.mon_id 
_pdbx_branch_scheme.num 
_pdbx_branch_scheme.pdb_asym_id 
_pdbx_branch_scheme.pdb_mon_id 
_pdbx_branch_scheme.pdb_seq_num 
_pdbx_branch_scheme.auth_asym_id 
_pdbx_branch_scheme.auth_mon_id 
_pdbx_branch_scheme.auth_seq_num 
_pdbx_branch_scheme.hetero 
B 2 MAN 1 B MAN 1 C MAN 2 n 
B 2 MAN 2 B MAN 2 C MAN 3 n 
B 2 MAN 3 B MAN 3 C MAN 5 n 
# 
loop_
_pdbx_nonpoly_scheme.asym_id 
_pdbx_nonpoly_scheme.entity_id 
_pdbx_nonpoly_scheme.mon_id 
_pdbx_nonpoly_scheme.ndb_seq_num 
_pdbx_nonpoly_scheme.pdb_seq_num 
_pdbx_nonpoly_scheme.auth_seq_num 
_pdbx_nonpoly_scheme.pdb_mon_id 
_pdbx_nonpoly_scheme.auth_mon_id 
_pdbx_nonpoly_scheme.pdb_strand_id 
_pdbx_nonpoly_scheme.pdb_ins_code 
C 3 CA  1  101 101 CA  CA  A . 
D 3 CA  1  102 102 CA  CA  A . 
E 3 CA  1  103 103 CA  CA  A . 
F 4 HOH 1  389 1   HOH HOH A . 
F 4 HOH 2  390 2   HOH HOH A . 
F 4 HOH 3  391 3   HOH HOH A . 
F 4 HOH 4  392 4   HOH HOH A . 
F 4 HOH 5  393 5   HOH HOH A . 
F 4 HOH 6  394 6   HOH HOH A . 
F 4 HOH 7  395 7   HOH HOH A . 
F 4 HOH 8  396 8   HOH HOH A . 
F 4 HOH 9  397 9   HOH HOH A . 
F 4 HOH 10 398 10  HOH HOH A . 
F 4 HOH 11 399 11  HOH HOH A . 
F 4 HOH 12 400 12  HOH HOH A . 
F 4 HOH 13 401 13  HOH HOH A . 
F 4 HOH 14 402 14  HOH HOH A . 
F 4 HOH 15 403 15  HOH HOH A . 
F 4 HOH 16 404 16  HOH HOH A . 
F 4 HOH 17 405 17  HOH HOH A . 
F 4 HOH 18 406 18  HOH HOH A . 
F 4 HOH 19 407 19  HOH HOH A . 
F 4 HOH 20 408 20  HOH HOH A . 
F 4 HOH 21 409 21  HOH HOH A . 
F 4 HOH 22 410 22  HOH HOH A . 
F 4 HOH 23 411 23  HOH HOH A . 
F 4 HOH 24 412 24  HOH HOH A . 
F 4 HOH 25 413 25  HOH HOH A . 
F 4 HOH 26 414 26  HOH HOH A . 
F 4 HOH 27 415 27  HOH HOH A . 
F 4 HOH 28 416 28  HOH HOH A . 
F 4 HOH 29 417 29  HOH HOH A . 
F 4 HOH 30 418 30  HOH HOH A . 
F 4 HOH 31 419 31  HOH HOH A . 
F 4 HOH 32 420 32  HOH HOH A . 
F 4 HOH 33 421 33  HOH HOH A . 
F 4 HOH 34 422 34  HOH HOH A . 
F 4 HOH 35 423 35  HOH HOH A . 
F 4 HOH 36 424 36  HOH HOH A . 
F 4 HOH 37 425 37  HOH HOH A . 
F 4 HOH 38 426 38  HOH HOH A . 
F 4 HOH 39 427 39  HOH HOH A . 
F 4 HOH 40 428 40  HOH HOH A . 
F 4 HOH 41 429 41  HOH HOH A . 
F 4 HOH 42 430 42  HOH HOH A . 
F 4 HOH 43 431 43  HOH HOH A . 
F 4 HOH 44 432 44  HOH HOH A . 
F 4 HOH 45 433 45  HOH HOH A . 
F 4 HOH 46 434 46  HOH HOH A . 
F 4 HOH 47 435 47  HOH HOH A . 
F 4 HOH 48 436 48  HOH HOH A . 
F 4 HOH 49 437 49  HOH HOH A . 
F 4 HOH 50 438 50  HOH HOH A . 
F 4 HOH 51 439 51  HOH HOH A . 
F 4 HOH 52 440 52  HOH HOH A . 
F 4 HOH 53 441 53  HOH HOH A . 
F 4 HOH 54 442 54  HOH HOH A . 
F 4 HOH 55 443 55  HOH HOH A . 
F 4 HOH 56 444 56  HOH HOH A . 
F 4 HOH 57 445 57  HOH HOH A . 
F 4 HOH 58 446 58  HOH HOH A . 
F 4 HOH 59 447 59  HOH HOH A . 
# 
loop_
_software.name 
_software.classification 
_software.version 
_software.citation_id 
_software.pdbx_ordinal 
CNS     refinement        1.1       ? 1 
Blu-Ice 'data collection' .         ? 2 
MOSFLM  'data reduction'  .         ? 3 
CCP4    'data scaling'    '(SCALA)' ? 4 
# 
_cell.entry_id           2IT5 
_cell.length_a           55.960 
_cell.length_b           55.960 
_cell.length_c           53.260 
_cell.angle_alpha        90.00 
_cell.angle_beta         90.00 
_cell.angle_gamma        90.00 
_cell.Z_PDB              4 
_cell.pdbx_unique_axis   ? 
_cell.length_a_esd       ? 
_cell.length_b_esd       ? 
_cell.length_c_esd       ? 
_cell.angle_alpha_esd    ? 
_cell.angle_beta_esd     ? 
_cell.angle_gamma_esd    ? 
# 
_symmetry.entry_id                         2IT5 
_symmetry.space_group_name_H-M             'P 43' 
_symmetry.pdbx_full_space_group_name_H-M   ? 
_symmetry.cell_setting                     ? 
_symmetry.Int_Tables_number                78 
_symmetry.space_group_name_Hall            ? 
# 
_exptl.entry_id          2IT5 
_exptl.method            'X-RAY DIFFRACTION' 
_exptl.crystals_number   1 
# 
_exptl_crystal.id                    1 
_exptl_crystal.density_meas          ? 
_exptl_crystal.density_Matthews      2.58 
_exptl_crystal.density_percent_sol   52.40 
_exptl_crystal.description           ? 
_exptl_crystal.F_000                 ? 
_exptl_crystal.preparation           ? 
# 
_exptl_crystal_grow.crystal_id      1 
_exptl_crystal_grow.method          'VAPOR DIFFUSION, HANGING DROP' 
_exptl_crystal_grow.temp            294 
_exptl_crystal_grow.temp_details    ? 
_exptl_crystal_grow.pH              7.0 
_exptl_crystal_grow.pdbx_details    
;protein solution contained 5 mg ml-1 protein, 5 mM CaCl2, 50 mM Man6, reservoir solution contained 30% (w/v) polyethylene glycol 3000, 0.2 M NaCl, 0.1 M Tris, pH 7.0, VAPOR DIFFUSION, HANGING DROP, temperature 294K
;
_exptl_crystal_grow.pdbx_pH_range   . 
# 
_diffrn.id                     1 
_diffrn.ambient_temp           100 
_diffrn.ambient_temp_details   ? 
_diffrn.crystal_id             1 
# 
_diffrn_detector.diffrn_id              1 
_diffrn_detector.detector               CCD 
_diffrn_detector.type                   'ADSC QUANTUM 315' 
_diffrn_detector.pdbx_collection_date   2006-03-03 
_diffrn_detector.details                ? 
# 
_diffrn_radiation.diffrn_id                        1 
_diffrn_radiation.wavelength_id                    1 
_diffrn_radiation.pdbx_monochromatic_or_laue_m_l   M 
_diffrn_radiation.monochromator                    'Si(111)' 
_diffrn_radiation.pdbx_diffrn_protocol             'SINGLE WAVELENGTH' 
_diffrn_radiation.pdbx_scattering_type             x-ray 
# 
_diffrn_radiation_wavelength.id           1 
_diffrn_radiation_wavelength.wavelength   0.97945 
_diffrn_radiation_wavelength.wt           1.0 
# 
_diffrn_source.diffrn_id                   1 
_diffrn_source.source                      SYNCHROTRON 
_diffrn_source.type                        'SSRL BEAMLINE BL11-1' 
_diffrn_source.pdbx_synchrotron_site       SSRL 
_diffrn_source.pdbx_synchrotron_beamline   BL11-1 
_diffrn_source.pdbx_wavelength             ? 
_diffrn_source.pdbx_wavelength_list        0.97945 
# 
_reflns.entry_id                     2IT5 
_reflns.observed_criterion_sigma_I   0 
_reflns.observed_criterion_sigma_F   0 
_reflns.d_resolution_low             27.98 
_reflns.d_resolution_high            2.4 
_reflns.number_obs                   6501 
_reflns.number_all                   ? 
_reflns.percent_possible_obs         99.6 
_reflns.pdbx_Rmerge_I_obs            ? 
_reflns.pdbx_Rsym_value              0.085 
_reflns.pdbx_netI_over_sigmaI        6.0 
_reflns.B_iso_Wilson_estimate        34.4 
_reflns.pdbx_redundancy              4.6 
_reflns.R_free_details               ? 
_reflns.limit_h_max                  ? 
_reflns.limit_h_min                  ? 
_reflns.limit_k_max                  ? 
_reflns.limit_k_min                  ? 
_reflns.limit_l_max                  ? 
_reflns.limit_l_min                  ? 
_reflns.observed_criterion_F_max     ? 
_reflns.observed_criterion_F_min     ? 
_reflns.pdbx_chi_squared             ? 
_reflns.pdbx_scaling_rejects         ? 
_reflns.pdbx_diffrn_id               1 
_reflns.pdbx_ordinal                 1 
# 
_reflns_shell.d_res_high             2.4 
_reflns_shell.d_res_low              2.46 
_reflns_shell.percent_possible_all   99.8 
_reflns_shell.Rmerge_I_obs           ? 
_reflns_shell.pdbx_Rsym_value        0.198 
_reflns_shell.meanI_over_sigI_obs    3.2 
_reflns_shell.pdbx_redundancy        4.8 
_reflns_shell.percent_possible_obs   ? 
_reflns_shell.number_unique_all      2273 
_reflns_shell.number_measured_all    ? 
_reflns_shell.number_measured_obs    ? 
_reflns_shell.number_unique_obs      ? 
_reflns_shell.pdbx_chi_squared       ? 
_reflns_shell.pdbx_diffrn_id         ? 
_reflns_shell.pdbx_ordinal           1 
# 
_refine.entry_id                                 2IT5 
_refine.ls_number_reflns_obs                     6501 
_refine.ls_number_reflns_all                     ? 
_refine.pdbx_ls_sigma_I                          ? 
_refine.pdbx_ls_sigma_F                          0.0 
_refine.pdbx_data_cutoff_high_absF               1380833.41 
_refine.pdbx_data_cutoff_low_absF                0.000000 
_refine.pdbx_data_cutoff_high_rms_absF           ? 
_refine.ls_d_res_low                             27.98 
_refine.ls_d_res_high                            2.40 
_refine.ls_percent_reflns_obs                    99.5 
_refine.ls_R_factor_obs                          ? 
_refine.ls_R_factor_all                          ? 
_refine.ls_R_factor_R_work                       0.198 
_refine.ls_R_factor_R_free                       0.252 
_refine.ls_R_factor_R_free_error                 0.014 
_refine.ls_R_factor_R_free_error_details         ? 
_refine.ls_percent_reflns_R_free                 4.7 
_refine.ls_number_reflns_R_free                  303 
_refine.ls_number_parameters                     ? 
_refine.ls_number_restraints                     ? 
_refine.occupancy_min                            ? 
_refine.occupancy_max                            ? 
_refine.correlation_coeff_Fo_to_Fc               ? 
_refine.correlation_coeff_Fo_to_Fc_free          ? 
_refine.B_iso_mean                               27.3 
_refine.aniso_B[1][1]                            0.39 
_refine.aniso_B[2][2]                            0.39 
_refine.aniso_B[3][3]                            -0.78 
_refine.aniso_B[1][2]                            0.00 
_refine.aniso_B[1][3]                            0.00 
_refine.aniso_B[2][3]                            0.00 
_refine.solvent_model_details                    'FLAT MODEL' 
_refine.solvent_model_param_ksol                 0.357237 
_refine.solvent_model_param_bsol                 32.8017 
_refine.pdbx_solvent_vdw_probe_radii             ? 
_refine.pdbx_solvent_ion_probe_radii             ? 
_refine.pdbx_solvent_shrinkage_radii             ? 
_refine.pdbx_ls_cross_valid_method               THROUGHOUT 
_refine.details                                  ? 
_refine.pdbx_starting_model                      'PDB ENTRY 1SL4' 
_refine.pdbx_method_to_determine_struct          'MOLECULAR REPLACEMENT' 
_refine.pdbx_isotropic_thermal_model             RESTRAINED 
_refine.pdbx_stereochemistry_target_values       'Engh & Huber' 
_refine.pdbx_stereochem_target_val_spec_case     ? 
_refine.pdbx_R_Free_selection_details            RANDOM 
_refine.pdbx_overall_ESU_R                       ? 
_refine.pdbx_overall_ESU_R_Free                  ? 
_refine.overall_SU_ML                            ? 
_refine.overall_SU_B                             ? 
_refine.ls_redundancy_reflns_obs                 ? 
_refine.B_iso_min                                ? 
_refine.B_iso_max                                ? 
_refine.overall_SU_R_Cruickshank_DPI             ? 
_refine.overall_SU_R_free                        ? 
_refine.ls_wR_factor_R_free                      ? 
_refine.ls_wR_factor_R_work                      ? 
_refine.overall_FOM_free_R_set                   ? 
_refine.overall_FOM_work_R_set                   ? 
_refine.pdbx_refine_id                           'X-RAY DIFFRACTION' 
_refine.pdbx_diffrn_id                           1 
_refine.pdbx_TLS_residual_ADP_flag               ? 
_refine.pdbx_overall_phase_error                 ? 
_refine.pdbx_overall_SU_R_free_Cruickshank_DPI   ? 
_refine.pdbx_overall_SU_R_Blow_DPI               ? 
_refine.pdbx_overall_SU_R_free_Blow_DPI          ? 
# 
_refine_analyze.entry_id                        2IT5 
_refine_analyze.Luzzati_coordinate_error_obs    0.25 
_refine_analyze.Luzzati_sigma_a_obs             0.23 
_refine_analyze.Luzzati_d_res_low_obs           5.00 
_refine_analyze.Luzzati_coordinate_error_free   0.36 
_refine_analyze.Luzzati_sigma_a_free            0.25 
_refine_analyze.Luzzati_d_res_low_free          ? 
_refine_analyze.number_disordered_residues      ? 
_refine_analyze.occupancy_sum_hydrogen          ? 
_refine_analyze.occupancy_sum_non_hydrogen      ? 
_refine_analyze.pdbx_Luzzati_d_res_high_obs     ? 
_refine_analyze.pdbx_refine_id                  'X-RAY DIFFRACTION' 
# 
_refine_hist.pdbx_refine_id                   'X-RAY DIFFRACTION' 
_refine_hist.cycle_id                         LAST 
_refine_hist.pdbx_number_atoms_protein        1070 
_refine_hist.pdbx_number_atoms_nucleic_acid   0 
_refine_hist.pdbx_number_atoms_ligand         60 
_refine_hist.number_atoms_solvent             59 
_refine_hist.number_atoms_total               1189 
_refine_hist.d_res_high                       2.40 
_refine_hist.d_res_low                        27.98 
# 
loop_
_refine_ls_restr.type 
_refine_ls_restr.dev_ideal 
_refine_ls_restr.dev_ideal_target 
_refine_ls_restr.weight 
_refine_ls_restr.number 
_refine_ls_restr.pdbx_refine_id 
_refine_ls_restr.pdbx_restraint_function 
c_bond_d                0.006 ?    ? ? 'X-RAY DIFFRACTION' ? 
c_bond_d_na             ?     ?    ? ? 'X-RAY DIFFRACTION' ? 
c_bond_d_prot           ?     ?    ? ? 'X-RAY DIFFRACTION' ? 
c_angle_d               ?     ?    ? ? 'X-RAY DIFFRACTION' ? 
c_angle_d_na            ?     ?    ? ? 'X-RAY DIFFRACTION' ? 
c_angle_d_prot          ?     ?    ? ? 'X-RAY DIFFRACTION' ? 
c_angle_deg             1.2   ?    ? ? 'X-RAY DIFFRACTION' ? 
c_angle_deg_na          ?     ?    ? ? 'X-RAY DIFFRACTION' ? 
c_angle_deg_prot        ?     ?    ? ? 'X-RAY DIFFRACTION' ? 
c_dihedral_angle_d      23.6  ?    ? ? 'X-RAY DIFFRACTION' ? 
c_dihedral_angle_d_na   ?     ?    ? ? 'X-RAY DIFFRACTION' ? 
c_dihedral_angle_d_prot ?     ?    ? ? 'X-RAY DIFFRACTION' ? 
c_improper_angle_d      0.78  ?    ? ? 'X-RAY DIFFRACTION' ? 
c_improper_angle_d_na   ?     ?    ? ? 'X-RAY DIFFRACTION' ? 
c_improper_angle_d_prot ?     ?    ? ? 'X-RAY DIFFRACTION' ? 
c_mcbond_it             1.43  1.50 ? ? 'X-RAY DIFFRACTION' ? 
c_mcangle_it            2.44  2.00 ? ? 'X-RAY DIFFRACTION' ? 
c_scbond_it             2.22  2.00 ? ? 'X-RAY DIFFRACTION' ? 
c_scangle_it            3.27  2.50 ? ? 'X-RAY DIFFRACTION' ? 
# 
_refine_ls_shell.pdbx_total_number_of_bins_used   6 
_refine_ls_shell.d_res_high                       2.40 
_refine_ls_shell.d_res_low                        2.55 
_refine_ls_shell.number_reflns_R_work             1023 
_refine_ls_shell.R_factor_R_work                  0.249 
_refine_ls_shell.percent_reflns_obs               99.9 
_refine_ls_shell.R_factor_R_free                  0.27 
_refine_ls_shell.R_factor_R_free_error            0.035 
_refine_ls_shell.percent_reflns_R_free            5.5 
_refine_ls_shell.number_reflns_R_free             59 
_refine_ls_shell.number_reflns_all                ? 
_refine_ls_shell.R_factor_all                     ? 
_refine_ls_shell.number_reflns_obs                1075 
_refine_ls_shell.redundancy_reflns_obs            ? 
_refine_ls_shell.pdbx_refine_id                   'X-RAY DIFFRACTION' 
# 
loop_
_pdbx_xplor_file.serial_no 
_pdbx_xplor_file.param_file 
_pdbx_xplor_file.topol_file 
_pdbx_xplor_file.pdbx_refine_id 
1 protein_rep.param  protein.top      'X-RAY DIFFRACTION' 
2 ion.param          water.top        'X-RAY DIFFRACTION' 
3 water_rep.param    ion.top          'X-RAY DIFFRACTION' 
4 carbohydrate.param carbohydrate.top 'X-RAY DIFFRACTION' 
# 
_struct.entry_id                  2IT5 
_struct.title                     'Crystal Structure of DCSIGN-CRD with man6' 
_struct.pdbx_model_details        ? 
_struct.pdbx_CASP_flag            ? 
_struct.pdbx_model_type_details   ? 
# 
_struct_keywords.entry_id        2IT5 
_struct_keywords.pdbx_keywords   'IMMUNE SYSTEM' 
_struct_keywords.text            'C-TYPE LECTIN, PROTEIN CARBOHYDRATE COMPLEX, IMMUNE SYSTEM' 
# 
loop_
_struct_asym.id 
_struct_asym.pdbx_blank_PDB_chainid_flag 
_struct_asym.pdbx_modified 
_struct_asym.entity_id 
_struct_asym.details 
A N N 1 ? 
B N N 2 ? 
C N N 3 ? 
D N N 3 ? 
E N N 3 ? 
F N N 4 ? 
# 
_struct_ref.id                         1 
_struct_ref.db_name                    UNP 
_struct_ref.db_code                    CD209_HUMAN 
_struct_ref.pdbx_db_accession          Q9NNX6 
_struct_ref.entity_id                  1 
_struct_ref.pdbx_seq_one_letter_code   
;ERLCHPCPWEWTFFQGNCYFMSNSQRNWHDSITACKEVGAQLVVIKSAEEQNFLQLQSSRSNRFTWMGLSDLNQEGTWQW
VDGSPLLPSFKQYWNRGEPNNVGEEDCAEFSGNGWNDDKCNLAKFWICKKSAASCSRDE
;
_struct_ref.pdbx_align_begin           250 
_struct_ref.pdbx_db_isoform            ? 
# 
_struct_ref_seq.align_id                      1 
_struct_ref_seq.ref_id                        1 
_struct_ref_seq.pdbx_PDB_id_code              2IT5 
_struct_ref_seq.pdbx_strand_id                A 
_struct_ref_seq.seq_align_beg                 1 
_struct_ref_seq.pdbx_seq_align_beg_ins_code   ? 
_struct_ref_seq.seq_align_end                 139 
_struct_ref_seq.pdbx_seq_align_end_ins_code   ? 
_struct_ref_seq.pdbx_db_accession             Q9NNX6 
_struct_ref_seq.db_align_beg                  250 
_struct_ref_seq.pdbx_db_align_beg_ins_code    ? 
_struct_ref_seq.db_align_end                  388 
_struct_ref_seq.pdbx_db_align_end_ins_code    ? 
_struct_ref_seq.pdbx_auth_seq_align_beg       250 
_struct_ref_seq.pdbx_auth_seq_align_end       388 
# 
_pdbx_struct_assembly.id                   1 
_pdbx_struct_assembly.details              author_defined_assembly 
_pdbx_struct_assembly.method_details       ? 
_pdbx_struct_assembly.oligomeric_details   monomeric 
_pdbx_struct_assembly.oligomeric_count     1 
# 
_pdbx_struct_assembly_gen.assembly_id       1 
_pdbx_struct_assembly_gen.oper_expression   1 
_pdbx_struct_assembly_gen.asym_id_list      A,B,C,D,E,F 
# 
_pdbx_struct_oper_list.id                   1 
_pdbx_struct_oper_list.type                 'identity operation' 
_pdbx_struct_oper_list.name                 1_555 
_pdbx_struct_oper_list.symmetry_operation   x,y,z 
_pdbx_struct_oper_list.matrix[1][1]         1.0000000000 
_pdbx_struct_oper_list.matrix[1][2]         0.0000000000 
_pdbx_struct_oper_list.matrix[1][3]         0.0000000000 
_pdbx_struct_oper_list.vector[1]            0.0000000000 
_pdbx_struct_oper_list.matrix[2][1]         0.0000000000 
_pdbx_struct_oper_list.matrix[2][2]         1.0000000000 
_pdbx_struct_oper_list.matrix[2][3]         0.0000000000 
_pdbx_struct_oper_list.vector[2]            0.0000000000 
_pdbx_struct_oper_list.matrix[3][1]         0.0000000000 
_pdbx_struct_oper_list.matrix[3][2]         0.0000000000 
_pdbx_struct_oper_list.matrix[3][3]         1.0000000000 
_pdbx_struct_oper_list.vector[3]            0.0000000000 
# 
_struct_biol.id                    1 
_struct_biol.details               
;Copies C and D overlap and are present at 75% and 25% occupancy. A given unit cell can only have one of the two, and  they are likely randomly distributed throughout the crystal.
;
_struct_biol.pdbx_parent_biol_id   ? 
# 
loop_
_struct_conf.conf_type_id 
_struct_conf.id 
_struct_conf.pdbx_PDB_helix_id 
_struct_conf.beg_label_comp_id 
_struct_conf.beg_label_asym_id 
_struct_conf.beg_label_seq_id 
_struct_conf.pdbx_beg_PDB_ins_code 
_struct_conf.end_label_comp_id 
_struct_conf.end_label_asym_id 
_struct_conf.end_label_seq_id 
_struct_conf.pdbx_end_PDB_ins_code 
_struct_conf.beg_auth_comp_id 
_struct_conf.beg_auth_asym_id 
_struct_conf.beg_auth_seq_id 
_struct_conf.end_auth_comp_id 
_struct_conf.end_auth_asym_id 
_struct_conf.end_auth_seq_id 
_struct_conf.pdbx_PDB_helix_class 
_struct_conf.details 
_struct_conf.pdbx_PDB_helix_length 
HELX_P HELX_P1 1 ASN A 27 ? VAL A 38 ? ASN A 276 VAL A 287 1 ? 12 
HELX_P HELX_P2 2 SER A 47 ? ASN A 62 ? SER A 296 ASN A 311 1 ? 16 
HELX_P HELX_P3 3 PHE A 90 ? TRP A 94 ? PHE A 339 TRP A 343 5 ? 5  
# 
_struct_conf_type.id          HELX_P 
_struct_conf_type.criteria    ? 
_struct_conf_type.reference   ? 
# 
loop_
_struct_conn.id 
_struct_conn.conn_type_id 
_struct_conn.pdbx_leaving_atom_flag 
_struct_conn.pdbx_PDB_id 
_struct_conn.ptnr1_label_asym_id 
_struct_conn.ptnr1_label_comp_id 
_struct_conn.ptnr1_label_seq_id 
_struct_conn.ptnr1_label_atom_id 
_struct_conn.pdbx_ptnr1_label_alt_id 
_struct_conn.pdbx_ptnr1_PDB_ins_code 
_struct_conn.pdbx_ptnr1_standard_comp_id 
_struct_conn.ptnr1_symmetry 
_struct_conn.ptnr2_label_asym_id 
_struct_conn.ptnr2_label_comp_id 
_struct_conn.ptnr2_label_seq_id 
_struct_conn.ptnr2_label_atom_id 
_struct_conn.pdbx_ptnr2_label_alt_id 
_struct_conn.pdbx_ptnr2_PDB_ins_code 
_struct_conn.ptnr1_auth_asym_id 
_struct_conn.ptnr1_auth_comp_id 
_struct_conn.ptnr1_auth_seq_id 
_struct_conn.ptnr2_auth_asym_id 
_struct_conn.ptnr2_auth_comp_id 
_struct_conn.ptnr2_auth_seq_id 
_struct_conn.ptnr2_symmetry 
_struct_conn.pdbx_ptnr3_label_atom_id 
_struct_conn.pdbx_ptnr3_label_seq_id 
_struct_conn.pdbx_ptnr3_label_comp_id 
_struct_conn.pdbx_ptnr3_label_asym_id 
_struct_conn.pdbx_ptnr3_label_alt_id 
_struct_conn.pdbx_ptnr3_PDB_ins_code 
_struct_conn.details 
_struct_conn.pdbx_dist_value 
_struct_conn.pdbx_value_order 
_struct_conn.pdbx_role 
disulf1  disulf ?    ? A CYS 4   SG ? ? ? 1_555 A CYS 135 SG  ? ? A CYS 253 A CYS 384 1_555 ? ? ? ? ? ? ? 2.036 ? ? 
disulf2  disulf ?    ? A CYS 7   SG ? ? ? 1_555 A CYS 18  SG  ? ? A CYS 256 A CYS 267 1_555 ? ? ? ? ? ? ? 2.039 ? ? 
disulf3  disulf ?    ? A CYS 35  SG ? ? ? 1_555 A CYS 128 SG  ? ? A CYS 284 A CYS 377 1_555 ? ? ? ? ? ? ? 2.045 ? ? 
disulf4  disulf ?    ? A CYS 107 SG ? ? ? 1_555 A CYS 120 SG  ? ? A CYS 356 A CYS 369 1_555 ? ? ? ? ? ? ? 2.041 ? ? 
covale1  covale both ? B MAN .   O3 A ? ? 1_555 B MAN .   C1  A ? B MAN 1   B MAN 2   1_555 ? ? ? ? ? ? ? 1.403 ? ? 
covale2  covale both ? B MAN .   O2 A ? ? 1_555 B MAN .   C1  A ? B MAN 2   B MAN 3   1_555 ? ? ? ? ? ? ? 1.401 ? ? 
covale3  covale both ? B MAN .   O2 B ? ? 1_555 B MAN .   C1  B ? B MAN 2   B MAN 3   1_555 ? ? ? ? ? ? ? 1.403 ? ? 
metalc1  metalc ?    ? C CA  .   CA ? ? ? 1_555 A ASP 71  OD2 ? ? A CA  101 A ASP 320 1_555 ? ? ? ? ? ? ? 2.399 ? ? 
metalc2  metalc ?    ? C CA  .   CA ? ? ? 1_555 A ASP 71  OD1 ? ? A CA  101 A ASP 320 1_555 ? ? ? ? ? ? ? 2.741 ? ? 
metalc3  metalc ?    ? C CA  .   CA ? ? ? 1_555 A GLU 75  OE2 ? ? A CA  101 A GLU 324 1_555 ? ? ? ? ? ? ? 2.781 ? ? 
metalc4  metalc ?    ? C CA  .   CA ? ? ? 1_555 A GLU 75  OE1 ? ? A CA  101 A GLU 324 1_555 ? ? ? ? ? ? ? 2.605 ? ? 
metalc5  metalc ?    ? C CA  .   CA ? ? ? 1_555 A ASN 101 OD1 ? ? A CA  101 A ASN 350 1_555 ? ? ? ? ? ? ? 2.229 ? ? 
metalc6  metalc ?    ? C CA  .   CA ? ? ? 1_555 A GLU 105 O   ? ? A CA  101 A GLU 354 1_555 ? ? ? ? ? ? ? 2.579 ? ? 
metalc7  metalc ?    ? C CA  .   CA ? ? ? 1_555 A ASP 106 OD1 ? ? A CA  101 A ASP 355 1_555 ? ? ? ? ? ? ? 2.331 ? ? 
metalc8  metalc ?    ? C CA  .   CA ? ? ? 1_555 F HOH .   O   ? ? A CA  101 A HOH 391 1_555 ? ? ? ? ? ? ? 2.067 ? ? 
metalc9  metalc ?    ? D CA  .   CA ? ? ? 1_555 A GLU 98  OE1 ? ? A CA  102 A GLU 347 1_555 ? ? ? ? ? ? ? 2.517 ? ? 
metalc10 metalc ?    ? D CA  .   CA ? ? ? 1_555 A ASN 100 OD1 ? ? A CA  102 A ASN 349 1_555 ? ? ? ? ? ? ? 2.671 ? ? 
metalc11 metalc ?    ? D CA  .   CA ? ? ? 1_555 A GLU 105 OE1 ? ? A CA  102 A GLU 354 1_555 ? ? ? ? ? ? ? 2.490 ? ? 
metalc12 metalc ?    ? D CA  .   CA ? ? ? 1_555 A ASN 116 OD1 ? ? A CA  102 A ASN 365 1_555 ? ? ? ? ? ? ? 2.402 ? ? 
metalc13 metalc ?    ? D CA  .   CA ? ? ? 1_555 A ASP 117 OD1 ? ? A CA  102 A ASP 366 1_555 ? ? ? ? ? ? ? 2.256 ? ? 
metalc14 metalc ?    ? D CA  .   CA ? ? ? 1_555 A ASP 117 O   ? ? A CA  102 A ASP 366 1_555 ? ? ? ? ? ? ? 2.528 ? ? 
metalc15 metalc ?    ? D CA  .   CA ? ? ? 1_555 B MAN .   O3  A ? A CA  102 B MAN 2   1_555 ? ? ? ? ? ? ? 2.556 ? ? 
metalc16 metalc ?    ? D CA  .   CA ? ? ? 1_555 B MAN .   O3  B ? A CA  102 B MAN 2   1_555 ? ? ? ? ? ? ? 2.641 ? ? 
metalc17 metalc ?    ? D CA  .   CA ? ? ? 1_555 B MAN .   O4  A ? A CA  102 B MAN 2   1_555 ? ? ? ? ? ? ? 2.624 ? ? 
metalc18 metalc ?    ? D CA  .   CA ? ? ? 1_555 B MAN .   O4  B ? A CA  102 B MAN 2   1_555 ? ? ? ? ? ? ? 2.766 ? ? 
metalc19 metalc ?    ? E CA  .   CA ? ? ? 1_555 A GLU 75  OE1 ? ? A CA  103 A GLU 324 1_555 ? ? ? ? ? ? ? 2.291 ? ? 
metalc20 metalc ?    ? E CA  .   CA ? ? ? 1_555 A GLU 104 OE2 ? ? A CA  103 A GLU 353 1_555 ? ? ? ? ? ? ? 2.072 ? ? 
metalc21 metalc ?    ? E CA  .   CA ? ? ? 1_555 A ASP 106 OD2 ? ? A CA  103 A ASP 355 1_555 ? ? ? ? ? ? ? 2.679 ? ? 
metalc22 metalc ?    ? E CA  .   CA ? ? ? 1_555 A ASP 106 OD1 ? ? A CA  103 A ASP 355 1_555 ? ? ? ? ? ? ? 2.655 ? ? 
metalc23 metalc ?    ? E CA  .   CA ? ? ? 1_555 F HOH .   O   ? ? A CA  103 A HOH 389 1_555 ? ? ? ? ? ? ? 2.444 ? ? 
metalc24 metalc ?    ? E CA  .   CA ? ? ? 1_555 F HOH .   O   ? ? A CA  103 A HOH 390 1_555 ? ? ? ? ? ? ? 2.531 ? ? 
metalc25 metalc ?    ? E CA  .   CA ? ? ? 1_555 F HOH .   O   ? ? A CA  103 A HOH 440 1_555 ? ? ? ? ? ? ? 2.305 ? ? 
# 
loop_
_struct_conn_type.id 
_struct_conn_type.criteria 
_struct_conn_type.reference 
disulf ? ? 
covale ? ? 
metalc ? ? 
# 
loop_
_pdbx_struct_conn_angle.id 
_pdbx_struct_conn_angle.ptnr1_label_atom_id 
_pdbx_struct_conn_angle.ptnr1_label_alt_id 
_pdbx_struct_conn_angle.ptnr1_label_asym_id 
_pdbx_struct_conn_angle.ptnr1_label_comp_id 
_pdbx_struct_conn_angle.ptnr1_label_seq_id 
_pdbx_struct_conn_angle.ptnr1_auth_atom_id 
_pdbx_struct_conn_angle.ptnr1_auth_asym_id 
_pdbx_struct_conn_angle.ptnr1_auth_comp_id 
_pdbx_struct_conn_angle.ptnr1_auth_seq_id 
_pdbx_struct_conn_angle.ptnr1_PDB_ins_code 
_pdbx_struct_conn_angle.ptnr1_symmetry 
_pdbx_struct_conn_angle.ptnr2_label_atom_id 
_pdbx_struct_conn_angle.ptnr2_label_alt_id 
_pdbx_struct_conn_angle.ptnr2_label_asym_id 
_pdbx_struct_conn_angle.ptnr2_label_comp_id 
_pdbx_struct_conn_angle.ptnr2_label_seq_id 
_pdbx_struct_conn_angle.ptnr2_auth_atom_id 
_pdbx_struct_conn_angle.ptnr2_auth_asym_id 
_pdbx_struct_conn_angle.ptnr2_auth_comp_id 
_pdbx_struct_conn_angle.ptnr2_auth_seq_id 
_pdbx_struct_conn_angle.ptnr2_PDB_ins_code 
_pdbx_struct_conn_angle.ptnr2_symmetry 
_pdbx_struct_conn_angle.ptnr3_label_atom_id 
_pdbx_struct_conn_angle.ptnr3_label_alt_id 
_pdbx_struct_conn_angle.ptnr3_label_asym_id 
_pdbx_struct_conn_angle.ptnr3_label_comp_id 
_pdbx_struct_conn_angle.ptnr3_label_seq_id 
_pdbx_struct_conn_angle.ptnr3_auth_atom_id 
_pdbx_struct_conn_angle.ptnr3_auth_asym_id 
_pdbx_struct_conn_angle.ptnr3_auth_comp_id 
_pdbx_struct_conn_angle.ptnr3_auth_seq_id 
_pdbx_struct_conn_angle.ptnr3_PDB_ins_code 
_pdbx_struct_conn_angle.ptnr3_symmetry 
_pdbx_struct_conn_angle.value 
_pdbx_struct_conn_angle.value_esd 
1  OD2 ? A ASP 71  ? A ASP 320 ? 1_555 CA ? C CA . ? A CA 101 ? 1_555 OD1 ? A ASP 71  ? A ASP 320 ? 1_555 50.0  ? 
2  OD2 ? A ASP 71  ? A ASP 320 ? 1_555 CA ? C CA . ? A CA 101 ? 1_555 OE2 ? A GLU 75  ? A GLU 324 ? 1_555 74.2  ? 
3  OD1 ? A ASP 71  ? A ASP 320 ? 1_555 CA ? C CA . ? A CA 101 ? 1_555 OE2 ? A GLU 75  ? A GLU 324 ? 1_555 120.5 ? 
4  OD2 ? A ASP 71  ? A ASP 320 ? 1_555 CA ? C CA . ? A CA 101 ? 1_555 OE1 ? A GLU 75  ? A GLU 324 ? 1_555 81.8  ? 
5  OD1 ? A ASP 71  ? A ASP 320 ? 1_555 CA ? C CA . ? A CA 101 ? 1_555 OE1 ? A GLU 75  ? A GLU 324 ? 1_555 99.1  ? 
6  OE2 ? A GLU 75  ? A GLU 324 ? 1_555 CA ? C CA . ? A CA 101 ? 1_555 OE1 ? A GLU 75  ? A GLU 324 ? 1_555 48.1  ? 
7  OD2 ? A ASP 71  ? A ASP 320 ? 1_555 CA ? C CA . ? A CA 101 ? 1_555 OD1 ? A ASN 101 ? A ASN 350 ? 1_555 146.6 ? 
8  OD1 ? A ASP 71  ? A ASP 320 ? 1_555 CA ? C CA . ? A CA 101 ? 1_555 OD1 ? A ASN 101 ? A ASN 350 ? 1_555 163.2 ? 
9  OE2 ? A GLU 75  ? A GLU 324 ? 1_555 CA ? C CA . ? A CA 101 ? 1_555 OD1 ? A ASN 101 ? A ASN 350 ? 1_555 73.8  ? 
10 OE1 ? A GLU 75  ? A GLU 324 ? 1_555 CA ? C CA . ? A CA 101 ? 1_555 OD1 ? A ASN 101 ? A ASN 350 ? 1_555 84.1  ? 
11 OD2 ? A ASP 71  ? A ASP 320 ? 1_555 CA ? C CA . ? A CA 101 ? 1_555 O   ? A GLU 105 ? A GLU 354 ? 1_555 125.0 ? 
12 OD1 ? A ASP 71  ? A ASP 320 ? 1_555 CA ? C CA . ? A CA 101 ? 1_555 O   ? A GLU 105 ? A GLU 354 ? 1_555 92.0  ? 
13 OE2 ? A GLU 75  ? A GLU 324 ? 1_555 CA ? C CA . ? A CA 101 ? 1_555 O   ? A GLU 105 ? A GLU 354 ? 1_555 142.7 ? 
14 OE1 ? A GLU 75  ? A GLU 324 ? 1_555 CA ? C CA . ? A CA 101 ? 1_555 O   ? A GLU 105 ? A GLU 354 ? 1_555 150.7 ? 
15 OD1 ? A ASN 101 ? A ASN 350 ? 1_555 CA ? C CA . ? A CA 101 ? 1_555 O   ? A GLU 105 ? A GLU 354 ? 1_555 78.0  ? 
16 OD2 ? A ASP 71  ? A ASP 320 ? 1_555 CA ? C CA . ? A CA 101 ? 1_555 OD1 ? A ASP 106 ? A ASP 355 ? 1_555 113.3 ? 
17 OD1 ? A ASP 71  ? A ASP 320 ? 1_555 CA ? C CA . ? A CA 101 ? 1_555 OD1 ? A ASP 106 ? A ASP 355 ? 1_555 71.2  ? 
18 OE2 ? A GLU 75  ? A GLU 324 ? 1_555 CA ? C CA . ? A CA 101 ? 1_555 OD1 ? A ASP 106 ? A ASP 355 ? 1_555 126.1 ? 
19 OE1 ? A GLU 75  ? A GLU 324 ? 1_555 CA ? C CA . ? A CA 101 ? 1_555 OD1 ? A ASP 106 ? A ASP 355 ? 1_555 79.1  ? 
20 OD1 ? A ASN 101 ? A ASN 350 ? 1_555 CA ? C CA . ? A CA 101 ? 1_555 OD1 ? A ASP 106 ? A ASP 355 ? 1_555 93.4  ? 
21 O   ? A GLU 105 ? A GLU 354 ? 1_555 CA ? C CA . ? A CA 101 ? 1_555 OD1 ? A ASP 106 ? A ASP 355 ? 1_555 79.0  ? 
22 OD2 ? A ASP 71  ? A ASP 320 ? 1_555 CA ? C CA . ? A CA 101 ? 1_555 O   ? F HOH .   ? A HOH 391 ? 1_555 86.6  ? 
23 OD1 ? A ASP 71  ? A ASP 320 ? 1_555 CA ? C CA . ? A CA 101 ? 1_555 O   ? F HOH .   ? A HOH 391 ? 1_555 109.5 ? 
24 OE2 ? A GLU 75  ? A GLU 324 ? 1_555 CA ? C CA . ? A CA 101 ? 1_555 O   ? F HOH .   ? A HOH 391 ? 1_555 82.2  ? 
25 OE1 ? A GLU 75  ? A GLU 324 ? 1_555 CA ? C CA . ? A CA 101 ? 1_555 O   ? F HOH .   ? A HOH 391 ? 1_555 130.3 ? 
26 OD1 ? A ASN 101 ? A ASN 350 ? 1_555 CA ? C CA . ? A CA 101 ? 1_555 O   ? F HOH .   ? A HOH 391 ? 1_555 79.8  ? 
27 O   ? A GLU 105 ? A GLU 354 ? 1_555 CA ? C CA . ? A CA 101 ? 1_555 O   ? F HOH .   ? A HOH 391 ? 1_555 69.1  ? 
28 OD1 ? A ASP 106 ? A ASP 355 ? 1_555 CA ? C CA . ? A CA 101 ? 1_555 O   ? F HOH .   ? A HOH 391 ? 1_555 148.0 ? 
29 OE1 ? A GLU 98  ? A GLU 347 ? 1_555 CA ? D CA . ? A CA 102 ? 1_555 OD1 ? A ASN 100 ? A ASN 349 ? 1_555 82.3  ? 
30 OE1 ? A GLU 98  ? A GLU 347 ? 1_555 CA ? D CA . ? A CA 102 ? 1_555 OE1 ? A GLU 105 ? A GLU 354 ? 1_555 148.5 ? 
31 OD1 ? A ASN 100 ? A ASN 349 ? 1_555 CA ? D CA . ? A CA 102 ? 1_555 OE1 ? A GLU 105 ? A GLU 354 ? 1_555 67.7  ? 
32 OE1 ? A GLU 98  ? A GLU 347 ? 1_555 CA ? D CA . ? A CA 102 ? 1_555 OD1 ? A ASN 116 ? A ASN 365 ? 1_555 66.6  ? 
33 OD1 ? A ASN 100 ? A ASN 349 ? 1_555 CA ? D CA . ? A CA 102 ? 1_555 OD1 ? A ASN 116 ? A ASN 365 ? 1_555 145.4 ? 
34 OE1 ? A GLU 105 ? A GLU 354 ? 1_555 CA ? D CA . ? A CA 102 ? 1_555 OD1 ? A ASN 116 ? A ASN 365 ? 1_555 144.9 ? 
35 OE1 ? A GLU 98  ? A GLU 347 ? 1_555 CA ? D CA . ? A CA 102 ? 1_555 OD1 ? A ASP 117 ? A ASP 366 ? 1_555 77.2  ? 
36 OD1 ? A ASN 100 ? A ASN 349 ? 1_555 CA ? D CA . ? A CA 102 ? 1_555 OD1 ? A ASP 117 ? A ASP 366 ? 1_555 92.6  ? 
37 OE1 ? A GLU 105 ? A GLU 354 ? 1_555 CA ? D CA . ? A CA 102 ? 1_555 OD1 ? A ASP 117 ? A ASP 366 ? 1_555 94.3  ? 
38 OD1 ? A ASN 116 ? A ASN 365 ? 1_555 CA ? D CA . ? A CA 102 ? 1_555 OD1 ? A ASP 117 ? A ASP 366 ? 1_555 94.7  ? 
39 OE1 ? A GLU 98  ? A GLU 347 ? 1_555 CA ? D CA . ? A CA 102 ? 1_555 O   ? A ASP 117 ? A ASP 366 ? 1_555 136.1 ? 
40 OD1 ? A ASN 100 ? A ASN 349 ? 1_555 CA ? D CA . ? A CA 102 ? 1_555 O   ? A ASP 117 ? A ASP 366 ? 1_555 132.2 ? 
41 OE1 ? A GLU 105 ? A GLU 354 ? 1_555 CA ? D CA . ? A CA 102 ? 1_555 O   ? A ASP 117 ? A ASP 366 ? 1_555 67.4  ? 
42 OD1 ? A ASN 116 ? A ASN 365 ? 1_555 CA ? D CA . ? A CA 102 ? 1_555 O   ? A ASP 117 ? A ASP 366 ? 1_555 82.3  ? 
43 OD1 ? A ASP 117 ? A ASP 366 ? 1_555 CA ? D CA . ? A CA 102 ? 1_555 O   ? A ASP 117 ? A ASP 366 ? 1_555 75.4  ? 
44 OE1 ? A GLU 98  ? A GLU 347 ? 1_555 CA ? D CA . ? A CA 102 ? 1_555 O3  A B MAN .   ? B MAN 2   ? 1_555 70.9  ? 
45 OD1 ? A ASN 100 ? A ASN 349 ? 1_555 CA ? D CA . ? A CA 102 ? 1_555 O3  A B MAN .   ? B MAN 2   ? 1_555 77.7  ? 
46 OE1 ? A GLU 105 ? A GLU 354 ? 1_555 CA ? D CA . ? A CA 102 ? 1_555 O3  A B MAN .   ? B MAN 2   ? 1_555 109.8 ? 
47 OD1 ? A ASN 116 ? A ASN 365 ? 1_555 CA ? D CA . ? A CA 102 ? 1_555 O3  A B MAN .   ? B MAN 2   ? 1_555 78.1  ? 
48 OD1 ? A ASP 117 ? A ASP 366 ? 1_555 CA ? D CA . ? A CA 102 ? 1_555 O3  A B MAN .   ? B MAN 2   ? 1_555 147.6 ? 
49 O   ? A ASP 117 ? A ASP 366 ? 1_555 CA ? D CA . ? A CA 102 ? 1_555 O3  A B MAN .   ? B MAN 2   ? 1_555 133.4 ? 
50 OE1 ? A GLU 98  ? A GLU 347 ? 1_555 CA ? D CA . ? A CA 102 ? 1_555 O3  B B MAN .   ? B MAN 2   ? 1_555 134.0 ? 
51 OD1 ? A ASN 100 ? A ASN 349 ? 1_555 CA ? D CA . ? A CA 102 ? 1_555 O3  B B MAN .   ? B MAN 2   ? 1_555 106.3 ? 
52 OE1 ? A GLU 105 ? A GLU 354 ? 1_555 CA ? D CA . ? A CA 102 ? 1_555 O3  B B MAN .   ? B MAN 2   ? 1_555 67.0  ? 
53 OD1 ? A ASN 116 ? A ASN 365 ? 1_555 CA ? D CA . ? A CA 102 ? 1_555 O3  B B MAN .   ? B MAN 2   ? 1_555 86.6  ? 
54 OD1 ? A ASP 117 ? A ASP 366 ? 1_555 CA ? D CA . ? A CA 102 ? 1_555 O3  B B MAN .   ? B MAN 2   ? 1_555 144.5 ? 
55 O   ? A ASP 117 ? A ASP 366 ? 1_555 CA ? D CA . ? A CA 102 ? 1_555 O3  B B MAN .   ? B MAN 2   ? 1_555 69.7  ? 
56 O3  A B MAN .   ? B MAN 2   ? 1_555 CA ? D CA . ? A CA 102 ? 1_555 O3  B B MAN .   ? B MAN 2   ? 1_555 67.3  ? 
57 OE1 ? A GLU 98  ? A GLU 347 ? 1_555 CA ? D CA . ? A CA 102 ? 1_555 O4  A B MAN .   ? B MAN 2   ? 1_555 132.4 ? 
58 OD1 ? A ASN 100 ? A ASN 349 ? 1_555 CA ? D CA . ? A CA 102 ? 1_555 O4  A B MAN .   ? B MAN 2   ? 1_555 107.5 ? 
59 OE1 ? A GLU 105 ? A GLU 354 ? 1_555 CA ? D CA . ? A CA 102 ? 1_555 O4  A B MAN .   ? B MAN 2   ? 1_555 69.0  ? 
60 OD1 ? A ASN 116 ? A ASN 365 ? 1_555 CA ? D CA . ? A CA 102 ? 1_555 O4  A B MAN .   ? B MAN 2   ? 1_555 84.7  ? 
61 OD1 ? A ASP 117 ? A ASP 366 ? 1_555 CA ? D CA . ? A CA 102 ? 1_555 O4  A B MAN .   ? B MAN 2   ? 1_555 145.1 ? 
62 O   ? A ASP 117 ? A ASP 366 ? 1_555 CA ? D CA . ? A CA 102 ? 1_555 O4  A B MAN .   ? B MAN 2   ? 1_555 70.0  ? 
63 O3  A B MAN .   ? B MAN 2   ? 1_555 CA ? D CA . ? A CA 102 ? 1_555 O4  A B MAN .   ? B MAN 2   ? 1_555 66.4  ? 
64 O3  B B MAN .   ? B MAN 2   ? 1_555 CA ? D CA . ? A CA 102 ? 1_555 O4  A B MAN .   ? B MAN 2   ? 1_555 2.0   ? 
65 OE1 ? A GLU 98  ? A GLU 347 ? 1_555 CA ? D CA . ? A CA 102 ? 1_555 O4  B B MAN .   ? B MAN 2   ? 1_555 76.8  ? 
66 OD1 ? A ASN 100 ? A ASN 349 ? 1_555 CA ? D CA . ? A CA 102 ? 1_555 O4  B B MAN .   ? B MAN 2   ? 1_555 73.8  ? 
67 OE1 ? A GLU 105 ? A GLU 354 ? 1_555 CA ? D CA . ? A CA 102 ? 1_555 O4  B B MAN .   ? B MAN 2   ? 1_555 102.6 ? 
68 OD1 ? A ASN 116 ? A ASN 365 ? 1_555 CA ? D CA . ? A CA 102 ? 1_555 O4  B B MAN .   ? B MAN 2   ? 1_555 84.3  ? 
69 OD1 ? A ASP 117 ? A ASP 366 ? 1_555 CA ? D CA . ? A CA 102 ? 1_555 O4  B B MAN .   ? B MAN 2   ? 1_555 152.0 ? 
70 O   ? A ASP 117 ? A ASP 366 ? 1_555 CA ? D CA . ? A CA 102 ? 1_555 O4  B B MAN .   ? B MAN 2   ? 1_555 131.8 ? 
71 O3  A B MAN .   ? B MAN 2   ? 1_555 CA ? D CA . ? A CA 102 ? 1_555 O4  B B MAN .   ? B MAN 2   ? 1_555 7.3   ? 
72 O3  B B MAN .   ? B MAN 2   ? 1_555 CA ? D CA . ? A CA 102 ? 1_555 O4  B B MAN .   ? B MAN 2   ? 1_555 63.5  ? 
73 O4  A B MAN .   ? B MAN 2   ? 1_555 CA ? D CA . ? A CA 102 ? 1_555 O4  B B MAN .   ? B MAN 2   ? 1_555 62.8  ? 
74 OE1 ? A GLU 75  ? A GLU 324 ? 1_555 CA ? E CA . ? A CA 103 ? 1_555 OE2 ? A GLU 104 ? A GLU 353 ? 1_555 90.5  ? 
75 OE1 ? A GLU 75  ? A GLU 324 ? 1_555 CA ? E CA . ? A CA 103 ? 1_555 OD2 ? A ASP 106 ? A ASP 355 ? 1_555 122.4 ? 
76 OE2 ? A GLU 104 ? A GLU 353 ? 1_555 CA ? E CA . ? A CA 103 ? 1_555 OD2 ? A ASP 106 ? A ASP 355 ? 1_555 102.3 ? 
77 OE1 ? A GLU 75  ? A GLU 324 ? 1_555 CA ? E CA . ? A CA 103 ? 1_555 OD1 ? A ASP 106 ? A ASP 355 ? 1_555 78.8  ? 
78 OE2 ? A GLU 104 ? A GLU 353 ? 1_555 CA ? E CA . ? A CA 103 ? 1_555 OD1 ? A ASP 106 ? A ASP 355 ? 1_555 82.0  ? 
79 OD2 ? A ASP 106 ? A ASP 355 ? 1_555 CA ? E CA . ? A CA 103 ? 1_555 OD1 ? A ASP 106 ? A ASP 355 ? 1_555 48.9  ? 
80 OE1 ? A GLU 75  ? A GLU 324 ? 1_555 CA ? E CA . ? A CA 103 ? 1_555 O   ? F HOH .   ? A HOH 389 ? 1_555 92.7  ? 
81 OE2 ? A GLU 104 ? A GLU 353 ? 1_555 CA ? E CA . ? A CA 103 ? 1_555 O   ? F HOH .   ? A HOH 389 ? 1_555 176.0 ? 
82 OD2 ? A ASP 106 ? A ASP 355 ? 1_555 CA ? E CA . ? A CA 103 ? 1_555 O   ? F HOH .   ? A HOH 389 ? 1_555 73.9  ? 
83 OD1 ? A ASP 106 ? A ASP 355 ? 1_555 CA ? E CA . ? A CA 103 ? 1_555 O   ? F HOH .   ? A HOH 389 ? 1_555 96.2  ? 
84 OE1 ? A GLU 75  ? A GLU 324 ? 1_555 CA ? E CA . ? A CA 103 ? 1_555 O   ? F HOH .   ? A HOH 390 ? 1_555 82.4  ? 
85 OE2 ? A GLU 104 ? A GLU 353 ? 1_555 CA ? E CA . ? A CA 103 ? 1_555 O   ? F HOH .   ? A HOH 390 ? 1_555 91.9  ? 
86 OD2 ? A ASP 106 ? A ASP 355 ? 1_555 CA ? E CA . ? A CA 103 ? 1_555 O   ? F HOH .   ? A HOH 390 ? 1_555 150.8 ? 
87 OD1 ? A ASP 106 ? A ASP 355 ? 1_555 CA ? E CA . ? A CA 103 ? 1_555 O   ? F HOH .   ? A HOH 390 ? 1_555 160.1 ? 
88 O   ? F HOH .   ? A HOH 389 ? 1_555 CA ? E CA . ? A CA 103 ? 1_555 O   ? F HOH .   ? A HOH 390 ? 1_555 91.0  ? 
89 OE1 ? A GLU 75  ? A GLU 324 ? 1_555 CA ? E CA . ? A CA 103 ? 1_555 O   ? F HOH .   ? A HOH 440 ? 1_555 163.0 ? 
90 OE2 ? A GLU 104 ? A GLU 353 ? 1_555 CA ? E CA . ? A CA 103 ? 1_555 O   ? F HOH .   ? A HOH 440 ? 1_555 98.6  ? 
91 OD2 ? A ASP 106 ? A ASP 355 ? 1_555 CA ? E CA . ? A CA 103 ? 1_555 O   ? F HOH .   ? A HOH 440 ? 1_555 69.8  ? 
92 OD1 ? A ASP 106 ? A ASP 355 ? 1_555 CA ? E CA . ? A CA 103 ? 1_555 O   ? F HOH .   ? A HOH 440 ? 1_555 116.6 ? 
93 O   ? F HOH .   ? A HOH 389 ? 1_555 CA ? E CA . ? A CA 103 ? 1_555 O   ? F HOH .   ? A HOH 440 ? 1_555 79.0  ? 
94 O   ? F HOH .   ? A HOH 390 ? 1_555 CA ? E CA . ? A CA 103 ? 1_555 O   ? F HOH .   ? A HOH 440 ? 1_555 83.0  ? 
# 
loop_
_pdbx_modification_feature.ordinal 
_pdbx_modification_feature.label_comp_id 
_pdbx_modification_feature.label_asym_id 
_pdbx_modification_feature.label_seq_id 
_pdbx_modification_feature.label_alt_id 
_pdbx_modification_feature.modified_residue_label_comp_id 
_pdbx_modification_feature.modified_residue_label_asym_id 
_pdbx_modification_feature.modified_residue_label_seq_id 
_pdbx_modification_feature.modified_residue_label_alt_id 
_pdbx_modification_feature.auth_comp_id 
_pdbx_modification_feature.auth_asym_id 
_pdbx_modification_feature.auth_seq_id 
_pdbx_modification_feature.PDB_ins_code 
_pdbx_modification_feature.symmetry 
_pdbx_modification_feature.modified_residue_auth_comp_id 
_pdbx_modification_feature.modified_residue_auth_asym_id 
_pdbx_modification_feature.modified_residue_auth_seq_id 
_pdbx_modification_feature.modified_residue_PDB_ins_code 
_pdbx_modification_feature.modified_residue_symmetry 
_pdbx_modification_feature.comp_id_linking_atom 
_pdbx_modification_feature.modified_residue_id_linking_atom 
_pdbx_modification_feature.modified_residue_id 
_pdbx_modification_feature.ref_pcm_id 
_pdbx_modification_feature.ref_comp_id 
_pdbx_modification_feature.type 
_pdbx_modification_feature.category 
1 CYS A 4   ? CYS A 135 ? CYS A 253 ? 1_555 CYS A 384 ? 1_555 SG SG . . . None 'Disulfide bridge' 
2 CYS A 7   ? CYS A 18  ? CYS A 256 ? 1_555 CYS A 267 ? 1_555 SG SG . . . None 'Disulfide bridge' 
3 CYS A 35  ? CYS A 128 ? CYS A 284 ? 1_555 CYS A 377 ? 1_555 SG SG . . . None 'Disulfide bridge' 
4 CYS A 107 ? CYS A 120 ? CYS A 356 ? 1_555 CYS A 369 ? 1_555 SG SG . . . None 'Disulfide bridge' 
# 
_struct_mon_prot_cis.pdbx_id                1 
_struct_mon_prot_cis.label_comp_id          GLU 
_struct_mon_prot_cis.label_seq_id           98 
_struct_mon_prot_cis.label_asym_id          A 
_struct_mon_prot_cis.label_alt_id           . 
_struct_mon_prot_cis.pdbx_PDB_ins_code      ? 
_struct_mon_prot_cis.auth_comp_id           GLU 
_struct_mon_prot_cis.auth_seq_id            347 
_struct_mon_prot_cis.auth_asym_id           A 
_struct_mon_prot_cis.pdbx_label_comp_id_2   PRO 
_struct_mon_prot_cis.pdbx_label_seq_id_2    99 
_struct_mon_prot_cis.pdbx_label_asym_id_2   A 
_struct_mon_prot_cis.pdbx_PDB_ins_code_2    ? 
_struct_mon_prot_cis.pdbx_auth_comp_id_2    PRO 
_struct_mon_prot_cis.pdbx_auth_seq_id_2     348 
_struct_mon_prot_cis.pdbx_auth_asym_id_2    A 
_struct_mon_prot_cis.pdbx_PDB_model_num     1 
_struct_mon_prot_cis.pdbx_omega_angle       -0.28 
# 
loop_
_struct_sheet.id 
_struct_sheet.type 
_struct_sheet.number_strands 
_struct_sheet.details 
A ? 5 ? 
B ? 5 ? 
# 
loop_
_struct_sheet_order.sheet_id 
_struct_sheet_order.range_id_1 
_struct_sheet_order.range_id_2 
_struct_sheet_order.offset 
_struct_sheet_order.sense 
A 1 2 ? anti-parallel 
A 2 3 ? anti-parallel 
A 3 4 ? parallel      
A 4 5 ? anti-parallel 
B 1 2 ? anti-parallel 
B 2 3 ? parallel      
B 3 4 ? anti-parallel 
B 4 5 ? anti-parallel 
# 
loop_
_struct_sheet_range.sheet_id 
_struct_sheet_range.id 
_struct_sheet_range.beg_label_comp_id 
_struct_sheet_range.beg_label_asym_id 
_struct_sheet_range.beg_label_seq_id 
_struct_sheet_range.pdbx_beg_PDB_ins_code 
_struct_sheet_range.end_label_comp_id 
_struct_sheet_range.end_label_asym_id 
_struct_sheet_range.end_label_seq_id 
_struct_sheet_range.pdbx_end_PDB_ins_code 
_struct_sheet_range.beg_auth_comp_id 
_struct_sheet_range.beg_auth_asym_id 
_struct_sheet_range.beg_auth_seq_id 
_struct_sheet_range.end_auth_comp_id 
_struct_sheet_range.end_auth_asym_id 
_struct_sheet_range.end_auth_seq_id 
A 1 THR A 12  ? PHE A 14  ? THR A 261 PHE A 263 
A 2 ASN A 17  ? MET A 21  ? ASN A 266 MET A 270 
A 3 PHE A 125 ? SER A 131 ? PHE A 374 SER A 380 
A 4 THR A 65  ? SER A 70  ? THR A 314 SER A 319 
A 5 GLN A 79  ? TRP A 80  ? GLN A 328 TRP A 329 
B 1 GLN A 41  ? LEU A 42  ? GLN A 290 LEU A 291 
B 2 PHE A 125 ? SER A 131 ? PHE A 374 SER A 380 
B 3 THR A 65  ? SER A 70  ? THR A 314 SER A 319 
B 4 CYS A 107 ? SER A 111 ? CYS A 356 SER A 360 
B 5 GLY A 114 ? ASP A 118 ? GLY A 363 ASP A 367 
# 
loop_
_pdbx_struct_sheet_hbond.sheet_id 
_pdbx_struct_sheet_hbond.range_id_1 
_pdbx_struct_sheet_hbond.range_id_2 
_pdbx_struct_sheet_hbond.range_1_label_atom_id 
_pdbx_struct_sheet_hbond.range_1_label_comp_id 
_pdbx_struct_sheet_hbond.range_1_label_asym_id 
_pdbx_struct_sheet_hbond.range_1_label_seq_id 
_pdbx_struct_sheet_hbond.range_1_PDB_ins_code 
_pdbx_struct_sheet_hbond.range_1_auth_atom_id 
_pdbx_struct_sheet_hbond.range_1_auth_comp_id 
_pdbx_struct_sheet_hbond.range_1_auth_asym_id 
_pdbx_struct_sheet_hbond.range_1_auth_seq_id 
_pdbx_struct_sheet_hbond.range_2_label_atom_id 
_pdbx_struct_sheet_hbond.range_2_label_comp_id 
_pdbx_struct_sheet_hbond.range_2_label_asym_id 
_pdbx_struct_sheet_hbond.range_2_label_seq_id 
_pdbx_struct_sheet_hbond.range_2_PDB_ins_code 
_pdbx_struct_sheet_hbond.range_2_auth_atom_id 
_pdbx_struct_sheet_hbond.range_2_auth_comp_id 
_pdbx_struct_sheet_hbond.range_2_auth_asym_id 
_pdbx_struct_sheet_hbond.range_2_auth_seq_id 
A 1 2 N THR A 12  ? N THR A 261 O TYR A 19  ? O TYR A 268 
A 2 3 N CYS A 18  ? N CYS A 267 O LYS A 130 ? O LYS A 379 
A 3 4 O PHE A 125 ? O PHE A 374 N TRP A 66  ? N TRP A 315 
A 4 5 N SER A 70  ? N SER A 319 O GLN A 79  ? O GLN A 328 
B 1 2 N GLN A 41  ? N GLN A 290 O LYS A 129 ? O LYS A 378 
B 2 3 O PHE A 125 ? O PHE A 374 N TRP A 66  ? N TRP A 315 
B 3 4 N THR A 65  ? N THR A 314 O PHE A 110 ? O PHE A 359 
B 4 5 N SER A 111 ? N SER A 360 O GLY A 114 ? O GLY A 363 
# 
_pdbx_entry_details.entry_id                   2IT5 
_pdbx_entry_details.compound_details           ? 
_pdbx_entry_details.source_details             ? 
_pdbx_entry_details.nonpolymer_details         ? 
_pdbx_entry_details.sequence_details           ? 
_pdbx_entry_details.has_ligand_of_interest     ? 
_pdbx_entry_details.has_protein_modification   Y 
# 
loop_
_pdbx_validate_torsion.id 
_pdbx_validate_torsion.PDB_model_num 
_pdbx_validate_torsion.auth_comp_id 
_pdbx_validate_torsion.auth_asym_id 
_pdbx_validate_torsion.auth_seq_id 
_pdbx_validate_torsion.PDB_ins_code 
_pdbx_validate_torsion.label_alt_id 
_pdbx_validate_torsion.phi 
_pdbx_validate_torsion.psi 
1 1 ALA A 289 ? ? -128.27 -166.79 
2 1 VAL A 292 ? ? -32.84  119.65  
3 1 GLU A 353 ? ? 73.25   83.93   
# 
loop_
_pdbx_unobs_or_zero_occ_residues.id 
_pdbx_unobs_or_zero_occ_residues.PDB_model_num 
_pdbx_unobs_or_zero_occ_residues.polymer_flag 
_pdbx_unobs_or_zero_occ_residues.occupancy_flag 
_pdbx_unobs_or_zero_occ_residues.auth_asym_id 
_pdbx_unobs_or_zero_occ_residues.auth_comp_id 
_pdbx_unobs_or_zero_occ_residues.auth_seq_id 
_pdbx_unobs_or_zero_occ_residues.PDB_ins_code 
_pdbx_unobs_or_zero_occ_residues.label_asym_id 
_pdbx_unobs_or_zero_occ_residues.label_comp_id 
_pdbx_unobs_or_zero_occ_residues.label_seq_id 
1 1 Y 1 A GLU 250 ? A GLU 1   
2 1 Y 1 A ARG 251 ? A ARG 2   
3 1 Y 1 A LEU 252 ? A LEU 3   
4 1 Y 1 A SER 385 ? A SER 136 
5 1 Y 1 A ARG 386 ? A ARG 137 
6 1 Y 1 A ASP 387 ? A ASP 138 
7 1 Y 1 A GLU 388 ? A GLU 139 
# 
loop_
_chem_comp_atom.comp_id 
_chem_comp_atom.atom_id 
_chem_comp_atom.type_symbol 
_chem_comp_atom.pdbx_aromatic_flag 
_chem_comp_atom.pdbx_stereo_config 
_chem_comp_atom.pdbx_ordinal 
ALA N    N  N N 1   
ALA CA   C  N S 2   
ALA C    C  N N 3   
ALA O    O  N N 4   
ALA CB   C  N N 5   
ALA OXT  O  N N 6   
ALA H    H  N N 7   
ALA H2   H  N N 8   
ALA HA   H  N N 9   
ALA HB1  H  N N 10  
ALA HB2  H  N N 11  
ALA HB3  H  N N 12  
ALA HXT  H  N N 13  
ARG N    N  N N 14  
ARG CA   C  N S 15  
ARG C    C  N N 16  
ARG O    O  N N 17  
ARG CB   C  N N 18  
ARG CG   C  N N 19  
ARG CD   C  N N 20  
ARG NE   N  N N 21  
ARG CZ   C  N N 22  
ARG NH1  N  N N 23  
ARG NH2  N  N N 24  
ARG OXT  O  N N 25  
ARG H    H  N N 26  
ARG H2   H  N N 27  
ARG HA   H  N N 28  
ARG HB2  H  N N 29  
ARG HB3  H  N N 30  
ARG HG2  H  N N 31  
ARG HG3  H  N N 32  
ARG HD2  H  N N 33  
ARG HD3  H  N N 34  
ARG HE   H  N N 35  
ARG HH11 H  N N 36  
ARG HH12 H  N N 37  
ARG HH21 H  N N 38  
ARG HH22 H  N N 39  
ARG HXT  H  N N 40  
ASN N    N  N N 41  
ASN CA   C  N S 42  
ASN C    C  N N 43  
ASN O    O  N N 44  
ASN CB   C  N N 45  
ASN CG   C  N N 46  
ASN OD1  O  N N 47  
ASN ND2  N  N N 48  
ASN OXT  O  N N 49  
ASN H    H  N N 50  
ASN H2   H  N N 51  
ASN HA   H  N N 52  
ASN HB2  H  N N 53  
ASN HB3  H  N N 54  
ASN HD21 H  N N 55  
ASN HD22 H  N N 56  
ASN HXT  H  N N 57  
ASP N    N  N N 58  
ASP CA   C  N S 59  
ASP C    C  N N 60  
ASP O    O  N N 61  
ASP CB   C  N N 62  
ASP CG   C  N N 63  
ASP OD1  O  N N 64  
ASP OD2  O  N N 65  
ASP OXT  O  N N 66  
ASP H    H  N N 67  
ASP H2   H  N N 68  
ASP HA   H  N N 69  
ASP HB2  H  N N 70  
ASP HB3  H  N N 71  
ASP HD2  H  N N 72  
ASP HXT  H  N N 73  
CA  CA   CA N N 74  
CYS N    N  N N 75  
CYS CA   C  N R 76  
CYS C    C  N N 77  
CYS O    O  N N 78  
CYS CB   C  N N 79  
CYS SG   S  N N 80  
CYS OXT  O  N N 81  
CYS H    H  N N 82  
CYS H2   H  N N 83  
CYS HA   H  N N 84  
CYS HB2  H  N N 85  
CYS HB3  H  N N 86  
CYS HG   H  N N 87  
CYS HXT  H  N N 88  
GLN N    N  N N 89  
GLN CA   C  N S 90  
GLN C    C  N N 91  
GLN O    O  N N 92  
GLN CB   C  N N 93  
GLN CG   C  N N 94  
GLN CD   C  N N 95  
GLN OE1  O  N N 96  
GLN NE2  N  N N 97  
GLN OXT  O  N N 98  
GLN H    H  N N 99  
GLN H2   H  N N 100 
GLN HA   H  N N 101 
GLN HB2  H  N N 102 
GLN HB3  H  N N 103 
GLN HG2  H  N N 104 
GLN HG3  H  N N 105 
GLN HE21 H  N N 106 
GLN HE22 H  N N 107 
GLN HXT  H  N N 108 
GLU N    N  N N 109 
GLU CA   C  N S 110 
GLU C    C  N N 111 
GLU O    O  N N 112 
GLU CB   C  N N 113 
GLU CG   C  N N 114 
GLU CD   C  N N 115 
GLU OE1  O  N N 116 
GLU OE2  O  N N 117 
GLU OXT  O  N N 118 
GLU H    H  N N 119 
GLU H2   H  N N 120 
GLU HA   H  N N 121 
GLU HB2  H  N N 122 
GLU HB3  H  N N 123 
GLU HG2  H  N N 124 
GLU HG3  H  N N 125 
GLU HE2  H  N N 126 
GLU HXT  H  N N 127 
GLY N    N  N N 128 
GLY CA   C  N N 129 
GLY C    C  N N 130 
GLY O    O  N N 131 
GLY OXT  O  N N 132 
GLY H    H  N N 133 
GLY H2   H  N N 134 
GLY HA2  H  N N 135 
GLY HA3  H  N N 136 
GLY HXT  H  N N 137 
HIS N    N  N N 138 
HIS CA   C  N S 139 
HIS C    C  N N 140 
HIS O    O  N N 141 
HIS CB   C  N N 142 
HIS CG   C  Y N 143 
HIS ND1  N  Y N 144 
HIS CD2  C  Y N 145 
HIS CE1  C  Y N 146 
HIS NE2  N  Y N 147 
HIS OXT  O  N N 148 
HIS H    H  N N 149 
HIS H2   H  N N 150 
HIS HA   H  N N 151 
HIS HB2  H  N N 152 
HIS HB3  H  N N 153 
HIS HD1  H  N N 154 
HIS HD2  H  N N 155 
HIS HE1  H  N N 156 
HIS HE2  H  N N 157 
HIS HXT  H  N N 158 
HOH O    O  N N 159 
HOH H1   H  N N 160 
HOH H2   H  N N 161 
ILE N    N  N N 162 
ILE CA   C  N S 163 
ILE C    C  N N 164 
ILE O    O  N N 165 
ILE CB   C  N S 166 
ILE CG1  C  N N 167 
ILE CG2  C  N N 168 
ILE CD1  C  N N 169 
ILE OXT  O  N N 170 
ILE H    H  N N 171 
ILE H2   H  N N 172 
ILE HA   H  N N 173 
ILE HB   H  N N 174 
ILE HG12 H  N N 175 
ILE HG13 H  N N 176 
ILE HG21 H  N N 177 
ILE HG22 H  N N 178 
ILE HG23 H  N N 179 
ILE HD11 H  N N 180 
ILE HD12 H  N N 181 
ILE HD13 H  N N 182 
ILE HXT  H  N N 183 
LEU N    N  N N 184 
LEU CA   C  N S 185 
LEU C    C  N N 186 
LEU O    O  N N 187 
LEU CB   C  N N 188 
LEU CG   C  N N 189 
LEU CD1  C  N N 190 
LEU CD2  C  N N 191 
LEU OXT  O  N N 192 
LEU H    H  N N 193 
LEU H2   H  N N 194 
LEU HA   H  N N 195 
LEU HB2  H  N N 196 
LEU HB3  H  N N 197 
LEU HG   H  N N 198 
LEU HD11 H  N N 199 
LEU HD12 H  N N 200 
LEU HD13 H  N N 201 
LEU HD21 H  N N 202 
LEU HD22 H  N N 203 
LEU HD23 H  N N 204 
LEU HXT  H  N N 205 
LYS N    N  N N 206 
LYS CA   C  N S 207 
LYS C    C  N N 208 
LYS O    O  N N 209 
LYS CB   C  N N 210 
LYS CG   C  N N 211 
LYS CD   C  N N 212 
LYS CE   C  N N 213 
LYS NZ   N  N N 214 
LYS OXT  O  N N 215 
LYS H    H  N N 216 
LYS H2   H  N N 217 
LYS HA   H  N N 218 
LYS HB2  H  N N 219 
LYS HB3  H  N N 220 
LYS HG2  H  N N 221 
LYS HG3  H  N N 222 
LYS HD2  H  N N 223 
LYS HD3  H  N N 224 
LYS HE2  H  N N 225 
LYS HE3  H  N N 226 
LYS HZ1  H  N N 227 
LYS HZ2  H  N N 228 
LYS HZ3  H  N N 229 
LYS HXT  H  N N 230 
MAN C1   C  N S 231 
MAN C2   C  N S 232 
MAN C3   C  N S 233 
MAN C4   C  N S 234 
MAN C5   C  N R 235 
MAN C6   C  N N 236 
MAN O1   O  N N 237 
MAN O2   O  N N 238 
MAN O3   O  N N 239 
MAN O4   O  N N 240 
MAN O5   O  N N 241 
MAN O6   O  N N 242 
MAN H1   H  N N 243 
MAN H2   H  N N 244 
MAN H3   H  N N 245 
MAN H4   H  N N 246 
MAN H5   H  N N 247 
MAN H61  H  N N 248 
MAN H62  H  N N 249 
MAN HO1  H  N N 250 
MAN HO2  H  N N 251 
MAN HO3  H  N N 252 
MAN HO4  H  N N 253 
MAN HO6  H  N N 254 
MET N    N  N N 255 
MET CA   C  N S 256 
MET C    C  N N 257 
MET O    O  N N 258 
MET CB   C  N N 259 
MET CG   C  N N 260 
MET SD   S  N N 261 
MET CE   C  N N 262 
MET OXT  O  N N 263 
MET H    H  N N 264 
MET H2   H  N N 265 
MET HA   H  N N 266 
MET HB2  H  N N 267 
MET HB3  H  N N 268 
MET HG2  H  N N 269 
MET HG3  H  N N 270 
MET HE1  H  N N 271 
MET HE2  H  N N 272 
MET HE3  H  N N 273 
MET HXT  H  N N 274 
PHE N    N  N N 275 
PHE CA   C  N S 276 
PHE C    C  N N 277 
PHE O    O  N N 278 
PHE CB   C  N N 279 
PHE CG   C  Y N 280 
PHE CD1  C  Y N 281 
PHE CD2  C  Y N 282 
PHE CE1  C  Y N 283 
PHE CE2  C  Y N 284 
PHE CZ   C  Y N 285 
PHE OXT  O  N N 286 
PHE H    H  N N 287 
PHE H2   H  N N 288 
PHE HA   H  N N 289 
PHE HB2  H  N N 290 
PHE HB3  H  N N 291 
PHE HD1  H  N N 292 
PHE HD2  H  N N 293 
PHE HE1  H  N N 294 
PHE HE2  H  N N 295 
PHE HZ   H  N N 296 
PHE HXT  H  N N 297 
PRO N    N  N N 298 
PRO CA   C  N S 299 
PRO C    C  N N 300 
PRO O    O  N N 301 
PRO CB   C  N N 302 
PRO CG   C  N N 303 
PRO CD   C  N N 304 
PRO OXT  O  N N 305 
PRO H    H  N N 306 
PRO HA   H  N N 307 
PRO HB2  H  N N 308 
PRO HB3  H  N N 309 
PRO HG2  H  N N 310 
PRO HG3  H  N N 311 
PRO HD2  H  N N 312 
PRO HD3  H  N N 313 
PRO HXT  H  N N 314 
SER N    N  N N 315 
SER CA   C  N S 316 
SER C    C  N N 317 
SER O    O  N N 318 
SER CB   C  N N 319 
SER OG   O  N N 320 
SER OXT  O  N N 321 
SER H    H  N N 322 
SER H2   H  N N 323 
SER HA   H  N N 324 
SER HB2  H  N N 325 
SER HB3  H  N N 326 
SER HG   H  N N 327 
SER HXT  H  N N 328 
THR N    N  N N 329 
THR CA   C  N S 330 
THR C    C  N N 331 
THR O    O  N N 332 
THR CB   C  N R 333 
THR OG1  O  N N 334 
THR CG2  C  N N 335 
THR OXT  O  N N 336 
THR H    H  N N 337 
THR H2   H  N N 338 
THR HA   H  N N 339 
THR HB   H  N N 340 
THR HG1  H  N N 341 
THR HG21 H  N N 342 
THR HG22 H  N N 343 
THR HG23 H  N N 344 
THR HXT  H  N N 345 
TRP N    N  N N 346 
TRP CA   C  N S 347 
TRP C    C  N N 348 
TRP O    O  N N 349 
TRP CB   C  N N 350 
TRP CG   C  Y N 351 
TRP CD1  C  Y N 352 
TRP CD2  C  Y N 353 
TRP NE1  N  Y N 354 
TRP CE2  C  Y N 355 
TRP CE3  C  Y N 356 
TRP CZ2  C  Y N 357 
TRP CZ3  C  Y N 358 
TRP CH2  C  Y N 359 
TRP OXT  O  N N 360 
TRP H    H  N N 361 
TRP H2   H  N N 362 
TRP HA   H  N N 363 
TRP HB2  H  N N 364 
TRP HB3  H  N N 365 
TRP HD1  H  N N 366 
TRP HE1  H  N N 367 
TRP HE3  H  N N 368 
TRP HZ2  H  N N 369 
TRP HZ3  H  N N 370 
TRP HH2  H  N N 371 
TRP HXT  H  N N 372 
TYR N    N  N N 373 
TYR CA   C  N S 374 
TYR C    C  N N 375 
TYR O    O  N N 376 
TYR CB   C  N N 377 
TYR CG   C  Y N 378 
TYR CD1  C  Y N 379 
TYR CD2  C  Y N 380 
TYR CE1  C  Y N 381 
TYR CE2  C  Y N 382 
TYR CZ   C  Y N 383 
TYR OH   O  N N 384 
TYR OXT  O  N N 385 
TYR H    H  N N 386 
TYR H2   H  N N 387 
TYR HA   H  N N 388 
TYR HB2  H  N N 389 
TYR HB3  H  N N 390 
TYR HD1  H  N N 391 
TYR HD2  H  N N 392 
TYR HE1  H  N N 393 
TYR HE2  H  N N 394 
TYR HH   H  N N 395 
TYR HXT  H  N N 396 
VAL N    N  N N 397 
VAL CA   C  N S 398 
VAL C    C  N N 399 
VAL O    O  N N 400 
VAL CB   C  N N 401 
VAL CG1  C  N N 402 
VAL CG2  C  N N 403 
VAL OXT  O  N N 404 
VAL H    H  N N 405 
VAL H2   H  N N 406 
VAL HA   H  N N 407 
VAL HB   H  N N 408 
VAL HG11 H  N N 409 
VAL HG12 H  N N 410 
VAL HG13 H  N N 411 
VAL HG21 H  N N 412 
VAL HG22 H  N N 413 
VAL HG23 H  N N 414 
VAL HXT  H  N N 415 
# 
loop_
_chem_comp_bond.comp_id 
_chem_comp_bond.atom_id_1 
_chem_comp_bond.atom_id_2 
_chem_comp_bond.value_order 
_chem_comp_bond.pdbx_aromatic_flag 
_chem_comp_bond.pdbx_stereo_config 
_chem_comp_bond.pdbx_ordinal 
ALA N   CA   sing N N 1   
ALA N   H    sing N N 2   
ALA N   H2   sing N N 3   
ALA CA  C    sing N N 4   
ALA CA  CB   sing N N 5   
ALA CA  HA   sing N N 6   
ALA C   O    doub N N 7   
ALA C   OXT  sing N N 8   
ALA CB  HB1  sing N N 9   
ALA CB  HB2  sing N N 10  
ALA CB  HB3  sing N N 11  
ALA OXT HXT  sing N N 12  
ARG N   CA   sing N N 13  
ARG N   H    sing N N 14  
ARG N   H2   sing N N 15  
ARG CA  C    sing N N 16  
ARG CA  CB   sing N N 17  
ARG CA  HA   sing N N 18  
ARG C   O    doub N N 19  
ARG C   OXT  sing N N 20  
ARG CB  CG   sing N N 21  
ARG CB  HB2  sing N N 22  
ARG CB  HB3  sing N N 23  
ARG CG  CD   sing N N 24  
ARG CG  HG2  sing N N 25  
ARG CG  HG3  sing N N 26  
ARG CD  NE   sing N N 27  
ARG CD  HD2  sing N N 28  
ARG CD  HD3  sing N N 29  
ARG NE  CZ   sing N N 30  
ARG NE  HE   sing N N 31  
ARG CZ  NH1  sing N N 32  
ARG CZ  NH2  doub N N 33  
ARG NH1 HH11 sing N N 34  
ARG NH1 HH12 sing N N 35  
ARG NH2 HH21 sing N N 36  
ARG NH2 HH22 sing N N 37  
ARG OXT HXT  sing N N 38  
ASN N   CA   sing N N 39  
ASN N   H    sing N N 40  
ASN N   H2   sing N N 41  
ASN CA  C    sing N N 42  
ASN CA  CB   sing N N 43  
ASN CA  HA   sing N N 44  
ASN C   O    doub N N 45  
ASN C   OXT  sing N N 46  
ASN CB  CG   sing N N 47  
ASN CB  HB2  sing N N 48  
ASN CB  HB3  sing N N 49  
ASN CG  OD1  doub N N 50  
ASN CG  ND2  sing N N 51  
ASN ND2 HD21 sing N N 52  
ASN ND2 HD22 sing N N 53  
ASN OXT HXT  sing N N 54  
ASP N   CA   sing N N 55  
ASP N   H    sing N N 56  
ASP N   H2   sing N N 57  
ASP CA  C    sing N N 58  
ASP CA  CB   sing N N 59  
ASP CA  HA   sing N N 60  
ASP C   O    doub N N 61  
ASP C   OXT  sing N N 62  
ASP CB  CG   sing N N 63  
ASP CB  HB2  sing N N 64  
ASP CB  HB3  sing N N 65  
ASP CG  OD1  doub N N 66  
ASP CG  OD2  sing N N 67  
ASP OD2 HD2  sing N N 68  
ASP OXT HXT  sing N N 69  
CYS N   CA   sing N N 70  
CYS N   H    sing N N 71  
CYS N   H2   sing N N 72  
CYS CA  C    sing N N 73  
CYS CA  CB   sing N N 74  
CYS CA  HA   sing N N 75  
CYS C   O    doub N N 76  
CYS C   OXT  sing N N 77  
CYS CB  SG   sing N N 78  
CYS CB  HB2  sing N N 79  
CYS CB  HB3  sing N N 80  
CYS SG  HG   sing N N 81  
CYS OXT HXT  sing N N 82  
GLN N   CA   sing N N 83  
GLN N   H    sing N N 84  
GLN N   H2   sing N N 85  
GLN CA  C    sing N N 86  
GLN CA  CB   sing N N 87  
GLN CA  HA   sing N N 88  
GLN C   O    doub N N 89  
GLN C   OXT  sing N N 90  
GLN CB  CG   sing N N 91  
GLN CB  HB2  sing N N 92  
GLN CB  HB3  sing N N 93  
GLN CG  CD   sing N N 94  
GLN CG  HG2  sing N N 95  
GLN CG  HG3  sing N N 96  
GLN CD  OE1  doub N N 97  
GLN CD  NE2  sing N N 98  
GLN NE2 HE21 sing N N 99  
GLN NE2 HE22 sing N N 100 
GLN OXT HXT  sing N N 101 
GLU N   CA   sing N N 102 
GLU N   H    sing N N 103 
GLU N   H2   sing N N 104 
GLU CA  C    sing N N 105 
GLU CA  CB   sing N N 106 
GLU CA  HA   sing N N 107 
GLU C   O    doub N N 108 
GLU C   OXT  sing N N 109 
GLU CB  CG   sing N N 110 
GLU CB  HB2  sing N N 111 
GLU CB  HB3  sing N N 112 
GLU CG  CD   sing N N 113 
GLU CG  HG2  sing N N 114 
GLU CG  HG3  sing N N 115 
GLU CD  OE1  doub N N 116 
GLU CD  OE2  sing N N 117 
GLU OE2 HE2  sing N N 118 
GLU OXT HXT  sing N N 119 
GLY N   CA   sing N N 120 
GLY N   H    sing N N 121 
GLY N   H2   sing N N 122 
GLY CA  C    sing N N 123 
GLY CA  HA2  sing N N 124 
GLY CA  HA3  sing N N 125 
GLY C   O    doub N N 126 
GLY C   OXT  sing N N 127 
GLY OXT HXT  sing N N 128 
HIS N   CA   sing N N 129 
HIS N   H    sing N N 130 
HIS N   H2   sing N N 131 
HIS CA  C    sing N N 132 
HIS CA  CB   sing N N 133 
HIS CA  HA   sing N N 134 
HIS C   O    doub N N 135 
HIS C   OXT  sing N N 136 
HIS CB  CG   sing N N 137 
HIS CB  HB2  sing N N 138 
HIS CB  HB3  sing N N 139 
HIS CG  ND1  sing Y N 140 
HIS CG  CD2  doub Y N 141 
HIS ND1 CE1  doub Y N 142 
HIS ND1 HD1  sing N N 143 
HIS CD2 NE2  sing Y N 144 
HIS CD2 HD2  sing N N 145 
HIS CE1 NE2  sing Y N 146 
HIS CE1 HE1  sing N N 147 
HIS NE2 HE2  sing N N 148 
HIS OXT HXT  sing N N 149 
HOH O   H1   sing N N 150 
HOH O   H2   sing N N 151 
ILE N   CA   sing N N 152 
ILE N   H    sing N N 153 
ILE N   H2   sing N N 154 
ILE CA  C    sing N N 155 
ILE CA  CB   sing N N 156 
ILE CA  HA   sing N N 157 
ILE C   O    doub N N 158 
ILE C   OXT  sing N N 159 
ILE CB  CG1  sing N N 160 
ILE CB  CG2  sing N N 161 
ILE CB  HB   sing N N 162 
ILE CG1 CD1  sing N N 163 
ILE CG1 HG12 sing N N 164 
ILE CG1 HG13 sing N N 165 
ILE CG2 HG21 sing N N 166 
ILE CG2 HG22 sing N N 167 
ILE CG2 HG23 sing N N 168 
ILE CD1 HD11 sing N N 169 
ILE CD1 HD12 sing N N 170 
ILE CD1 HD13 sing N N 171 
ILE OXT HXT  sing N N 172 
LEU N   CA   sing N N 173 
LEU N   H    sing N N 174 
LEU N   H2   sing N N 175 
LEU CA  C    sing N N 176 
LEU CA  CB   sing N N 177 
LEU CA  HA   sing N N 178 
LEU C   O    doub N N 179 
LEU C   OXT  sing N N 180 
LEU CB  CG   sing N N 181 
LEU CB  HB2  sing N N 182 
LEU CB  HB3  sing N N 183 
LEU CG  CD1  sing N N 184 
LEU CG  CD2  sing N N 185 
LEU CG  HG   sing N N 186 
LEU CD1 HD11 sing N N 187 
LEU CD1 HD12 sing N N 188 
LEU CD1 HD13 sing N N 189 
LEU CD2 HD21 sing N N 190 
LEU CD2 HD22 sing N N 191 
LEU CD2 HD23 sing N N 192 
LEU OXT HXT  sing N N 193 
LYS N   CA   sing N N 194 
LYS N   H    sing N N 195 
LYS N   H2   sing N N 196 
LYS CA  C    sing N N 197 
LYS CA  CB   sing N N 198 
LYS CA  HA   sing N N 199 
LYS C   O    doub N N 200 
LYS C   OXT  sing N N 201 
LYS CB  CG   sing N N 202 
LYS CB  HB2  sing N N 203 
LYS CB  HB3  sing N N 204 
LYS CG  CD   sing N N 205 
LYS CG  HG2  sing N N 206 
LYS CG  HG3  sing N N 207 
LYS CD  CE   sing N N 208 
LYS CD  HD2  sing N N 209 
LYS CD  HD3  sing N N 210 
LYS CE  NZ   sing N N 211 
LYS CE  HE2  sing N N 212 
LYS CE  HE3  sing N N 213 
LYS NZ  HZ1  sing N N 214 
LYS NZ  HZ2  sing N N 215 
LYS NZ  HZ3  sing N N 216 
LYS OXT HXT  sing N N 217 
MAN C1  C2   sing N N 218 
MAN C1  O1   sing N N 219 
MAN C1  O5   sing N N 220 
MAN C1  H1   sing N N 221 
MAN C2  C3   sing N N 222 
MAN C2  O2   sing N N 223 
MAN C2  H2   sing N N 224 
MAN C3  C4   sing N N 225 
MAN C3  O3   sing N N 226 
MAN C3  H3   sing N N 227 
MAN C4  C5   sing N N 228 
MAN C4  O4   sing N N 229 
MAN C4  H4   sing N N 230 
MAN C5  C6   sing N N 231 
MAN C5  O5   sing N N 232 
MAN C5  H5   sing N N 233 
MAN C6  O6   sing N N 234 
MAN C6  H61  sing N N 235 
MAN C6  H62  sing N N 236 
MAN O1  HO1  sing N N 237 
MAN O2  HO2  sing N N 238 
MAN O3  HO3  sing N N 239 
MAN O4  HO4  sing N N 240 
MAN O6  HO6  sing N N 241 
MET N   CA   sing N N 242 
MET N   H    sing N N 243 
MET N   H2   sing N N 244 
MET CA  C    sing N N 245 
MET CA  CB   sing N N 246 
MET CA  HA   sing N N 247 
MET C   O    doub N N 248 
MET C   OXT  sing N N 249 
MET CB  CG   sing N N 250 
MET CB  HB2  sing N N 251 
MET CB  HB3  sing N N 252 
MET CG  SD   sing N N 253 
MET CG  HG2  sing N N 254 
MET CG  HG3  sing N N 255 
MET SD  CE   sing N N 256 
MET CE  HE1  sing N N 257 
MET CE  HE2  sing N N 258 
MET CE  HE3  sing N N 259 
MET OXT HXT  sing N N 260 
PHE N   CA   sing N N 261 
PHE N   H    sing N N 262 
PHE N   H2   sing N N 263 
PHE CA  C    sing N N 264 
PHE CA  CB   sing N N 265 
PHE CA  HA   sing N N 266 
PHE C   O    doub N N 267 
PHE C   OXT  sing N N 268 
PHE CB  CG   sing N N 269 
PHE CB  HB2  sing N N 270 
PHE CB  HB3  sing N N 271 
PHE CG  CD1  doub Y N 272 
PHE CG  CD2  sing Y N 273 
PHE CD1 CE1  sing Y N 274 
PHE CD1 HD1  sing N N 275 
PHE CD2 CE2  doub Y N 276 
PHE CD2 HD2  sing N N 277 
PHE CE1 CZ   doub Y N 278 
PHE CE1 HE1  sing N N 279 
PHE CE2 CZ   sing Y N 280 
PHE CE2 HE2  sing N N 281 
PHE CZ  HZ   sing N N 282 
PHE OXT HXT  sing N N 283 
PRO N   CA   sing N N 284 
PRO N   CD   sing N N 285 
PRO N   H    sing N N 286 
PRO CA  C    sing N N 287 
PRO CA  CB   sing N N 288 
PRO CA  HA   sing N N 289 
PRO C   O    doub N N 290 
PRO C   OXT  sing N N 291 
PRO CB  CG   sing N N 292 
PRO CB  HB2  sing N N 293 
PRO CB  HB3  sing N N 294 
PRO CG  CD   sing N N 295 
PRO CG  HG2  sing N N 296 
PRO CG  HG3  sing N N 297 
PRO CD  HD2  sing N N 298 
PRO CD  HD3  sing N N 299 
PRO OXT HXT  sing N N 300 
SER N   CA   sing N N 301 
SER N   H    sing N N 302 
SER N   H2   sing N N 303 
SER CA  C    sing N N 304 
SER CA  CB   sing N N 305 
SER CA  HA   sing N N 306 
SER C   O    doub N N 307 
SER C   OXT  sing N N 308 
SER CB  OG   sing N N 309 
SER CB  HB2  sing N N 310 
SER CB  HB3  sing N N 311 
SER OG  HG   sing N N 312 
SER OXT HXT  sing N N 313 
THR N   CA   sing N N 314 
THR N   H    sing N N 315 
THR N   H2   sing N N 316 
THR CA  C    sing N N 317 
THR CA  CB   sing N N 318 
THR CA  HA   sing N N 319 
THR C   O    doub N N 320 
THR C   OXT  sing N N 321 
THR CB  OG1  sing N N 322 
THR CB  CG2  sing N N 323 
THR CB  HB   sing N N 324 
THR OG1 HG1  sing N N 325 
THR CG2 HG21 sing N N 326 
THR CG2 HG22 sing N N 327 
THR CG2 HG23 sing N N 328 
THR OXT HXT  sing N N 329 
TRP N   CA   sing N N 330 
TRP N   H    sing N N 331 
TRP N   H2   sing N N 332 
TRP CA  C    sing N N 333 
TRP CA  CB   sing N N 334 
TRP CA  HA   sing N N 335 
TRP C   O    doub N N 336 
TRP C   OXT  sing N N 337 
TRP CB  CG   sing N N 338 
TRP CB  HB2  sing N N 339 
TRP CB  HB3  sing N N 340 
TRP CG  CD1  doub Y N 341 
TRP CG  CD2  sing Y N 342 
TRP CD1 NE1  sing Y N 343 
TRP CD1 HD1  sing N N 344 
TRP CD2 CE2  doub Y N 345 
TRP CD2 CE3  sing Y N 346 
TRP NE1 CE2  sing Y N 347 
TRP NE1 HE1  sing N N 348 
TRP CE2 CZ2  sing Y N 349 
TRP CE3 CZ3  doub Y N 350 
TRP CE3 HE3  sing N N 351 
TRP CZ2 CH2  doub Y N 352 
TRP CZ2 HZ2  sing N N 353 
TRP CZ3 CH2  sing Y N 354 
TRP CZ3 HZ3  sing N N 355 
TRP CH2 HH2  sing N N 356 
TRP OXT HXT  sing N N 357 
TYR N   CA   sing N N 358 
TYR N   H    sing N N 359 
TYR N   H2   sing N N 360 
TYR CA  C    sing N N 361 
TYR CA  CB   sing N N 362 
TYR CA  HA   sing N N 363 
TYR C   O    doub N N 364 
TYR C   OXT  sing N N 365 
TYR CB  CG   sing N N 366 
TYR CB  HB2  sing N N 367 
TYR CB  HB3  sing N N 368 
TYR CG  CD1  doub Y N 369 
TYR CG  CD2  sing Y N 370 
TYR CD1 CE1  sing Y N 371 
TYR CD1 HD1  sing N N 372 
TYR CD2 CE2  doub Y N 373 
TYR CD2 HD2  sing N N 374 
TYR CE1 CZ   doub Y N 375 
TYR CE1 HE1  sing N N 376 
TYR CE2 CZ   sing Y N 377 
TYR CE2 HE2  sing N N 378 
TYR CZ  OH   sing N N 379 
TYR OH  HH   sing N N 380 
TYR OXT HXT  sing N N 381 
VAL N   CA   sing N N 382 
VAL N   H    sing N N 383 
VAL N   H2   sing N N 384 
VAL CA  C    sing N N 385 
VAL CA  CB   sing N N 386 
VAL CA  HA   sing N N 387 
VAL C   O    doub N N 388 
VAL C   OXT  sing N N 389 
VAL CB  CG1  sing N N 390 
VAL CB  CG2  sing N N 391 
VAL CB  HB   sing N N 392 
VAL CG1 HG11 sing N N 393 
VAL CG1 HG12 sing N N 394 
VAL CG1 HG13 sing N N 395 
VAL CG2 HG21 sing N N 396 
VAL CG2 HG22 sing N N 397 
VAL CG2 HG23 sing N N 398 
VAL OXT HXT  sing N N 399 
# 
loop_
_pdbx_entity_branch_list.entity_id 
_pdbx_entity_branch_list.comp_id 
_pdbx_entity_branch_list.num 
_pdbx_entity_branch_list.hetero 
2 MAN 1 n 
2 MAN 2 n 
2 MAN 3 n 
# 
_pdbx_initial_refinement_model.id               1 
_pdbx_initial_refinement_model.entity_id_list   ? 
_pdbx_initial_refinement_model.type             'experimental model' 
_pdbx_initial_refinement_model.source_name      PDB 
_pdbx_initial_refinement_model.accession_code   1SL4 
_pdbx_initial_refinement_model.details          'PDB ENTRY 1SL4' 
# 
_atom_sites.entry_id                    2IT5 
_atom_sites.fract_transf_matrix[1][1]   -0.00685085 
_atom_sites.fract_transf_matrix[1][2]   0.01387020 
_atom_sites.fract_transf_matrix[1][3]   -0.00894541 
_atom_sites.fract_transf_matrix[2][1]   -0.01648917 
_atom_sites.fract_transf_matrix[2][2]   -0.00617100 
_atom_sites.fract_transf_matrix[2][3]   0.00305987 
_atom_sites.fract_transf_matrix[3][1]   -0.00075032 
_atom_sites.fract_transf_matrix[3][2]   0.00990522 
_atom_sites.fract_transf_matrix[3][3]   0.01593304 
_atom_sites.fract_transf_vector[1]      0.159343 
_atom_sites.fract_transf_vector[2]      0.461236 
_atom_sites.fract_transf_vector[3]      0.005785 
# 
loop_
_atom_type.symbol 
C  
CA 
N  
O  
S  
# 
loop_
_atom_site.group_PDB 
_atom_site.id 
_atom_site.type_symbol 
_atom_site.label_atom_id 
_atom_site.label_alt_id 
_atom_site.label_comp_id 
_atom_site.label_asym_id 
_atom_site.label_entity_id 
_atom_site.label_seq_id 
_atom_site.pdbx_PDB_ins_code 
_atom_site.Cartn_x 
_atom_site.Cartn_y 
_atom_site.Cartn_z 
_atom_site.occupancy 
_atom_site.B_iso_or_equiv 
_atom_site.pdbx_formal_charge 
_atom_site.auth_seq_id 
_atom_site.auth_comp_id 
_atom_site.auth_asym_id 
_atom_site.auth_atom_id 
_atom_site.pdbx_PDB_model_num 
ATOM   1    N  N   . CYS A 1 4   ? -8.809  20.467  17.138  1.00 47.58 ? 253 CYS A N   1 
ATOM   2    C  CA  . CYS A 1 4   ? -8.178  19.131  16.929  1.00 48.03 ? 253 CYS A CA  1 
ATOM   3    C  C   . CYS A 1 4   ? -9.072  18.227  16.087  1.00 44.83 ? 253 CYS A C   1 
ATOM   4    O  O   . CYS A 1 4   ? -10.298 18.309  16.142  1.00 44.14 ? 253 CYS A O   1 
ATOM   5    C  CB  . CYS A 1 4   ? -7.928  18.442  18.269  1.00 52.39 ? 253 CYS A CB  1 
ATOM   6    S  SG  . CYS A 1 4   ? -9.402  17.595  18.941  1.00 62.24 ? 253 CYS A SG  1 
ATOM   7    N  N   . HIS A 1 5   ? -8.444  17.355  15.311  1.00 41.27 ? 254 HIS A N   1 
ATOM   8    C  CA  . HIS A 1 5   ? -9.172  16.418  14.476  1.00 37.64 ? 254 HIS A CA  1 
ATOM   9    C  C   . HIS A 1 5   ? -8.389  15.115  14.459  1.00 33.30 ? 254 HIS A C   1 
ATOM   10   O  O   . HIS A 1 5   ? -7.165  15.118  14.347  1.00 33.75 ? 254 HIS A O   1 
ATOM   11   C  CB  . HIS A 1 5   ? -9.308  16.956  13.048  1.00 40.57 ? 254 HIS A CB  1 
ATOM   12   C  CG  . HIS A 1 5   ? -10.129 18.205  12.941  1.00 44.55 ? 254 HIS A CG  1 
ATOM   13   N  ND1 . HIS A 1 5   ? -11.455 18.259  13.316  1.00 45.30 ? 254 HIS A ND1 1 
ATOM   14   C  CD2 . HIS A 1 5   ? -9.815  19.442  12.487  1.00 44.66 ? 254 HIS A CD2 1 
ATOM   15   C  CE1 . HIS A 1 5   ? -11.923 19.476  13.097  1.00 46.03 ? 254 HIS A CE1 1 
ATOM   16   N  NE2 . HIS A 1 5   ? -10.948 20.213  12.594  1.00 46.61 ? 254 HIS A NE2 1 
ATOM   17   N  N   . PRO A 1 6   ? -9.084  13.982  14.593  1.00 28.86 ? 255 PRO A N   1 
ATOM   18   C  CA  . PRO A 1 6   ? -8.387  12.698  14.578  1.00 27.03 ? 255 PRO A CA  1 
ATOM   19   C  C   . PRO A 1 6   ? -7.468  12.560  13.358  1.00 26.27 ? 255 PRO A C   1 
ATOM   20   O  O   . PRO A 1 6   ? -6.326  12.105  13.474  1.00 23.37 ? 255 PRO A O   1 
ATOM   21   C  CB  . PRO A 1 6   ? -9.538  11.698  14.569  1.00 27.08 ? 255 PRO A CB  1 
ATOM   22   C  CG  . PRO A 1 6   ? -10.552 12.384  15.445  1.00 25.94 ? 255 PRO A CG  1 
ATOM   23   C  CD  . PRO A 1 6   ? -10.507 13.810  14.934  1.00 27.46 ? 255 PRO A CD  1 
ATOM   24   N  N   . CYS A 1 7   ? -7.966  12.968  12.192  1.00 24.62 ? 256 CYS A N   1 
ATOM   25   C  CA  . CYS A 1 7   ? -7.192  12.882  10.961  1.00 25.79 ? 256 CYS A CA  1 
ATOM   26   C  C   . CYS A 1 7   ? -7.095  14.214  10.252  1.00 25.45 ? 256 CYS A C   1 
ATOM   27   O  O   . CYS A 1 7   ? -7.989  15.043  10.357  1.00 27.33 ? 256 CYS A O   1 
ATOM   28   C  CB  . CYS A 1 7   ? -7.811  11.862  10.006  1.00 24.95 ? 256 CYS A CB  1 
ATOM   29   S  SG  . CYS A 1 7   ? -7.713  10.154  10.611  1.00 33.27 ? 256 CYS A SG  1 
ATOM   30   N  N   . PRO A 1 8   ? -6.004  14.430  9.506   1.00 25.76 ? 257 PRO A N   1 
ATOM   31   C  CA  . PRO A 1 8   ? -5.802  15.685  8.771   1.00 25.58 ? 257 PRO A CA  1 
ATOM   32   C  C   . PRO A 1 8   ? -6.810  15.816  7.634   1.00 25.81 ? 257 PRO A C   1 
ATOM   33   O  O   . PRO A 1 8   ? -7.408  14.826  7.206   1.00 23.63 ? 257 PRO A O   1 
ATOM   34   C  CB  . PRO A 1 8   ? -4.371  15.562  8.245   1.00 25.89 ? 257 PRO A CB  1 
ATOM   35   C  CG  . PRO A 1 8   ? -3.723  14.587  9.198   1.00 27.67 ? 257 PRO A CG  1 
ATOM   36   C  CD  . PRO A 1 8   ? -4.813  13.570  9.416   1.00 24.84 ? 257 PRO A CD  1 
ATOM   37   N  N   . TRP A 1 9   ? -6.993  17.038  7.148   1.00 26.53 ? 258 TRP A N   1 
ATOM   38   C  CA  . TRP A 1 9   ? -7.917  17.288  6.053   1.00 29.59 ? 258 TRP A CA  1 
ATOM   39   C  C   . TRP A 1 9   ? -7.609  16.364  4.884   1.00 28.58 ? 258 TRP A C   1 
ATOM   40   O  O   . TRP A 1 9   ? -6.449  16.118  4.561   1.00 27.60 ? 258 TRP A O   1 
ATOM   41   C  CB  . TRP A 1 9   ? -7.805  18.741  5.591   1.00 36.76 ? 258 TRP A CB  1 
ATOM   42   C  CG  . TRP A 1 9   ? -8.316  19.727  6.588   1.00 45.01 ? 258 TRP A CG  1 
ATOM   43   C  CD1 . TRP A 1 9   ? -8.205  19.654  7.949   1.00 48.09 ? 258 TRP A CD1 1 
ATOM   44   C  CD2 . TRP A 1 9   ? -9.001  20.953  6.306   1.00 49.71 ? 258 TRP A CD2 1 
ATOM   45   N  NE1 . TRP A 1 9   ? -8.780  20.759  8.534   1.00 51.09 ? 258 TRP A NE1 1 
ATOM   46   C  CE2 . TRP A 1 9   ? -9.277  21.574  7.550   1.00 51.24 ? 258 TRP A CE2 1 
ATOM   47   C  CE3 . TRP A 1 9   ? -9.409  21.592  5.125   1.00 52.04 ? 258 TRP A CE3 1 
ATOM   48   C  CZ2 . TRP A 1 9   ? -9.944  22.805  7.646   1.00 51.84 ? 258 TRP A CZ2 1 
ATOM   49   C  CZ3 . TRP A 1 9   ? -10.074 22.818  5.219   1.00 52.23 ? 258 TRP A CZ3 1 
ATOM   50   C  CH2 . TRP A 1 9   ? -10.333 23.409  6.474   1.00 52.95 ? 258 TRP A CH2 1 
ATOM   51   N  N   . GLU A 1 10  ? -8.661  15.846  4.263   1.00 27.21 ? 259 GLU A N   1 
ATOM   52   C  CA  . GLU A 1 10  ? -8.533  14.960  3.116   1.00 26.91 ? 259 GLU A CA  1 
ATOM   53   C  C   . GLU A 1 10  ? -8.011  13.562  3.405   1.00 23.62 ? 259 GLU A C   1 
ATOM   54   O  O   . GLU A 1 10  ? -7.803  12.781  2.482   1.00 25.06 ? 259 GLU A O   1 
ATOM   55   C  CB  . GLU A 1 10  ? -7.677  15.620  2.035   1.00 29.74 ? 259 GLU A CB  1 
ATOM   56   C  CG  . GLU A 1 10  ? -8.389  16.757  1.310   1.00 37.06 ? 259 GLU A CG  1 
ATOM   57   C  CD  . GLU A 1 10  ? -9.603  16.286  0.506   1.00 40.85 ? 259 GLU A CD  1 
ATOM   58   O  OE1 . GLU A 1 10  ? -10.261 17.132  -0.140  1.00 41.89 ? 259 GLU A OE1 1 
ATOM   59   O  OE2 . GLU A 1 10  ? -9.898  15.070  0.512   1.00 45.23 ? 259 GLU A OE2 1 
ATOM   60   N  N   . TRP A 1 11  ? -7.790  13.239  4.671   1.00 20.57 ? 260 TRP A N   1 
ATOM   61   C  CA  . TRP A 1 11  ? -7.332  11.898  5.021   1.00 19.49 ? 260 TRP A CA  1 
ATOM   62   C  C   . TRP A 1 11  ? -8.541  11.041  5.403   1.00 17.94 ? 260 TRP A C   1 
ATOM   63   O  O   . TRP A 1 11  ? -9.629  11.559  5.661   1.00 15.80 ? 260 TRP A O   1 
ATOM   64   C  CB  . TRP A 1 11  ? -6.329  11.939  6.182   1.00 18.61 ? 260 TRP A CB  1 
ATOM   65   C  CG  . TRP A 1 11  ? -4.976  12.474  5.786   1.00 20.24 ? 260 TRP A CG  1 
ATOM   66   C  CD1 . TRP A 1 11  ? -4.710  13.690  5.232   1.00 20.02 ? 260 TRP A CD1 1 
ATOM   67   C  CD2 . TRP A 1 11  ? -3.710  11.813  5.932   1.00 18.57 ? 260 TRP A CD2 1 
ATOM   68   N  NE1 . TRP A 1 11  ? -3.360  13.834  5.024   1.00 20.29 ? 260 TRP A NE1 1 
ATOM   69   C  CE2 . TRP A 1 11  ? -2.720  12.700  5.446   1.00 19.03 ? 260 TRP A CE2 1 
ATOM   70   C  CE3 . TRP A 1 11  ? -3.316  10.563  6.427   1.00 15.97 ? 260 TRP A CE3 1 
ATOM   71   C  CZ2 . TRP A 1 11  ? -1.357  12.379  5.444   1.00 17.11 ? 260 TRP A CZ2 1 
ATOM   72   C  CZ3 . TRP A 1 11  ? -1.961  10.240  6.424   1.00 15.87 ? 260 TRP A CZ3 1 
ATOM   73   C  CH2 . TRP A 1 11  ? -0.997  11.149  5.935   1.00 17.07 ? 260 TRP A CH2 1 
ATOM   74   N  N   . THR A 1 12  ? -8.342  9.728   5.425   1.00 17.02 ? 261 THR A N   1 
ATOM   75   C  CA  . THR A 1 12  ? -9.401  8.789   5.764   1.00 16.80 ? 261 THR A CA  1 
ATOM   76   C  C   . THR A 1 12  ? -9.093  8.084   7.080   1.00 16.93 ? 261 THR A C   1 
ATOM   77   O  O   . THR A 1 12  ? -7.980  7.613   7.287   1.00 18.11 ? 261 THR A O   1 
ATOM   78   C  CB  . THR A 1 12  ? -9.544  7.726   4.663   1.00 18.07 ? 261 THR A CB  1 
ATOM   79   O  OG1 . THR A 1 12  ? -9.855  8.369   3.422   1.00 19.35 ? 261 THR A OG1 1 
ATOM   80   C  CG2 . THR A 1 12  ? -10.640 6.733   5.008   1.00 17.96 ? 261 THR A CG2 1 
ATOM   81   N  N   . PHE A 1 13  ? -10.081 8.007   7.965   1.00 17.48 ? 262 PHE A N   1 
ATOM   82   C  CA  . PHE A 1 13  ? -9.912  7.345   9.255   1.00 17.06 ? 262 PHE A CA  1 
ATOM   83   C  C   . PHE A 1 13  ? -10.484 5.925   9.257   1.00 18.64 ? 262 PHE A C   1 
ATOM   84   O  O   . PHE A 1 13  ? -11.591 5.696   8.781   1.00 19.79 ? 262 PHE A O   1 
ATOM   85   C  CB  . PHE A 1 13  ? -10.605 8.157   10.361  1.00 15.44 ? 262 PHE A CB  1 
ATOM   86   C  CG  . PHE A 1 13  ? -10.686 7.444   11.697  1.00 14.27 ? 262 PHE A CG  1 
ATOM   87   C  CD1 . PHE A 1 13  ? -9.770  7.715   12.706  1.00 15.16 ? 262 PHE A CD1 1 
ATOM   88   C  CD2 . PHE A 1 13  ? -11.680 6.498   11.942  1.00 17.04 ? 262 PHE A CD2 1 
ATOM   89   C  CE1 . PHE A 1 13  ? -9.839  7.058   13.944  1.00 15.95 ? 262 PHE A CE1 1 
ATOM   90   C  CE2 . PHE A 1 13  ? -11.763 5.831   13.170  1.00 16.33 ? 262 PHE A CE2 1 
ATOM   91   C  CZ  . PHE A 1 13  ? -10.837 6.113   14.176  1.00 15.44 ? 262 PHE A CZ  1 
ATOM   92   N  N   . PHE A 1 14  ? -9.719  4.975   9.787   1.00 18.58 ? 263 PHE A N   1 
ATOM   93   C  CA  . PHE A 1 14  ? -10.184 3.598   9.916   1.00 18.65 ? 263 PHE A CA  1 
ATOM   94   C  C   . PHE A 1 14  ? -9.411  2.921   11.038  1.00 19.94 ? 263 PHE A C   1 
ATOM   95   O  O   . PHE A 1 14  ? -8.184  2.820   10.984  1.00 20.64 ? 263 PHE A O   1 
ATOM   96   C  CB  . PHE A 1 14  ? -10.005 2.793   8.628   1.00 17.68 ? 263 PHE A CB  1 
ATOM   97   C  CG  . PHE A 1 14  ? -10.516 1.378   8.742   1.00 18.73 ? 263 PHE A CG  1 
ATOM   98   C  CD1 . PHE A 1 14  ? -11.886 1.121   8.766   1.00 18.91 ? 263 PHE A CD1 1 
ATOM   99   C  CD2 . PHE A 1 14  ? -9.630  0.310   8.908   1.00 18.41 ? 263 PHE A CD2 1 
ATOM   100  C  CE1 . PHE A 1 14  ? -12.372 -0.180  8.955   1.00 18.80 ? 263 PHE A CE1 1 
ATOM   101  C  CE2 . PHE A 1 14  ? -10.100 -0.993  9.098   1.00 18.33 ? 263 PHE A CE2 1 
ATOM   102  C  CZ  . PHE A 1 14  ? -11.477 -1.240  9.123   1.00 19.88 ? 263 PHE A CZ  1 
ATOM   103  N  N   . GLN A 1 15  ? -10.136 2.468   12.059  1.00 19.64 ? 264 GLN A N   1 
ATOM   104  C  CA  . GLN A 1 15  ? -9.537  1.794   13.207  1.00 20.70 ? 264 GLN A CA  1 
ATOM   105  C  C   . GLN A 1 15  ? -8.282  2.444   13.794  1.00 21.17 ? 264 GLN A C   1 
ATOM   106  O  O   . GLN A 1 15  ? -7.215  1.820   13.862  1.00 20.87 ? 264 GLN A O   1 
ATOM   107  C  CB  . GLN A 1 15  ? -9.231  0.330   12.872  1.00 20.84 ? 264 GLN A CB  1 
ATOM   108  C  CG  . GLN A 1 15  ? -10.466 -0.493  12.546  1.00 25.85 ? 264 GLN A CG  1 
ATOM   109  C  CD  . GLN A 1 15  ? -10.199 -1.992  12.541  1.00 26.24 ? 264 GLN A CD  1 
ATOM   110  O  OE1 . GLN A 1 15  ? -9.192  -2.452  12.012  1.00 30.09 ? 264 GLN A OE1 1 
ATOM   111  N  NE2 . GLN A 1 15  ? -11.115 -2.757  13.120  1.00 26.49 ? 264 GLN A NE2 1 
ATOM   112  N  N   . GLY A 1 16  ? -8.418  3.698   14.216  1.00 20.01 ? 265 GLY A N   1 
ATOM   113  C  CA  . GLY A 1 16  ? -7.308  4.399   14.835  1.00 18.64 ? 265 GLY A CA  1 
ATOM   114  C  C   . GLY A 1 16  ? -6.201  4.875   13.927  1.00 19.07 ? 265 GLY A C   1 
ATOM   115  O  O   . GLY A 1 16  ? -5.202  5.429   14.386  1.00 19.31 ? 265 GLY A O   1 
ATOM   116  N  N   . ASN A 1 17  ? -6.356  4.665   12.632  1.00 20.45 ? 266 ASN A N   1 
ATOM   117  C  CA  . ASN A 1 17  ? -5.327  5.106   11.713  1.00 20.19 ? 266 ASN A CA  1 
ATOM   118  C  C   . ASN A 1 17  ? -5.898  6.015   10.638  1.00 19.92 ? 266 ASN A C   1 
ATOM   119  O  O   . ASN A 1 17  ? -7.083  5.949   10.323  1.00 19.26 ? 266 ASN A O   1 
ATOM   120  C  CB  . ASN A 1 17  ? -4.630  3.893   11.098  1.00 20.68 ? 266 ASN A CB  1 
ATOM   121  C  CG  . ASN A 1 17  ? -3.827  3.113   12.122  1.00 21.72 ? 266 ASN A CG  1 
ATOM   122  O  OD1 . ASN A 1 17  ? -2.919  3.652   12.752  1.00 20.28 ? 266 ASN A OD1 1 
ATOM   123  N  ND2 . ASN A 1 17  ? -4.161  1.839   12.297  1.00 23.90 ? 266 ASN A ND2 1 
ATOM   124  N  N   . CYS A 1 18  ? -5.047  6.890   10.111  1.00 20.25 ? 267 CYS A N   1 
ATOM   125  C  CA  . CYS A 1 18  ? -5.440  7.824   9.066   1.00 19.12 ? 267 CYS A CA  1 
ATOM   126  C  C   . CYS A 1 18  ? -4.702  7.429   7.812   1.00 16.87 ? 267 CYS A C   1 
ATOM   127  O  O   . CYS A 1 18  ? -3.504  7.164   7.846   1.00 14.72 ? 267 CYS A O   1 
ATOM   128  C  CB  . CYS A 1 18  ? -5.051  9.256   9.434   1.00 21.58 ? 267 CYS A CB  1 
ATOM   129  S  SG  . CYS A 1 18  ? -5.734  9.858   11.006  1.00 26.20 ? 267 CYS A SG  1 
ATOM   130  N  N   . TYR A 1 19  ? -5.417  7.391   6.701   1.00 16.51 ? 268 TYR A N   1 
ATOM   131  C  CA  . TYR A 1 19  ? -4.806  7.029   5.439   1.00 16.82 ? 268 TYR A CA  1 
ATOM   132  C  C   . TYR A 1 19  ? -4.932  8.177   4.456   1.00 17.92 ? 268 TYR A C   1 
ATOM   133  O  O   . TYR A 1 19  ? -5.882  8.961   4.503   1.00 17.35 ? 268 TYR A O   1 
ATOM   134  C  CB  . TYR A 1 19  ? -5.466  5.773   4.863   1.00 16.45 ? 268 TYR A CB  1 
ATOM   135  C  CG  . TYR A 1 19  ? -5.388  4.583   5.779   1.00 15.98 ? 268 TYR A CG  1 
ATOM   136  C  CD1 . TYR A 1 19  ? -6.273  4.443   6.852   1.00 16.41 ? 268 TYR A CD1 1 
ATOM   137  C  CD2 . TYR A 1 19  ? -4.414  3.606   5.593   1.00 16.45 ? 268 TYR A CD2 1 
ATOM   138  C  CE1 . TYR A 1 19  ? -6.185  3.357   7.716   1.00 15.61 ? 268 TYR A CE1 1 
ATOM   139  C  CE2 . TYR A 1 19  ? -4.317  2.515   6.450   1.00 17.98 ? 268 TYR A CE2 1 
ATOM   140  C  CZ  . TYR A 1 19  ? -5.203  2.396   7.508   1.00 17.48 ? 268 TYR A CZ  1 
ATOM   141  O  OH  . TYR A 1 19  ? -5.104  1.317   8.352   1.00 18.51 ? 268 TYR A OH  1 
ATOM   142  N  N   . PHE A 1 20  ? -3.955  8.277   3.569   1.00 19.01 ? 269 PHE A N   1 
ATOM   143  C  CA  . PHE A 1 20  ? -3.956  9.315   2.563   1.00 19.69 ? 269 PHE A CA  1 
ATOM   144  C  C   . PHE A 1 20  ? -3.921  8.658   1.193   1.00 20.62 ? 269 PHE A C   1 
ATOM   145  O  O   . PHE A 1 20  ? -2.954  7.971   0.851   1.00 19.33 ? 269 PHE A O   1 
ATOM   146  C  CB  . PHE A 1 20  ? -2.729  10.220  2.736   1.00 21.56 ? 269 PHE A CB  1 
ATOM   147  C  CG  . PHE A 1 20  ? -2.587  11.266  1.660   1.00 23.04 ? 269 PHE A CG  1 
ATOM   148  C  CD1 . PHE A 1 20  ? -3.420  12.382  1.639   1.00 23.19 ? 269 PHE A CD1 1 
ATOM   149  C  CD2 . PHE A 1 20  ? -1.623  11.131  0.660   1.00 23.97 ? 269 PHE A CD2 1 
ATOM   150  C  CE1 . PHE A 1 20  ? -3.294  13.355  0.642   1.00 23.01 ? 269 PHE A CE1 1 
ATOM   151  C  CE2 . PHE A 1 20  ? -1.490  12.100  -0.346  1.00 25.50 ? 269 PHE A CE2 1 
ATOM   152  C  CZ  . PHE A 1 20  ? -2.329  13.214  -0.352  1.00 23.17 ? 269 PHE A CZ  1 
ATOM   153  N  N   . MET A 1 21  ? -4.995  8.840   0.432   1.00 21.11 ? 270 MET A N   1 
ATOM   154  C  CA  . MET A 1 21  ? -5.070  8.319   -0.926  1.00 23.57 ? 270 MET A CA  1 
ATOM   155  C  C   . MET A 1 21  ? -4.612  9.491   -1.780  1.00 22.60 ? 270 MET A C   1 
ATOM   156  O  O   . MET A 1 21  ? -5.318  10.483  -1.902  1.00 22.69 ? 270 MET A O   1 
ATOM   157  C  CB  . MET A 1 21  ? -6.507  7.947   -1.306  1.00 26.97 ? 270 MET A CB  1 
ATOM   158  C  CG  . MET A 1 21  ? -7.005  6.634   -0.728  1.00 32.02 ? 270 MET A CG  1 
ATOM   159  S  SD  . MET A 1 21  ? -7.103  6.649   1.066   1.00 39.56 ? 270 MET A SD  1 
ATOM   160  C  CE  . MET A 1 21  ? -7.612  4.946   1.384   1.00 35.03 ? 270 MET A CE  1 
ATOM   161  N  N   . SER A 1 22  ? -3.424  9.387   -2.356  1.00 22.33 ? 271 SER A N   1 
ATOM   162  C  CA  . SER A 1 22  ? -2.905  10.470  -3.169  1.00 21.06 ? 271 SER A CA  1 
ATOM   163  C  C   . SER A 1 22  ? -3.781  10.737  -4.389  1.00 22.49 ? 271 SER A C   1 
ATOM   164  O  O   . SER A 1 22  ? -4.562  9.882   -4.819  1.00 21.71 ? 271 SER A O   1 
ATOM   165  C  CB  . SER A 1 22  ? -1.477  10.154  -3.623  1.00 17.22 ? 271 SER A CB  1 
ATOM   166  O  OG  . SER A 1 22  ? -1.476  9.152   -4.619  1.00 16.30 ? 271 SER A OG  1 
ATOM   167  N  N   . ASN A 1 23  ? -3.642  11.943  -4.931  1.00 23.13 ? 272 ASN A N   1 
ATOM   168  C  CA  . ASN A 1 23  ? -4.375  12.355  -6.114  1.00 24.30 ? 272 ASN A CA  1 
ATOM   169  C  C   . ASN A 1 23  ? -3.357  12.583  -7.223  1.00 24.20 ? 272 ASN A C   1 
ATOM   170  O  O   . ASN A 1 23  ? -3.704  12.987  -8.330  1.00 26.48 ? 272 ASN A O   1 
ATOM   171  C  CB  . ASN A 1 23  ? -5.166  13.637  -5.833  1.00 26.47 ? 272 ASN A CB  1 
ATOM   172  C  CG  . ASN A 1 23  ? -6.407  13.384  -4.998  1.00 27.90 ? 272 ASN A CG  1 
ATOM   173  O  OD1 . ASN A 1 23  ? -6.717  14.145  -4.080  1.00 30.03 ? 272 ASN A OD1 1 
ATOM   174  N  ND2 . ASN A 1 23  ? -7.134  12.314  -5.320  1.00 27.18 ? 272 ASN A ND2 1 
ATOM   175  N  N   . SER A 1 24  ? -2.091  12.328  -6.912  1.00 22.60 ? 273 SER A N   1 
ATOM   176  C  CA  . SER A 1 24  ? -1.016  12.471  -7.892  1.00 20.50 ? 273 SER A CA  1 
ATOM   177  C  C   . SER A 1 24  ? -0.266  11.142  -7.916  1.00 18.62 ? 273 SER A C   1 
ATOM   178  O  O   . SER A 1 24  ? -0.518  10.289  -7.071  1.00 18.68 ? 273 SER A O   1 
ATOM   179  C  CB  . SER A 1 24  ? -0.083  13.615  -7.499  1.00 18.44 ? 273 SER A CB  1 
ATOM   180  O  OG  . SER A 1 24  ? 0.469   13.397  -6.217  1.00 20.72 ? 273 SER A OG  1 
ATOM   181  N  N   . GLN A 1 25  ? 0.649   10.960  -8.866  1.00 18.93 ? 274 GLN A N   1 
ATOM   182  C  CA  . GLN A 1 25  ? 1.383   9.695   -8.972  1.00 18.60 ? 274 GLN A CA  1 
ATOM   183  C  C   . GLN A 1 25  ? 2.899   9.807   -8.799  1.00 17.89 ? 274 GLN A C   1 
ATOM   184  O  O   . GLN A 1 25  ? 3.497   10.831  -9.132  1.00 17.28 ? 274 GLN A O   1 
ATOM   185  C  CB  . GLN A 1 25  ? 1.066   9.038   -10.319 1.00 18.82 ? 274 GLN A CB  1 
ATOM   186  C  CG  . GLN A 1 25  ? -0.415  9.071   -10.664 1.00 23.08 ? 274 GLN A CG  1 
ATOM   187  C  CD  . GLN A 1 25  ? -0.739  8.447   -12.013 1.00 27.19 ? 274 GLN A CD  1 
ATOM   188  O  OE1 . GLN A 1 25  ? -0.735  7.223   -12.164 1.00 28.83 ? 274 GLN A OE1 1 
ATOM   189  N  NE2 . GLN A 1 25  ? -1.021  9.291   -13.003 1.00 28.34 ? 274 GLN A NE2 1 
ATOM   190  N  N   . ARG A 1 26  ? 3.504   8.738   -8.271  1.00 17.17 ? 275 ARG A N   1 
ATOM   191  C  CA  . ARG A 1 26  ? 4.955   8.646   -8.037  1.00 16.10 ? 275 ARG A CA  1 
ATOM   192  C  C   . ARG A 1 26  ? 5.408   7.210   -8.251  1.00 15.29 ? 275 ARG A C   1 
ATOM   193  O  O   . ARG A 1 26  ? 4.581   6.307   -8.333  1.00 17.67 ? 275 ARG A O   1 
ATOM   194  C  CB  . ARG A 1 26  ? 5.304   9.028   -6.595  1.00 15.34 ? 275 ARG A CB  1 
ATOM   195  C  CG  . ARG A 1 26  ? 5.329   10.521  -6.315  1.00 15.64 ? 275 ARG A CG  1 
ATOM   196  C  CD  . ARG A 1 26  ? 5.483   10.805  -4.827  1.00 12.23 ? 275 ARG A CD  1 
ATOM   197  N  NE  . ARG A 1 26  ? 5.570   12.240  -4.574  1.00 15.13 ? 275 ARG A NE  1 
ATOM   198  C  CZ  . ARG A 1 26  ? 6.617   12.834  -4.014  1.00 15.88 ? 275 ARG A CZ  1 
ATOM   199  N  NH1 . ARG A 1 26  ? 7.667   12.117  -3.641  1.00 13.03 ? 275 ARG A NH1 1 
ATOM   200  N  NH2 . ARG A 1 26  ? 6.621   14.148  -3.841  1.00 16.91 ? 275 ARG A NH2 1 
ATOM   201  N  N   . ASN A 1 27  ? 6.712   6.983   -8.359  1.00 14.81 ? 276 ASN A N   1 
ATOM   202  C  CA  . ASN A 1 27  ? 7.163   5.608   -8.497  1.00 14.99 ? 276 ASN A CA  1 
ATOM   203  C  C   . ASN A 1 27  ? 7.248   5.098   -7.055  1.00 12.93 ? 276 ASN A C   1 
ATOM   204  O  O   . ASN A 1 27  ? 7.140   5.885   -6.122  1.00 11.97 ? 276 ASN A O   1 
ATOM   205  C  CB  . ASN A 1 27  ? 8.512   5.497   -9.239  1.00 14.67 ? 276 ASN A CB  1 
ATOM   206  C  CG  . ASN A 1 27  ? 9.652   6.221   -8.538  1.00 14.98 ? 276 ASN A CG  1 
ATOM   207  O  OD1 . ASN A 1 27  ? 9.642   6.423   -7.322  1.00 17.12 ? 276 ASN A OD1 1 
ATOM   208  N  ND2 . ASN A 1 27  ? 10.658  6.595   -9.312  1.00 16.60 ? 276 ASN A ND2 1 
ATOM   209  N  N   . TRP A 1 28  ? 7.425   3.794   -6.871  1.00 14.57 ? 277 TRP A N   1 
ATOM   210  C  CA  . TRP A 1 28  ? 7.467   3.207   -5.532  1.00 15.59 ? 277 TRP A CA  1 
ATOM   211  C  C   . TRP A 1 28  ? 8.377   3.909   -4.539  1.00 16.47 ? 277 TRP A C   1 
ATOM   212  O  O   . TRP A 1 28  ? 7.945   4.274   -3.439  1.00 14.62 ? 277 TRP A O   1 
ATOM   213  C  CB  . TRP A 1 28  ? 7.878   1.737   -5.600  1.00 14.39 ? 277 TRP A CB  1 
ATOM   214  C  CG  . TRP A 1 28  ? 7.487   0.982   -4.369  1.00 15.06 ? 277 TRP A CG  1 
ATOM   215  C  CD1 . TRP A 1 28  ? 6.225   0.636   -4.000  1.00 11.77 ? 277 TRP A CD1 1 
ATOM   216  C  CD2 . TRP A 1 28  ? 8.358   0.499   -3.332  1.00 13.99 ? 277 TRP A CD2 1 
ATOM   217  N  NE1 . TRP A 1 28  ? 6.249   -0.033  -2.801  1.00 15.32 ? 277 TRP A NE1 1 
ATOM   218  C  CE2 . TRP A 1 28  ? 7.545   -0.130  -2.367  1.00 15.29 ? 277 TRP A CE2 1 
ATOM   219  C  CE3 . TRP A 1 28  ? 9.741   0.538   -3.128  1.00 15.11 ? 277 TRP A CE3 1 
ATOM   220  C  CZ2 . TRP A 1 28  ? 8.070   -0.719  -1.208  1.00 15.49 ? 277 TRP A CZ2 1 
ATOM   221  C  CZ3 . TRP A 1 28  ? 10.266  -0.049  -1.975  1.00 15.82 ? 277 TRP A CZ3 1 
ATOM   222  C  CH2 . TRP A 1 28  ? 9.427   -0.668  -1.031  1.00 16.80 ? 277 TRP A CH2 1 
ATOM   223  N  N   . HIS A 1 29  ? 9.638   4.090   -4.921  1.00 17.74 ? 278 HIS A N   1 
ATOM   224  C  CA  . HIS A 1 29  ? 10.607  4.728   -4.035  1.00 19.33 ? 278 HIS A CA  1 
ATOM   225  C  C   . HIS A 1 29  ? 10.221  6.142   -3.666  1.00 19.54 ? 278 HIS A C   1 
ATOM   226  O  O   . HIS A 1 29  ? 10.384  6.563   -2.519  1.00 18.81 ? 278 HIS A O   1 
ATOM   227  C  CB  . HIS A 1 29  ? 11.996  4.734   -4.672  1.00 20.26 ? 278 HIS A CB  1 
ATOM   228  C  CG  . HIS A 1 29  ? 12.576  3.372   -4.846  1.00 23.41 ? 278 HIS A CG  1 
ATOM   229  N  ND1 . HIS A 1 29  ? 12.350  2.605   -5.969  1.00 26.77 ? 278 HIS A ND1 1 
ATOM   230  C  CD2 . HIS A 1 29  ? 13.330  2.614   -4.015  1.00 25.47 ? 278 HIS A CD2 1 
ATOM   231  C  CE1 . HIS A 1 29  ? 12.939  1.432   -5.822  1.00 28.35 ? 278 HIS A CE1 1 
ATOM   232  N  NE2 . HIS A 1 29  ? 13.539  1.411   -4.644  1.00 28.32 ? 278 HIS A NE2 1 
ATOM   233  N  N   . ASP A 1 30  ? 9.718   6.888   -4.640  1.00 19.33 ? 279 ASP A N   1 
ATOM   234  C  CA  . ASP A 1 30  ? 9.323   8.253   -4.361  1.00 20.02 ? 279 ASP A CA  1 
ATOM   235  C  C   . ASP A 1 30  ? 8.069   8.288   -3.482  1.00 18.49 ? 279 ASP A C   1 
ATOM   236  O  O   . ASP A 1 30  ? 7.835   9.268   -2.767  1.00 17.37 ? 279 ASP A O   1 
ATOM   237  C  CB  . ASP A 1 30  ? 9.144   9.024   -5.677  1.00 24.28 ? 279 ASP A CB  1 
ATOM   238  C  CG  . ASP A 1 30  ? 10.489  9.426   -6.308  1.00 29.43 ? 279 ASP A CG  1 
ATOM   239  O  OD1 . ASP A 1 30  ? 10.514  9.901   -7.467  1.00 30.13 ? 279 ASP A OD1 1 
ATOM   240  O  OD2 . ASP A 1 30  ? 11.532  9.273   -5.629  1.00 33.17 ? 279 ASP A OD2 1 
ATOM   241  N  N   . SER A 1 31  ? 7.279   7.215   -3.501  1.00 16.67 ? 280 SER A N   1 
ATOM   242  C  CA  . SER A 1 31  ? 6.076   7.177   -2.664  1.00 17.81 ? 280 SER A CA  1 
ATOM   243  C  C   . SER A 1 31  ? 6.473   6.975   -1.206  1.00 18.38 ? 280 SER A C   1 
ATOM   244  O  O   . SER A 1 31  ? 5.787   7.435   -0.306  1.00 20.07 ? 280 SER A O   1 
ATOM   245  C  CB  . SER A 1 31  ? 5.127   6.056   -3.091  1.00 16.04 ? 280 SER A CB  1 
ATOM   246  O  OG  . SER A 1 31  ? 4.595   6.304   -4.374  1.00 13.51 ? 280 SER A OG  1 
ATOM   247  N  N   . ILE A 1 32  ? 7.579   6.279   -0.974  1.00 19.76 ? 281 ILE A N   1 
ATOM   248  C  CA  . ILE A 1 32  ? 8.055   6.065   0.384   1.00 20.10 ? 281 ILE A CA  1 
ATOM   249  C  C   . ILE A 1 32  ? 8.424   7.424   0.980   1.00 22.14 ? 281 ILE A C   1 
ATOM   250  O  O   . ILE A 1 32  ? 8.031   7.774   2.099   1.00 22.94 ? 281 ILE A O   1 
ATOM   251  C  CB  . ILE A 1 32  ? 9.291   5.159   0.386   1.00 20.18 ? 281 ILE A CB  1 
ATOM   252  C  CG1 . ILE A 1 32  ? 8.883   3.751   -0.060  1.00 20.17 ? 281 ILE A CG1 1 
ATOM   253  C  CG2 . ILE A 1 32  ? 9.935   5.140   1.771   1.00 17.53 ? 281 ILE A CG2 1 
ATOM   254  C  CD1 . ILE A 1 32  ? 10.044  2.777   -0.156  1.00 21.94 ? 281 ILE A CD1 1 
ATOM   255  N  N   . THR A 1 33  ? 9.174   8.196   0.208   1.00 22.34 ? 282 THR A N   1 
ATOM   256  C  CA  . THR A 1 33  ? 9.605   9.514   0.630   1.00 22.69 ? 282 THR A CA  1 
ATOM   257  C  C   . THR A 1 33  ? 8.426   10.453  0.890   1.00 22.80 ? 282 THR A C   1 
ATOM   258  O  O   . THR A 1 33  ? 8.380   11.136  1.917   1.00 23.12 ? 282 THR A O   1 
ATOM   259  C  CB  . THR A 1 33  ? 10.516  10.129  -0.438  1.00 24.66 ? 282 THR A CB  1 
ATOM   260  O  OG1 . THR A 1 33  ? 11.614  9.241   -0.683  1.00 25.48 ? 282 THR A OG1 1 
ATOM   261  C  CG2 . THR A 1 33  ? 11.049  11.475  0.023   1.00 25.71 ? 282 THR A CG2 1 
ATOM   262  N  N   . ALA A 1 34  ? 7.473   10.494  -0.041  1.00 22.00 ? 283 ALA A N   1 
ATOM   263  C  CA  . ALA A 1 34  ? 6.300   11.359  0.118   1.00 19.95 ? 283 ALA A CA  1 
ATOM   264  C  C   . ALA A 1 34  ? 5.619   11.115  1.458   1.00 19.27 ? 283 ALA A C   1 
ATOM   265  O  O   . ALA A 1 34  ? 5.233   12.057  2.140   1.00 19.18 ? 283 ALA A O   1 
ATOM   266  C  CB  . ALA A 1 34  ? 5.297   11.129  -1.021  1.00 15.10 ? 283 ALA A CB  1 
ATOM   267  N  N   . CYS A 1 35  ? 5.471   9.850   1.837   1.00 20.69 ? 284 CYS A N   1 
ATOM   268  C  CA  . CYS A 1 35  ? 4.825   9.524   3.102   1.00 22.08 ? 284 CYS A CA  1 
ATOM   269  C  C   . CYS A 1 35  ? 5.649   9.959   4.301   1.00 23.99 ? 284 CYS A C   1 
ATOM   270  O  O   . CYS A 1 35  ? 5.113   10.513  5.259   1.00 25.36 ? 284 CYS A O   1 
ATOM   271  C  CB  . CYS A 1 35  ? 4.553   8.025   3.198   1.00 20.99 ? 284 CYS A CB  1 
ATOM   272  S  SG  . CYS A 1 35  ? 3.324   7.427   2.006   1.00 21.21 ? 284 CYS A SG  1 
ATOM   273  N  N   . LYS A 1 36  ? 6.953   9.710   4.251   1.00 25.62 ? 285 LYS A N   1 
ATOM   274  C  CA  . LYS A 1 36  ? 7.824   10.085  5.356   1.00 29.71 ? 285 LYS A CA  1 
ATOM   275  C  C   . LYS A 1 36  ? 7.782   11.582  5.632   1.00 31.23 ? 285 LYS A C   1 
ATOM   276  O  O   . LYS A 1 36  ? 7.798   12.008  6.791   1.00 31.17 ? 285 LYS A O   1 
ATOM   277  C  CB  . LYS A 1 36  ? 9.266   9.650   5.071   1.00 31.11 ? 285 LYS A CB  1 
ATOM   278  C  CG  . LYS A 1 36  ? 9.449   8.139   5.074   1.00 34.17 ? 285 LYS A CG  1 
ATOM   279  C  CD  . LYS A 1 36  ? 10.898  7.741   4.867   1.00 37.03 ? 285 LYS A CD  1 
ATOM   280  C  CE  . LYS A 1 36  ? 11.038  6.228   4.881   1.00 38.73 ? 285 LYS A CE  1 
ATOM   281  N  NZ  . LYS A 1 36  ? 12.441  5.786   4.635   1.00 41.73 ? 285 LYS A NZ  1 
ATOM   282  N  N   . GLU A 1 37  ? 7.711   12.375  4.567   1.00 32.45 ? 286 GLU A N   1 
ATOM   283  C  CA  . GLU A 1 37  ? 7.679   13.824  4.701   1.00 34.79 ? 286 GLU A CA  1 
ATOM   284  C  C   . GLU A 1 37  ? 6.428   14.318  5.417   1.00 34.80 ? 286 GLU A C   1 
ATOM   285  O  O   . GLU A 1 37  ? 6.433   15.404  5.991   1.00 36.26 ? 286 GLU A O   1 
ATOM   286  C  CB  . GLU A 1 37  ? 7.785   14.479  3.323   1.00 37.32 ? 286 GLU A CB  1 
ATOM   287  C  CG  . GLU A 1 37  ? 8.991   14.008  2.526   1.00 41.39 ? 286 GLU A CG  1 
ATOM   288  C  CD  . GLU A 1 37  ? 9.075   14.637  1.145   1.00 43.94 ? 286 GLU A CD  1 
ATOM   289  O  OE1 . GLU A 1 37  ? 8.043   14.671  0.434   1.00 45.09 ? 286 GLU A OE1 1 
ATOM   290  O  OE2 . GLU A 1 37  ? 10.180  15.087  0.767   1.00 45.56 ? 286 GLU A OE2 1 
ATOM   291  N  N   . VAL A 1 38  ? 5.356   13.529  5.391   1.00 32.95 ? 287 VAL A N   1 
ATOM   292  C  CA  . VAL A 1 38  ? 4.126   13.935  6.066   1.00 30.36 ? 287 VAL A CA  1 
ATOM   293  C  C   . VAL A 1 38  ? 3.909   13.137  7.343   1.00 29.40 ? 287 VAL A C   1 
ATOM   294  O  O   . VAL A 1 38  ? 2.773   12.965  7.797   1.00 29.27 ? 287 VAL A O   1 
ATOM   295  C  CB  . VAL A 1 38  ? 2.895   13.780  5.151   1.00 30.29 ? 287 VAL A CB  1 
ATOM   296  C  CG1 . VAL A 1 38  ? 3.013   14.736  3.962   1.00 28.99 ? 287 VAL A CG1 1 
ATOM   297  C  CG2 . VAL A 1 38  ? 2.772   12.345  4.670   1.00 29.58 ? 287 VAL A CG2 1 
ATOM   298  N  N   . GLY A 1 39  ? 5.013   12.656  7.913   1.00 26.75 ? 288 GLY A N   1 
ATOM   299  C  CA  . GLY A 1 39  ? 4.968   11.896  9.147   1.00 24.80 ? 288 GLY A CA  1 
ATOM   300  C  C   . GLY A 1 39  ? 4.235   10.573  9.047   1.00 24.87 ? 288 GLY A C   1 
ATOM   301  O  O   . GLY A 1 39  ? 3.669   10.097  10.028  1.00 24.86 ? 288 GLY A O   1 
ATOM   302  N  N   . ALA A 1 40  ? 4.251   9.964   7.870   1.00 23.69 ? 289 ALA A N   1 
ATOM   303  C  CA  . ALA A 1 40  ? 3.555   8.704   7.684   1.00 23.48 ? 289 ALA A CA  1 
ATOM   304  C  C   . ALA A 1 40  ? 4.455   7.650   7.075   1.00 23.25 ? 289 ALA A C   1 
ATOM   305  O  O   . ALA A 1 40  ? 5.671   7.820   7.000   1.00 23.79 ? 289 ALA A O   1 
ATOM   306  C  CB  . ALA A 1 40  ? 2.327   8.917   6.797   1.00 25.96 ? 289 ALA A CB  1 
ATOM   307  N  N   . GLN A 1 41  ? 3.838   6.565   6.622   1.00 23.34 ? 290 GLN A N   1 
ATOM   308  C  CA  . GLN A 1 41  ? 4.567   5.463   6.019   1.00 22.19 ? 290 GLN A CA  1 
ATOM   309  C  C   . GLN A 1 41  ? 3.756   4.866   4.869   1.00 20.68 ? 290 GLN A C   1 
ATOM   310  O  O   . GLN A 1 41  ? 2.528   4.800   4.951   1.00 19.49 ? 290 GLN A O   1 
ATOM   311  C  CB  . GLN A 1 41  ? 4.830   4.398   7.089   1.00 22.79 ? 290 GLN A CB  1 
ATOM   312  C  CG  . GLN A 1 41  ? 5.584   3.173   6.609   1.00 24.77 ? 290 GLN A CG  1 
ATOM   313  C  CD  . GLN A 1 41  ? 5.931   2.224   7.754   1.00 27.13 ? 290 GLN A CD  1 
ATOM   314  O  OE1 . GLN A 1 41  ? 5.046   1.715   8.447   1.00 29.03 ? 290 GLN A OE1 1 
ATOM   315  N  NE2 . GLN A 1 41  ? 7.222   1.986   7.954   1.00 24.78 ? 290 GLN A NE2 1 
ATOM   316  N  N   . LEU A 1 42  ? 4.436   4.452   3.798   1.00 18.00 ? 291 LEU A N   1 
ATOM   317  C  CA  . LEU A 1 42  ? 3.759   3.831   2.657   1.00 16.34 ? 291 LEU A CA  1 
ATOM   318  C  C   . LEU A 1 42  ? 3.032   2.630   3.270   1.00 17.98 ? 291 LEU A C   1 
ATOM   319  O  O   . LEU A 1 42  ? 3.662   1.710   3.788   1.00 18.20 ? 291 LEU A O   1 
ATOM   320  C  CB  . LEU A 1 42  ? 4.782   3.389   1.603   1.00 12.68 ? 291 LEU A CB  1 
ATOM   321  C  CG  . LEU A 1 42  ? 4.201   2.834   0.306   1.00 12.09 ? 291 LEU A CG  1 
ATOM   322  C  CD1 . LEU A 1 42  ? 3.175   3.812   -0.257  1.00 11.73 ? 291 LEU A CD1 1 
ATOM   323  C  CD2 . LEU A 1 42  ? 5.315   2.587   -0.699  1.00 10.66 ? 291 LEU A CD2 1 
ATOM   324  N  N   . VAL A 1 43  ? 1.704   2.655   3.195   1.00 17.89 ? 292 VAL A N   1 
ATOM   325  C  CA  . VAL A 1 43  ? 0.858   1.657   3.831   1.00 16.94 ? 292 VAL A CA  1 
ATOM   326  C  C   . VAL A 1 43  ? 1.292   0.201   3.986   1.00 17.58 ? 292 VAL A C   1 
ATOM   327  O  O   . VAL A 1 43  ? 1.553   -0.516  3.020   1.00 15.22 ? 292 VAL A O   1 
ATOM   328  C  CB  . VAL A 1 43  ? -0.592  1.693   3.260   1.00 16.66 ? 292 VAL A CB  1 
ATOM   329  C  CG1 . VAL A 1 43  ? -0.665  1.088   1.858   1.00 11.16 ? 292 VAL A CG1 1 
ATOM   330  C  CG2 . VAL A 1 43  ? -1.514  0.974   4.223   1.00 14.03 ? 292 VAL A CG2 1 
ATOM   331  N  N   . VAL A 1 44  ? 1.355   -0.204  5.253   1.00 18.83 ? 293 VAL A N   1 
ATOM   332  C  CA  . VAL A 1 44  ? 1.705   -1.555  5.668   1.00 19.06 ? 293 VAL A CA  1 
ATOM   333  C  C   . VAL A 1 44  ? 0.427   -2.129  6.255   1.00 19.20 ? 293 VAL A C   1 
ATOM   334  O  O   . VAL A 1 44  ? -0.096  -1.596  7.229   1.00 17.88 ? 293 VAL A O   1 
ATOM   335  C  CB  . VAL A 1 44  ? 2.770   -1.549  6.775   1.00 20.43 ? 293 VAL A CB  1 
ATOM   336  C  CG1 . VAL A 1 44  ? 3.017   -2.980  7.249   1.00 20.53 ? 293 VAL A CG1 1 
ATOM   337  C  CG2 . VAL A 1 44  ? 4.062   -0.910  6.263   1.00 19.64 ? 293 VAL A CG2 1 
ATOM   338  N  N   . ILE A 1 45  ? -0.068  -3.213  5.670   1.00 20.47 ? 294 ILE A N   1 
ATOM   339  C  CA  . ILE A 1 45  ? -1.304  -3.837  6.127   1.00 24.30 ? 294 ILE A CA  1 
ATOM   340  C  C   . ILE A 1 45  ? -1.093  -4.858  7.250   1.00 27.85 ? 294 ILE A C   1 
ATOM   341  O  O   . ILE A 1 45  ? -0.522  -5.926  7.032   1.00 28.87 ? 294 ILE A O   1 
ATOM   342  C  CB  . ILE A 1 45  ? -2.008  -4.520  4.952   1.00 23.73 ? 294 ILE A CB  1 
ATOM   343  C  CG1 . ILE A 1 45  ? -2.153  -3.521  3.806   1.00 24.36 ? 294 ILE A CG1 1 
ATOM   344  C  CG2 . ILE A 1 45  ? -3.364  -5.041  5.388   1.00 24.31 ? 294 ILE A CG2 1 
ATOM   345  C  CD1 . ILE A 1 45  ? -2.748  -4.103  2.550   1.00 24.73 ? 294 ILE A CD1 1 
ATOM   346  N  N   . LYS A 1 46  ? -1.579  -4.527  8.446   1.00 31.52 ? 295 LYS A N   1 
ATOM   347  C  CA  . LYS A 1 46  ? -1.438  -5.394  9.616   1.00 32.71 ? 295 LYS A CA  1 
ATOM   348  C  C   . LYS A 1 46  ? -2.593  -6.363  9.869   1.00 33.85 ? 295 LYS A C   1 
ATOM   349  O  O   . LYS A 1 46  ? -2.436  -7.299  10.645  1.00 35.47 ? 295 LYS A O   1 
ATOM   350  C  CB  . LYS A 1 46  ? -1.250  -4.550  10.876  1.00 33.93 ? 295 LYS A CB  1 
ATOM   351  C  CG  . LYS A 1 46  ? -0.045  -3.630  10.866  1.00 35.90 ? 295 LYS A CG  1 
ATOM   352  C  CD  . LYS A 1 46  ? 1.257   -4.394  10.994  1.00 37.12 ? 295 LYS A CD  1 
ATOM   353  C  CE  . LYS A 1 46  ? 2.400   -3.433  11.281  1.00 39.72 ? 295 LYS A CE  1 
ATOM   354  N  NZ  . LYS A 1 46  ? 2.130   -2.622  12.511  1.00 38.59 ? 295 LYS A NZ  1 
ATOM   355  N  N   . SER A 1 47  ? -3.746  -6.153  9.240   1.00 34.52 ? 296 SER A N   1 
ATOM   356  C  CA  . SER A 1 47  ? -4.876  -7.050  9.482   1.00 35.79 ? 296 SER A CA  1 
ATOM   357  C  C   . SER A 1 47  ? -5.784  -7.230  8.276   1.00 36.25 ? 296 SER A C   1 
ATOM   358  O  O   . SER A 1 47  ? -5.858  -6.363  7.408   1.00 38.06 ? 296 SER A O   1 
ATOM   359  C  CB  . SER A 1 47  ? -5.725  -6.527  10.637  1.00 36.33 ? 296 SER A CB  1 
ATOM   360  O  OG  . SER A 1 47  ? -6.614  -5.523  10.173  1.00 36.91 ? 296 SER A OG  1 
ATOM   361  N  N   . ALA A 1 48  ? -6.495  -8.350  8.242   1.00 35.32 ? 297 ALA A N   1 
ATOM   362  C  CA  . ALA A 1 48  ? -7.405  -8.632  7.142   1.00 35.68 ? 297 ALA A CA  1 
ATOM   363  C  C   . ALA A 1 48  ? -8.466  -7.554  7.060   1.00 35.58 ? 297 ALA A C   1 
ATOM   364  O  O   . ALA A 1 48  ? -8.904  -7.187  5.969   1.00 37.00 ? 297 ALA A O   1 
ATOM   365  C  CB  . ALA A 1 48  ? -8.058  -9.986  7.336   1.00 36.19 ? 297 ALA A CB  1 
ATOM   366  N  N   . GLU A 1 49  ? -8.890  -7.050  8.211   1.00 35.30 ? 298 GLU A N   1 
ATOM   367  C  CA  . GLU A 1 49  ? -9.901  -6.006  8.230   1.00 35.43 ? 298 GLU A CA  1 
ATOM   368  C  C   . GLU A 1 49  ? -9.387  -4.786  7.479   1.00 32.57 ? 298 GLU A C   1 
ATOM   369  O  O   . GLU A 1 49  ? -10.090 -4.209  6.656   1.00 32.54 ? 298 GLU A O   1 
ATOM   370  C  CB  . GLU A 1 49  ? -10.250 -5.626  9.670   1.00 38.79 ? 298 GLU A CB  1 
ATOM   371  C  CG  . GLU A 1 49  ? -11.059 -6.679  10.394  1.00 44.22 ? 298 GLU A CG  1 
ATOM   372  C  CD  . GLU A 1 49  ? -11.682 -6.156  11.675  1.00 48.85 ? 298 GLU A CD  1 
ATOM   373  O  OE1 . GLU A 1 49  ? -10.952 -6.014  12.686  1.00 49.36 ? 298 GLU A OE1 1 
ATOM   374  O  OE2 . GLU A 1 49  ? -12.906 -5.875  11.661  1.00 49.99 ? 298 GLU A OE2 1 
ATOM   375  N  N   . GLU A 1 50  ? -8.150  -4.409  7.767   1.00 31.08 ? 299 GLU A N   1 
ATOM   376  C  CA  . GLU A 1 50  ? -7.519  -3.263  7.125   1.00 30.53 ? 299 GLU A CA  1 
ATOM   377  C  C   . GLU A 1 50  ? -7.490  -3.493  5.616   1.00 30.23 ? 299 GLU A C   1 
ATOM   378  O  O   . GLU A 1 50  ? -7.883  -2.625  4.834   1.00 30.53 ? 299 GLU A O   1 
ATOM   379  C  CB  . GLU A 1 50  ? -6.100  -3.103  7.667   1.00 30.56 ? 299 GLU A CB  1 
ATOM   380  C  CG  . GLU A 1 50  ? -5.434  -1.796  7.323   1.00 30.42 ? 299 GLU A CG  1 
ATOM   381  C  CD  . GLU A 1 50  ? -4.124  -1.620  8.057   1.00 31.13 ? 299 GLU A CD  1 
ATOM   382  O  OE1 . GLU A 1 50  ? -3.511  -0.544  7.919   1.00 33.55 ? 299 GLU A OE1 1 
ATOM   383  O  OE2 . GLU A 1 50  ? -3.702  -2.558  8.771   1.00 31.92 ? 299 GLU A OE2 1 
ATOM   384  N  N   . GLN A 1 51  ? -7.026  -4.675  5.223   1.00 29.07 ? 300 GLN A N   1 
ATOM   385  C  CA  . GLN A 1 51  ? -6.950  -5.068  3.825   1.00 27.86 ? 300 GLN A CA  1 
ATOM   386  C  C   . GLN A 1 51  ? -8.307  -4.898  3.157   1.00 28.59 ? 300 GLN A C   1 
ATOM   387  O  O   . GLN A 1 51  ? -8.411  -4.276  2.099   1.00 29.25 ? 300 GLN A O   1 
ATOM   388  C  CB  . GLN A 1 51  ? -6.480  -6.531  3.734   1.00 27.97 ? 300 GLN A CB  1 
ATOM   389  C  CG  . GLN A 1 51  ? -6.965  -7.331  2.521   1.00 25.21 ? 300 GLN A CG  1 
ATOM   390  C  CD  . GLN A 1 51  ? -6.520  -6.741  1.195   1.00 26.30 ? 300 GLN A CD  1 
ATOM   391  O  OE1 . GLN A 1 51  ? -5.419  -6.206  1.077   1.00 25.34 ? 300 GLN A OE1 1 
ATOM   392  N  NE2 . GLN A 1 51  ? -7.372  -6.852  0.184   1.00 25.25 ? 300 GLN A NE2 1 
ATOM   393  N  N   . ASN A 1 52  ? -9.349  -5.437  3.784   1.00 29.30 ? 301 ASN A N   1 
ATOM   394  C  CA  . ASN A 1 52  ? -10.705 -5.353  3.244   1.00 30.28 ? 301 ASN A CA  1 
ATOM   395  C  C   . ASN A 1 52  ? -11.177 -3.919  3.047   1.00 29.02 ? 301 ASN A C   1 
ATOM   396  O  O   . ASN A 1 52  ? -11.874 -3.610  2.082   1.00 29.49 ? 301 ASN A O   1 
ATOM   397  C  CB  . ASN A 1 52  ? -11.683 -6.081  4.163   1.00 33.68 ? 301 ASN A CB  1 
ATOM   398  C  CG  . ASN A 1 52  ? -11.306 -7.532  4.379   1.00 37.01 ? 301 ASN A CG  1 
ATOM   399  O  OD1 . ASN A 1 52  ? -11.045 -8.269  3.423   1.00 38.87 ? 301 ASN A OD1 1 
ATOM   400  N  ND2 . ASN A 1 52  ? -11.281 -7.954  5.637   1.00 37.66 ? 301 ASN A ND2 1 
ATOM   401  N  N   . PHE A 1 53  ? -10.798 -3.045  3.971   1.00 27.10 ? 302 PHE A N   1 
ATOM   402  C  CA  . PHE A 1 53  ? -11.180 -1.641  3.894   1.00 24.38 ? 302 PHE A CA  1 
ATOM   403  C  C   . PHE A 1 53  ? -10.451 -0.923  2.754   1.00 22.96 ? 302 PHE A C   1 
ATOM   404  O  O   . PHE A 1 53  ? -11.056 -0.198  1.976   1.00 21.24 ? 302 PHE A O   1 
ATOM   405  C  CB  . PHE A 1 53  ? -10.887 -0.963  5.240   1.00 23.85 ? 302 PHE A CB  1 
ATOM   406  C  CG  . PHE A 1 53  ? -11.057 0.530   5.224   1.00 23.80 ? 302 PHE A CG  1 
ATOM   407  C  CD1 . PHE A 1 53  ? -9.987  1.359   4.921   1.00 23.08 ? 302 PHE A CD1 1 
ATOM   408  C  CD2 . PHE A 1 53  ? -12.290 1.104   5.502   1.00 24.49 ? 302 PHE A CD2 1 
ATOM   409  C  CE1 . PHE A 1 53  ? -10.139 2.741   4.897   1.00 24.79 ? 302 PHE A CE1 1 
ATOM   410  C  CE2 . PHE A 1 53  ? -12.452 2.486   5.480   1.00 25.33 ? 302 PHE A CE2 1 
ATOM   411  C  CZ  . PHE A 1 53  ? -11.370 3.305   5.176   1.00 24.36 ? 302 PHE A CZ  1 
ATOM   412  N  N   . LEU A 1 54  ? -9.145  -1.140  2.650   1.00 23.29 ? 303 LEU A N   1 
ATOM   413  C  CA  . LEU A 1 54  ? -8.360  -0.495  1.611   1.00 23.91 ? 303 LEU A CA  1 
ATOM   414  C  C   . LEU A 1 54  ? -8.665  -1.032  0.221   1.00 23.96 ? 303 LEU A C   1 
ATOM   415  O  O   . LEU A 1 54  ? -8.689  -0.280  -0.755  1.00 24.29 ? 303 LEU A O   1 
ATOM   416  C  CB  . LEU A 1 54  ? -6.873  -0.657  1.913   1.00 24.59 ? 303 LEU A CB  1 
ATOM   417  C  CG  . LEU A 1 54  ? -6.437  -0.017  3.235   1.00 26.09 ? 303 LEU A CG  1 
ATOM   418  C  CD1 . LEU A 1 54  ? -5.014  -0.417  3.545   1.00 23.58 ? 303 LEU A CD1 1 
ATOM   419  C  CD2 . LEU A 1 54  ? -6.577  1.504   3.153   1.00 24.21 ? 303 LEU A CD2 1 
ATOM   420  N  N   . GLN A 1 55  ? -8.904  -2.332  0.125   1.00 24.33 ? 304 GLN A N   1 
ATOM   421  C  CA  . GLN A 1 55  ? -9.193  -2.934  -1.166  1.00 24.83 ? 304 GLN A CA  1 
ATOM   422  C  C   . GLN A 1 55  ? -10.450 -2.315  -1.761  1.00 24.84 ? 304 GLN A C   1 
ATOM   423  O  O   . GLN A 1 55  ? -10.498 -2.001  -2.950  1.00 25.10 ? 304 GLN A O   1 
ATOM   424  C  CB  . GLN A 1 55  ? -9.377  -4.448  -1.016  1.00 24.71 ? 304 GLN A CB  1 
ATOM   425  C  CG  . GLN A 1 55  ? -9.415  -5.180  -2.342  1.00 25.18 ? 304 GLN A CG  1 
ATOM   426  C  CD  . GLN A 1 55  ? -8.155  -4.950  -3.166  1.00 26.53 ? 304 GLN A CD  1 
ATOM   427  O  OE1 . GLN A 1 55  ? -7.049  -5.285  -2.737  1.00 27.05 ? 304 GLN A OE1 1 
ATOM   428  N  NE2 . GLN A 1 55  ? -8.319  -4.374  -4.352  1.00 25.32 ? 304 GLN A NE2 1 
ATOM   429  N  N   . LEU A 1 56  ? -11.466 -2.138  -0.924  1.00 25.28 ? 305 LEU A N   1 
ATOM   430  C  CA  . LEU A 1 56  ? -12.724 -1.559  -1.372  1.00 26.62 ? 305 LEU A CA  1 
ATOM   431  C  C   . LEU A 1 56  ? -12.563 -0.113  -1.839  1.00 26.00 ? 305 LEU A C   1 
ATOM   432  O  O   . LEU A 1 56  ? -13.072 0.266   -2.895  1.00 24.81 ? 305 LEU A O   1 
ATOM   433  C  CB  . LEU A 1 56  ? -13.764 -1.624  -0.249  1.00 28.73 ? 305 LEU A CB  1 
ATOM   434  C  CG  . LEU A 1 56  ? -15.110 -0.991  -0.603  1.00 31.00 ? 305 LEU A CG  1 
ATOM   435  C  CD1 . LEU A 1 56  ? -15.674 -1.677  -1.843  1.00 32.74 ? 305 LEU A CD1 1 
ATOM   436  C  CD2 . LEU A 1 56  ? -16.075 -1.113  0.572   1.00 32.09 ? 305 LEU A CD2 1 
ATOM   437  N  N   . GLN A 1 57  ? -11.856 0.699   -1.060  1.00 25.40 ? 306 GLN A N   1 
ATOM   438  C  CA  . GLN A 1 57  ? -11.659 2.092   -1.452  1.00 27.74 ? 306 GLN A CA  1 
ATOM   439  C  C   . GLN A 1 57  ? -10.889 2.151   -2.777  1.00 28.81 ? 306 GLN A C   1 
ATOM   440  O  O   . GLN A 1 57  ? -11.215 2.944   -3.667  1.00 28.91 ? 306 GLN A O   1 
ATOM   441  C  CB  . GLN A 1 57  ? -10.876 2.861   -0.382  1.00 26.08 ? 306 GLN A CB  1 
ATOM   442  C  CG  . GLN A 1 57  ? -11.301 2.594   1.059   1.00 27.82 ? 306 GLN A CG  1 
ATOM   443  C  CD  . GLN A 1 57  ? -12.806 2.703   1.277   1.00 28.00 ? 306 GLN A CD  1 
ATOM   444  O  OE1 . GLN A 1 57  ? -13.448 3.661   0.837   1.00 25.48 ? 306 GLN A OE1 1 
ATOM   445  N  NE2 . GLN A 1 57  ? -13.371 1.721   1.977   1.00 25.82 ? 306 GLN A NE2 1 
ATOM   446  N  N   . SER A 1 58  ? -9.876  1.296   -2.904  1.00 28.32 ? 307 SER A N   1 
ATOM   447  C  CA  . SER A 1 58  ? -9.043  1.260   -4.100  1.00 31.21 ? 307 SER A CA  1 
ATOM   448  C  C   . SER A 1 58  ? -9.784  0.804   -5.350  1.00 31.44 ? 307 SER A C   1 
ATOM   449  O  O   . SER A 1 58  ? -9.597  1.378   -6.425  1.00 31.08 ? 307 SER A O   1 
ATOM   450  C  CB  . SER A 1 58  ? -7.830  0.351   -3.876  1.00 33.48 ? 307 SER A CB  1 
ATOM   451  O  OG  . SER A 1 58  ? -8.222  -1.014  -3.866  1.00 36.36 ? 307 SER A OG  1 
ATOM   452  N  N   . SER A 1 59  ? -10.608 -0.232  -5.232  1.00 31.73 ? 308 SER A N   1 
ATOM   453  C  CA  . SER A 1 59  ? -11.339 -0.700  -6.403  1.00 32.97 ? 308 SER A CA  1 
ATOM   454  C  C   . SER A 1 59  ? -12.348 0.366   -6.815  1.00 33.53 ? 308 SER A C   1 
ATOM   455  O  O   . SER A 1 59  ? -12.623 0.546   -8.006  1.00 34.66 ? 308 SER A O   1 
ATOM   456  C  CB  . SER A 1 59  ? -12.046 -2.035  -6.126  1.00 32.59 ? 308 SER A CB  1 
ATOM   457  O  OG  . SER A 1 59  ? -13.013 -1.919  -5.098  1.00 36.23 ? 308 SER A OG  1 
ATOM   458  N  N   . ARG A 1 60  ? -12.895 1.078   -5.836  1.00 33.56 ? 309 ARG A N   1 
ATOM   459  C  CA  . ARG A 1 60  ? -13.847 2.137   -6.142  1.00 34.34 ? 309 ARG A CA  1 
ATOM   460  C  C   . ARG A 1 60  ? -13.099 3.263   -6.843  1.00 34.38 ? 309 ARG A C   1 
ATOM   461  O  O   . ARG A 1 60  ? -13.579 3.807   -7.836  1.00 36.17 ? 309 ARG A O   1 
ATOM   462  C  CB  . ARG A 1 60  ? -14.511 2.680   -4.866  1.00 34.60 ? 309 ARG A CB  1 
ATOM   463  C  CG  . ARG A 1 60  ? -15.348 3.951   -5.082  1.00 33.81 ? 309 ARG A CG  1 
ATOM   464  C  CD  . ARG A 1 60  ? -16.455 3.740   -6.130  1.00 34.39 ? 309 ARG A CD  1 
ATOM   465  N  NE  . ARG A 1 60  ? -17.494 2.810   -5.678  1.00 34.30 ? 309 ARG A NE  1 
ATOM   466  C  CZ  . ARG A 1 60  ? -18.599 3.170   -5.025  1.00 34.87 ? 309 ARG A CZ  1 
ATOM   467  N  NH1 . ARG A 1 60  ? -18.829 4.447   -4.740  1.00 33.04 ? 309 ARG A NH1 1 
ATOM   468  N  NH2 . ARG A 1 60  ? -19.474 2.248   -4.644  1.00 34.28 ? 309 ARG A NH2 1 
ATOM   469  N  N   . SER A 1 61  ? -11.920 3.605   -6.331  1.00 33.32 ? 310 SER A N   1 
ATOM   470  C  CA  . SER A 1 61  ? -11.122 4.676   -6.925  1.00 33.44 ? 310 SER A CA  1 
ATOM   471  C  C   . SER A 1 61  ? -10.794 4.358   -8.383  1.00 32.62 ? 310 SER A C   1 
ATOM   472  O  O   . SER A 1 61  ? -10.545 5.260   -9.184  1.00 31.65 ? 310 SER A O   1 
ATOM   473  C  CB  . SER A 1 61  ? -9.811  4.871   -6.150  1.00 34.73 ? 310 SER A CB  1 
ATOM   474  O  OG  . SER A 1 61  ? -8.897  3.809   -6.396  1.00 34.26 ? 310 SER A OG  1 
ATOM   475  N  N   . ASN A 1 62  ? -10.790 3.073   -8.717  1.00 32.09 ? 311 ASN A N   1 
ATOM   476  C  CA  . ASN A 1 62  ? -10.476 2.655   -10.071 1.00 32.56 ? 311 ASN A CA  1 
ATOM   477  C  C   . ASN A 1 62  ? -9.094  3.208   -10.434 1.00 32.86 ? 311 ASN A C   1 
ATOM   478  O  O   . ASN A 1 62  ? -8.886  3.737   -11.531 1.00 32.86 ? 311 ASN A O   1 
ATOM   479  C  CB  . ASN A 1 62  ? -11.525 3.201   -11.032 1.00 34.54 ? 311 ASN A CB  1 
ATOM   480  C  CG  . ASN A 1 62  ? -11.835 2.241   -12.149 1.00 37.53 ? 311 ASN A CG  1 
ATOM   481  O  OD1 . ASN A 1 62  ? -10.964 1.901   -12.951 1.00 40.97 ? 311 ASN A OD1 1 
ATOM   482  N  ND2 . ASN A 1 62  ? -13.083 1.785   -12.206 1.00 38.43 ? 311 ASN A ND2 1 
ATOM   483  N  N   . ARG A 1 63  ? -8.161  3.089   -9.492  1.00 30.77 ? 312 ARG A N   1 
ATOM   484  C  CA  . ARG A 1 63  ? -6.794  3.577   -9.664  1.00 29.83 ? 312 ARG A CA  1 
ATOM   485  C  C   . ARG A 1 63  ? -5.778  2.550   -9.163  1.00 28.19 ? 312 ARG A C   1 
ATOM   486  O  O   . ARG A 1 63  ? -5.999  1.907   -8.137  1.00 29.11 ? 312 ARG A O   1 
ATOM   487  C  CB  . ARG A 1 63  ? -6.588  4.867   -8.862  1.00 30.47 ? 312 ARG A CB  1 
ATOM   488  C  CG  . ARG A 1 63  ? -7.334  6.094   -9.344  1.00 30.16 ? 312 ARG A CG  1 
ATOM   489  C  CD  . ARG A 1 63  ? -7.131  7.231   -8.349  1.00 29.64 ? 312 ARG A CD  1 
ATOM   490  N  NE  . ARG A 1 63  ? -7.383  8.541   -8.945  1.00 33.40 ? 312 ARG A NE  1 
ATOM   491  C  CZ  . ARG A 1 63  ? -7.299  9.698   -8.288  1.00 33.89 ? 312 ARG A CZ  1 
ATOM   492  N  NH1 . ARG A 1 63  ? -6.975  9.714   -6.998  1.00 32.50 ? 312 ARG A NH1 1 
ATOM   493  N  NH2 . ARG A 1 63  ? -7.525  10.843  -8.926  1.00 32.54 ? 312 ARG A NH2 1 
ATOM   494  N  N   . PHE A 1 64  ? -4.667  2.404   -9.875  1.00 26.86 ? 313 PHE A N   1 
ATOM   495  C  CA  . PHE A 1 64  ? -3.613  1.480   -9.458  1.00 24.93 ? 313 PHE A CA  1 
ATOM   496  C  C   . PHE A 1 64  ? -2.833  2.186   -8.347  1.00 22.33 ? 313 PHE A C   1 
ATOM   497  O  O   . PHE A 1 64  ? -2.311  3.282   -8.547  1.00 20.02 ? 313 PHE A O   1 
ATOM   498  C  CB  . PHE A 1 64  ? -2.714  1.143   -10.645 1.00 27.42 ? 313 PHE A CB  1 
ATOM   499  C  CG  . PHE A 1 64  ? -3.431  0.418   -11.747 1.00 29.77 ? 313 PHE A CG  1 
ATOM   500  C  CD1 . PHE A 1 64  ? -3.435  0.921   -13.044 1.00 33.00 ? 313 PHE A CD1 1 
ATOM   501  C  CD2 . PHE A 1 64  ? -4.126  -0.757  -11.482 1.00 31.38 ? 313 PHE A CD2 1 
ATOM   502  C  CE1 . PHE A 1 64  ? -4.128  0.263   -14.067 1.00 32.85 ? 313 PHE A CE1 1 
ATOM   503  C  CE2 . PHE A 1 64  ? -4.820  -1.425  -12.495 1.00 32.94 ? 313 PHE A CE2 1 
ATOM   504  C  CZ  . PHE A 1 64  ? -4.822  -0.911  -13.788 1.00 32.94 ? 313 PHE A CZ  1 
ATOM   505  N  N   . THR A 1 65  ? -2.763  1.545   -7.183  1.00 20.21 ? 314 THR A N   1 
ATOM   506  C  CA  . THR A 1 65  ? -2.135  2.134   -6.009  1.00 18.75 ? 314 THR A CA  1 
ATOM   507  C  C   . THR A 1 65  ? -1.044  1.315   -5.325  1.00 17.76 ? 314 THR A C   1 
ATOM   508  O  O   . THR A 1 65  ? -1.238  0.136   -5.017  1.00 17.55 ? 314 THR A O   1 
ATOM   509  C  CB  . THR A 1 65  ? -3.225  2.447   -4.968  1.00 19.94 ? 314 THR A CB  1 
ATOM   510  O  OG1 . THR A 1 65  ? -4.261  3.206   -5.598  1.00 20.79 ? 314 THR A OG1 1 
ATOM   511  C  CG2 . THR A 1 65  ? -2.658  3.229   -3.784  1.00 19.14 ? 314 THR A CG2 1 
ATOM   512  N  N   . TRP A 1 66  ? 0.091   1.964   -5.071  1.00 15.81 ? 315 TRP A N   1 
ATOM   513  C  CA  . TRP A 1 66  ? 1.239   1.341   -4.406  1.00 17.22 ? 315 TRP A CA  1 
ATOM   514  C  C   . TRP A 1 66  ? 0.955   1.101   -2.920  1.00 18.24 ? 315 TRP A C   1 
ATOM   515  O  O   . TRP A 1 66  ? 0.265   1.902   -2.283  1.00 16.72 ? 315 TRP A O   1 
ATOM   516  C  CB  . TRP A 1 66  ? 2.473   2.261   -4.474  1.00 14.78 ? 315 TRP A CB  1 
ATOM   517  C  CG  . TRP A 1 66  ? 3.184   2.357   -5.802  1.00 13.34 ? 315 TRP A CG  1 
ATOM   518  C  CD1 . TRP A 1 66  ? 3.631   3.500   -6.406  1.00 12.75 ? 315 TRP A CD1 1 
ATOM   519  C  CD2 . TRP A 1 66  ? 3.617   1.272   -6.634  1.00 13.44 ? 315 TRP A CD2 1 
ATOM   520  N  NE1 . TRP A 1 66  ? 4.317   3.195   -7.554  1.00 13.09 ? 315 TRP A NE1 1 
ATOM   521  C  CE2 . TRP A 1 66  ? 4.326   1.836   -7.720  1.00 12.45 ? 315 TRP A CE2 1 
ATOM   522  C  CE3 . TRP A 1 66  ? 3.479   -0.123  -6.564  1.00 11.05 ? 315 TRP A CE3 1 
ATOM   523  C  CZ2 . TRP A 1 66  ? 4.895   1.058   -8.729  1.00 12.88 ? 315 TRP A CZ2 1 
ATOM   524  C  CZ3 . TRP A 1 66  ? 4.044   -0.899  -7.567  1.00 12.67 ? 315 TRP A CZ3 1 
ATOM   525  C  CH2 . TRP A 1 66  ? 4.746   -0.304  -8.638  1.00 14.13 ? 315 TRP A CH2 1 
ATOM   526  N  N   . MET A 1 67  ? 1.490   0.005   -2.381  1.00 18.96 ? 316 MET A N   1 
ATOM   527  C  CA  . MET A 1 67  ? 1.375   -0.298  -0.951  1.00 21.34 ? 316 MET A CA  1 
ATOM   528  C  C   . MET A 1 67  ? 2.817   -0.507  -0.503  1.00 21.36 ? 316 MET A C   1 
ATOM   529  O  O   . MET A 1 67  ? 3.700   -0.672  -1.348  1.00 21.94 ? 316 MET A O   1 
ATOM   530  C  CB  . MET A 1 67  ? 0.537   -1.560  -0.689  1.00 22.40 ? 316 MET A CB  1 
ATOM   531  C  CG  . MET A 1 67  ? 1.196   -2.886  -1.040  1.00 22.37 ? 316 MET A CG  1 
ATOM   532  S  SD  . MET A 1 67  ? 0.078   -4.265  -0.658  1.00 23.66 ? 316 MET A SD  1 
ATOM   533  C  CE  . MET A 1 67  ? -1.093  -4.110  -1.992  1.00 21.45 ? 316 MET A CE  1 
ATOM   534  N  N   . GLY A 1 68  ? 3.072   -0.497  0.801   1.00 21.17 ? 317 GLY A N   1 
ATOM   535  C  CA  . GLY A 1 68  ? 4.440   -0.670  1.271   1.00 22.20 ? 317 GLY A CA  1 
ATOM   536  C  C   . GLY A 1 68  ? 4.931   -2.109  1.287   1.00 22.10 ? 317 GLY A C   1 
ATOM   537  O  O   . GLY A 1 68  ? 5.371   -2.610  2.325   1.00 23.79 ? 317 GLY A O   1 
ATOM   538  N  N   . LEU A 1 69  ? 4.896   -2.763  0.133   1.00 21.46 ? 318 LEU A N   1 
ATOM   539  C  CA  . LEU A 1 69  ? 5.292   -4.163  0.031   1.00 21.43 ? 318 LEU A CA  1 
ATOM   540  C  C   . LEU A 1 69  ? 6.208   -4.398  -1.169  1.00 21.18 ? 318 LEU A C   1 
ATOM   541  O  O   . LEU A 1 69  ? 5.989   -3.814  -2.223  1.00 22.29 ? 318 LEU A O   1 
ATOM   542  C  CB  . LEU A 1 69  ? 4.024   -4.998  -0.106  1.00 22.00 ? 318 LEU A CB  1 
ATOM   543  C  CG  . LEU A 1 69  ? 4.063   -6.510  0.020   1.00 23.67 ? 318 LEU A CG  1 
ATOM   544  C  CD1 . LEU A 1 69  ? 4.574   -6.908  1.401   1.00 23.64 ? 318 LEU A CD1 1 
ATOM   545  C  CD2 . LEU A 1 69  ? 2.650   -7.036  -0.203  1.00 23.99 ? 318 LEU A CD2 1 
ATOM   546  N  N   . SER A 1 70  ? 7.224   -5.250  -1.019  1.00 20.17 ? 319 SER A N   1 
ATOM   547  C  CA  . SER A 1 70  ? 8.142   -5.523  -2.128  1.00 20.35 ? 319 SER A CA  1 
ATOM   548  C  C   . SER A 1 70  ? 9.065   -6.713  -1.899  1.00 19.70 ? 319 SER A C   1 
ATOM   549  O  O   . SER A 1 70  ? 9.289   -7.130  -0.763  1.00 19.75 ? 319 SER A O   1 
ATOM   550  C  CB  . SER A 1 70  ? 9.015   -4.303  -2.400  1.00 22.02 ? 319 SER A CB  1 
ATOM   551  O  OG  . SER A 1 70  ? 10.054  -4.222  -1.439  1.00 26.24 ? 319 SER A OG  1 
ATOM   552  N  N   . ASP A 1 71  ? 9.612   -7.247  -2.987  1.00 19.08 ? 320 ASP A N   1 
ATOM   553  C  CA  . ASP A 1 71  ? 10.539  -8.371  -2.907  1.00 21.24 ? 320 ASP A CA  1 
ATOM   554  C  C   . ASP A 1 71  ? 11.872  -7.951  -3.519  1.00 22.43 ? 320 ASP A C   1 
ATOM   555  O  O   . ASP A 1 71  ? 12.604  -8.759  -4.092  1.00 22.31 ? 320 ASP A O   1 
ATOM   556  C  CB  . ASP A 1 71  ? 9.967   -9.608  -3.626  1.00 20.62 ? 320 ASP A CB  1 
ATOM   557  C  CG  . ASP A 1 71  ? 9.940   -9.462  -5.145  1.00 23.44 ? 320 ASP A CG  1 
ATOM   558  O  OD1 . ASP A 1 71  ? 10.032  -8.324  -5.651  1.00 24.12 ? 320 ASP A OD1 1 
ATOM   559  O  OD2 . ASP A 1 71  ? 9.813   -10.498 -5.836  1.00 21.39 ? 320 ASP A OD2 1 
ATOM   560  N  N   . LEU A 1 72  ? 12.180  -6.667  -3.373  1.00 24.06 ? 321 LEU A N   1 
ATOM   561  C  CA  . LEU A 1 72  ? 13.408  -6.092  -3.901  1.00 27.61 ? 321 LEU A CA  1 
ATOM   562  C  C   . LEU A 1 72  ? 14.693  -6.743  -3.390  1.00 30.37 ? 321 LEU A C   1 
ATOM   563  O  O   . LEU A 1 72  ? 15.593  -7.054  -4.178  1.00 29.40 ? 321 LEU A O   1 
ATOM   564  C  CB  . LEU A 1 72  ? 13.447  -4.595  -3.601  1.00 26.32 ? 321 LEU A CB  1 
ATOM   565  C  CG  . LEU A 1 72  ? 12.579  -3.710  -4.495  1.00 27.76 ? 321 LEU A CG  1 
ATOM   566  C  CD1 . LEU A 1 72  ? 12.334  -2.367  -3.818  1.00 27.75 ? 321 LEU A CD1 1 
ATOM   567  C  CD2 . LEU A 1 72  ? 13.263  -3.526  -5.840  1.00 25.26 ? 321 LEU A CD2 1 
ATOM   568  N  N   . ASN A 1 73  ? 14.789  -6.947  -2.078  1.00 32.17 ? 322 ASN A N   1 
ATOM   569  C  CA  . ASN A 1 73  ? 15.997  -7.539  -1.518  1.00 34.44 ? 322 ASN A CA  1 
ATOM   570  C  C   . ASN A 1 73  ? 16.166  -9.010  -1.865  1.00 33.47 ? 322 ASN A C   1 
ATOM   571  O  O   . ASN A 1 73  ? 17.280  -9.466  -2.110  1.00 33.35 ? 322 ASN A O   1 
ATOM   572  C  CB  . ASN A 1 73  ? 16.041  -7.348  -0.001  1.00 37.79 ? 322 ASN A CB  1 
ATOM   573  C  CG  . ASN A 1 73  ? 16.126  -5.884  0.395   1.00 42.09 ? 322 ASN A CG  1 
ATOM   574  O  OD1 . ASN A 1 73  ? 16.783  -5.078  -0.280  1.00 43.67 ? 322 ASN A OD1 1 
ATOM   575  N  ND2 . ASN A 1 73  ? 15.473  -5.529  1.498   1.00 43.57 ? 322 ASN A ND2 1 
ATOM   576  N  N   . GLN A 1 74  ? 15.067  -9.753  -1.892  1.00 32.35 ? 323 GLN A N   1 
ATOM   577  C  CA  . GLN A 1 74  ? 15.143  -11.164 -2.230  1.00 31.37 ? 323 GLN A CA  1 
ATOM   578  C  C   . GLN A 1 74  ? 13.920  -11.599 -3.042  1.00 28.97 ? 323 GLN A C   1 
ATOM   579  O  O   . GLN A 1 74  ? 12.815  -11.718 -2.522  1.00 28.45 ? 323 GLN A O   1 
ATOM   580  C  CB  . GLN A 1 74  ? 15.283  -12.005 -0.953  1.00 32.95 ? 323 GLN A CB  1 
ATOM   581  C  CG  . GLN A 1 74  ? 15.956  -13.349 -1.187  1.00 37.85 ? 323 GLN A CG  1 
ATOM   582  C  CD  . GLN A 1 74  ? 17.399  -13.212 -1.668  1.00 41.88 ? 323 GLN A CD  1 
ATOM   583  O  OE1 . GLN A 1 74  ? 17.963  -14.144 -2.242  1.00 44.01 ? 323 GLN A OE1 1 
ATOM   584  N  NE2 . GLN A 1 74  ? 18.003  -12.051 -1.425  1.00 43.93 ? 323 GLN A NE2 1 
ATOM   585  N  N   . GLU A 1 75  ? 14.140  -11.834 -4.331  1.00 28.24 ? 324 GLU A N   1 
ATOM   586  C  CA  . GLU A 1 75  ? 13.082  -12.234 -5.251  1.00 27.24 ? 324 GLU A CA  1 
ATOM   587  C  C   . GLU A 1 75  ? 12.225  -13.364 -4.701  1.00 26.45 ? 324 GLU A C   1 
ATOM   588  O  O   . GLU A 1 75  ? 12.739  -14.399 -4.286  1.00 26.56 ? 324 GLU A O   1 
ATOM   589  C  CB  . GLU A 1 75  ? 13.699  -12.650 -6.596  1.00 26.09 ? 324 GLU A CB  1 
ATOM   590  C  CG  . GLU A 1 75  ? 12.709  -13.060 -7.682  1.00 23.91 ? 324 GLU A CG  1 
ATOM   591  C  CD  . GLU A 1 75  ? 11.732  -11.952 -8.062  1.00 24.50 ? 324 GLU A CD  1 
ATOM   592  O  OE1 . GLU A 1 75  ? 12.142  -10.765 -8.127  1.00 23.42 ? 324 GLU A OE1 1 
ATOM   593  O  OE2 . GLU A 1 75  ? 10.550  -12.275 -8.316  1.00 22.89 ? 324 GLU A OE2 1 
ATOM   594  N  N   . GLY A 1 76  ? 10.913  -13.149 -4.706  1.00 26.15 ? 325 GLY A N   1 
ATOM   595  C  CA  . GLY A 1 76  ? 9.989   -14.155 -4.218  1.00 24.50 ? 325 GLY A CA  1 
ATOM   596  C  C   . GLY A 1 76  ? 9.620   -13.990 -2.758  1.00 24.00 ? 325 GLY A C   1 
ATOM   597  O  O   . GLY A 1 76  ? 8.581   -14.486 -2.312  1.00 24.24 ? 325 GLY A O   1 
ATOM   598  N  N   . THR A 1 77  ? 10.470  -13.297 -2.009  1.00 23.10 ? 326 THR A N   1 
ATOM   599  C  CA  . THR A 1 77  ? 10.228  -13.068 -0.591  1.00 23.25 ? 326 THR A CA  1 
ATOM   600  C  C   . THR A 1 77  ? 9.688   -11.662 -0.353  1.00 22.45 ? 326 THR A C   1 
ATOM   601  O  O   . THR A 1 77  ? 10.450  -10.697 -0.323  1.00 21.66 ? 326 THR A O   1 
ATOM   602  C  CB  . THR A 1 77  ? 11.521  -13.252 0.220   1.00 22.49 ? 326 THR A CB  1 
ATOM   603  O  OG1 . THR A 1 77  ? 11.986  -14.598 0.065   1.00 24.90 ? 326 THR A OG1 1 
ATOM   604  C  CG2 . THR A 1 77  ? 11.273  -12.976 1.693   1.00 21.02 ? 326 THR A CG2 1 
ATOM   605  N  N   . TRP A 1 78  ? 8.375   -11.557 -0.169  1.00 22.89 ? 327 TRP A N   1 
ATOM   606  C  CA  . TRP A 1 78  ? 7.725   -10.265 0.051   1.00 23.15 ? 327 TRP A CA  1 
ATOM   607  C  C   . TRP A 1 78  ? 7.799   -9.750  1.480   1.00 23.43 ? 327 TRP A C   1 
ATOM   608  O  O   . TRP A 1 78  ? 7.368   -10.413 2.421   1.00 25.22 ? 327 TRP A O   1 
ATOM   609  C  CB  . TRP A 1 78  ? 6.274   -10.331 -0.429  1.00 21.64 ? 327 TRP A CB  1 
ATOM   610  C  CG  . TRP A 1 78  ? 6.218   -10.527 -1.900  1.00 23.30 ? 327 TRP A CG  1 
ATOM   611  C  CD1 . TRP A 1 78  ? 6.322   -11.712 -2.577  1.00 25.14 ? 327 TRP A CD1 1 
ATOM   612  C  CD2 . TRP A 1 78  ? 6.194   -9.500  -2.893  1.00 21.65 ? 327 TRP A CD2 1 
ATOM   613  N  NE1 . TRP A 1 78  ? 6.374   -11.481 -3.933  1.00 23.93 ? 327 TRP A NE1 1 
ATOM   614  C  CE2 . TRP A 1 78  ? 6.298   -10.131 -4.153  1.00 23.25 ? 327 TRP A CE2 1 
ATOM   615  C  CE3 . TRP A 1 78  ? 6.101   -8.103  -2.840  1.00 21.69 ? 327 TRP A CE3 1 
ATOM   616  C  CZ2 . TRP A 1 78  ? 6.312   -9.412  -5.351  1.00 23.52 ? 327 TRP A CZ2 1 
ATOM   617  C  CZ3 . TRP A 1 78  ? 6.115   -7.389  -4.026  1.00 21.81 ? 327 TRP A CZ3 1 
ATOM   618  C  CH2 . TRP A 1 78  ? 6.220   -8.045  -5.268  1.00 22.69 ? 327 TRP A CH2 1 
ATOM   619  N  N   . GLN A 1 79  ? 8.337   -8.543  1.622   1.00 24.84 ? 328 GLN A N   1 
ATOM   620  C  CA  . GLN A 1 79  ? 8.527   -7.903  2.918   1.00 25.92 ? 328 GLN A CA  1 
ATOM   621  C  C   . GLN A 1 79  ? 7.946   -6.485  2.954   1.00 25.20 ? 328 GLN A C   1 
ATOM   622  O  O   . GLN A 1 79  ? 8.089   -5.728  2.000   1.00 25.61 ? 328 GLN A O   1 
ATOM   623  C  CB  . GLN A 1 79  ? 10.030  -7.856  3.206   1.00 29.00 ? 328 GLN A CB  1 
ATOM   624  C  CG  . GLN A 1 79  ? 10.457  -7.031  4.402   1.00 36.31 ? 328 GLN A CG  1 
ATOM   625  C  CD  . GLN A 1 79  ? 11.974  -6.874  4.477   1.00 41.19 ? 328 GLN A CD  1 
ATOM   626  O  OE1 . GLN A 1 79  ? 12.503  -6.187  5.359   1.00 42.97 ? 328 GLN A OE1 1 
ATOM   627  N  NE2 . GLN A 1 79  ? 12.682  -7.513  3.545   1.00 42.76 ? 328 GLN A NE2 1 
ATOM   628  N  N   . TRP A 1 80  ? 7.291   -6.130  4.055   1.00 24.56 ? 329 TRP A N   1 
ATOM   629  C  CA  . TRP A 1 80  ? 6.722   -4.792  4.201   1.00 24.13 ? 329 TRP A CA  1 
ATOM   630  C  C   . TRP A 1 80  ? 7.867   -3.828  4.476   1.00 25.02 ? 329 TRP A C   1 
ATOM   631  O  O   . TRP A 1 80  ? 8.941   -4.251  4.901   1.00 27.12 ? 329 TRP A O   1 
ATOM   632  C  CB  . TRP A 1 80  ? 5.720   -4.749  5.353   1.00 21.28 ? 329 TRP A CB  1 
ATOM   633  C  CG  . TRP A 1 80  ? 4.528   -5.644  5.172   1.00 20.28 ? 329 TRP A CG  1 
ATOM   634  C  CD1 . TRP A 1 80  ? 4.335   -6.871  5.732   1.00 20.12 ? 329 TRP A CD1 1 
ATOM   635  C  CD2 . TRP A 1 80  ? 3.351   -5.364  4.402   1.00 20.61 ? 329 TRP A CD2 1 
ATOM   636  N  NE1 . TRP A 1 80  ? 3.106   -7.372  5.368   1.00 19.35 ? 329 TRP A NE1 1 
ATOM   637  C  CE2 . TRP A 1 80  ? 2.483   -6.467  4.551   1.00 20.22 ? 329 TRP A CE2 1 
ATOM   638  C  CE3 . TRP A 1 80  ? 2.945   -4.287  3.603   1.00 20.56 ? 329 TRP A CE3 1 
ATOM   639  C  CZ2 . TRP A 1 80  ? 1.231   -6.527  3.932   1.00 21.18 ? 329 TRP A CZ2 1 
ATOM   640  C  CZ3 . TRP A 1 80  ? 1.702   -4.345  2.984   1.00 21.16 ? 329 TRP A CZ3 1 
ATOM   641  C  CH2 . TRP A 1 80  ? 0.859   -5.460  3.153   1.00 23.02 ? 329 TRP A CH2 1 
ATOM   642  N  N   . VAL A 1 81  ? 7.654   -2.539  4.234   1.00 24.65 ? 330 VAL A N   1 
ATOM   643  C  CA  . VAL A 1 81  ? 8.713   -1.562  4.455   1.00 27.01 ? 330 VAL A CA  1 
ATOM   644  C  C   . VAL A 1 81  ? 9.080   -1.349  5.917   1.00 30.05 ? 330 VAL A C   1 
ATOM   645  O  O   . VAL A 1 81  ? 10.157  -0.836  6.214   1.00 29.30 ? 330 VAL A O   1 
ATOM   646  C  CB  . VAL A 1 81  ? 8.361   -0.198  3.854   1.00 26.96 ? 330 VAL A CB  1 
ATOM   647  C  CG1 . VAL A 1 81  ? 8.291   -0.307  2.343   1.00 27.53 ? 330 VAL A CG1 1 
ATOM   648  C  CG2 . VAL A 1 81  ? 7.045   0.300   4.431   1.00 24.62 ? 330 VAL A CG2 1 
ATOM   649  N  N   . ASP A 1 82  ? 8.190   -1.727  6.829   1.00 33.31 ? 331 ASP A N   1 
ATOM   650  C  CA  . ASP A 1 82  ? 8.477   -1.564  8.252   1.00 37.28 ? 331 ASP A CA  1 
ATOM   651  C  C   . ASP A 1 82  ? 9.487   -2.630  8.674   1.00 39.53 ? 331 ASP A C   1 
ATOM   652  O  O   . ASP A 1 82  ? 10.120  -2.525  9.726   1.00 40.93 ? 331 ASP A O   1 
ATOM   653  C  CB  . ASP A 1 82  ? 7.193   -1.698  9.079   1.00 37.25 ? 331 ASP A CB  1 
ATOM   654  C  CG  . ASP A 1 82  ? 6.634   -3.107  9.068   1.00 38.72 ? 331 ASP A CG  1 
ATOM   655  O  OD1 . ASP A 1 82  ? 7.012   -3.886  8.166   1.00 39.44 ? 331 ASP A OD1 1 
ATOM   656  O  OD2 . ASP A 1 82  ? 5.810   -3.434  9.955   1.00 39.05 ? 331 ASP A OD2 1 
ATOM   657  N  N   . GLY A 1 83  ? 9.636   -3.649  7.833   1.00 40.53 ? 332 GLY A N   1 
ATOM   658  C  CA  . GLY A 1 83  ? 10.563  -4.725  8.122   1.00 41.37 ? 332 GLY A CA  1 
ATOM   659  C  C   . GLY A 1 83  ? 9.852   -6.052  8.299   1.00 41.77 ? 332 GLY A C   1 
ATOM   660  O  O   . GLY A 1 83  ? 10.450  -7.112  8.123   1.00 42.60 ? 332 GLY A O   1 
ATOM   661  N  N   . SER A 1 84  ? 8.570   -5.989  8.649   1.00 41.93 ? 333 SER A N   1 
ATOM   662  C  CA  . SER A 1 84  ? 7.757   -7.181  8.855   1.00 42.04 ? 333 SER A CA  1 
ATOM   663  C  C   . SER A 1 84  ? 7.631   -7.990  7.568   1.00 41.76 ? 333 SER A C   1 
ATOM   664  O  O   . SER A 1 84  ? 7.624   -7.434  6.474   1.00 42.41 ? 333 SER A O   1 
ATOM   665  C  CB  . SER A 1 84  ? 6.357   -6.784  9.345   1.00 43.65 ? 333 SER A CB  1 
ATOM   666  O  OG  . SER A 1 84  ? 5.498   -7.914  9.458   1.00 46.31 ? 333 SER A OG  1 
ATOM   667  N  N   . PRO A 1 85  ? 7.545   -9.320  7.685   1.00 40.87 ? 334 PRO A N   1 
ATOM   668  C  CA  . PRO A 1 85  ? 7.416   -10.173 6.502   1.00 39.37 ? 334 PRO A CA  1 
ATOM   669  C  C   . PRO A 1 85  ? 5.949   -10.418 6.167   1.00 39.18 ? 334 PRO A C   1 
ATOM   670  O  O   . PRO A 1 85  ? 5.079   -10.300 7.031   1.00 38.44 ? 334 PRO A O   1 
ATOM   671  C  CB  . PRO A 1 85  ? 8.124   -11.446 6.932   1.00 39.89 ? 334 PRO A CB  1 
ATOM   672  C  CG  . PRO A 1 85  ? 7.716   -11.553 8.366   1.00 40.92 ? 334 PRO A CG  1 
ATOM   673  C  CD  . PRO A 1 85  ? 7.883   -10.124 8.875   1.00 41.12 ? 334 PRO A CD  1 
ATOM   674  N  N   . LEU A 1 86  ? 5.678   -10.751 4.909   1.00 38.73 ? 335 LEU A N   1 
ATOM   675  C  CA  . LEU A 1 86  ? 4.314   -11.024 4.477   1.00 37.78 ? 335 LEU A CA  1 
ATOM   676  C  C   . LEU A 1 86  ? 3.882   -12.357 5.072   1.00 38.25 ? 335 LEU A C   1 
ATOM   677  O  O   . LEU A 1 86  ? 4.554   -13.369 4.889   1.00 37.74 ? 335 LEU A O   1 
ATOM   678  C  CB  . LEU A 1 86  ? 4.240   -11.088 2.951   1.00 36.32 ? 335 LEU A CB  1 
ATOM   679  C  CG  . LEU A 1 86  ? 2.869   -11.419 2.357   1.00 35.27 ? 335 LEU A CG  1 
ATOM   680  C  CD1 . LEU A 1 86  ? 1.842   -10.407 2.839   1.00 34.57 ? 335 LEU A CD1 1 
ATOM   681  C  CD2 . LEU A 1 86  ? 2.956   -11.421 0.839   1.00 33.85 ? 335 LEU A CD2 1 
ATOM   682  N  N   . LEU A 1 87  ? 2.760   -12.351 5.784   1.00 39.83 ? 336 LEU A N   1 
ATOM   683  C  CA  . LEU A 1 87  ? 2.247   -13.556 6.423   1.00 40.45 ? 336 LEU A CA  1 
ATOM   684  C  C   . LEU A 1 87  ? 1.434   -14.438 5.475   1.00 41.37 ? 336 LEU A C   1 
ATOM   685  O  O   . LEU A 1 87  ? 0.887   -13.959 4.480   1.00 41.94 ? 336 LEU A O   1 
ATOM   686  C  CB  . LEU A 1 87  ? 1.400   -13.172 7.637   1.00 40.54 ? 336 LEU A CB  1 
ATOM   687  C  CG  . LEU A 1 87  ? 2.131   -12.344 8.699   1.00 40.26 ? 336 LEU A CG  1 
ATOM   688  C  CD1 . LEU A 1 87  ? 1.166   -11.982 9.814   1.00 40.53 ? 336 LEU A CD1 1 
ATOM   689  C  CD2 . LEU A 1 87  ? 3.319   -13.126 9.245   1.00 40.61 ? 336 LEU A CD2 1 
ATOM   690  N  N   . PRO A 1 88  ? 1.342   -15.745 5.783   1.00 41.29 ? 337 PRO A N   1 
ATOM   691  C  CA  . PRO A 1 88  ? 0.611   -16.747 4.997   1.00 41.20 ? 337 PRO A CA  1 
ATOM   692  C  C   . PRO A 1 88  ? -0.867  -16.432 4.763   1.00 41.61 ? 337 PRO A C   1 
ATOM   693  O  O   . PRO A 1 88  ? -1.430  -16.779 3.721   1.00 40.80 ? 337 PRO A O   1 
ATOM   694  C  CB  . PRO A 1 88  ? 0.795   -18.023 5.813   1.00 41.05 ? 337 PRO A CB  1 
ATOM   695  C  CG  . PRO A 1 88  ? 2.128   -17.810 6.467   1.00 41.75 ? 337 PRO A CG  1 
ATOM   696  C  CD  . PRO A 1 88  ? 2.026   -16.381 6.921   1.00 40.55 ? 337 PRO A CD  1 
ATOM   697  N  N   . SER A 1 89  ? -1.491  -15.780 5.739   1.00 42.52 ? 338 SER A N   1 
ATOM   698  C  CA  . SER A 1 89  ? -2.907  -15.429 5.646   1.00 43.53 ? 338 SER A CA  1 
ATOM   699  C  C   . SER A 1 89  ? -3.196  -14.257 4.708   1.00 44.30 ? 338 SER A C   1 
ATOM   700  O  O   . SER A 1 89  ? -4.340  -14.040 4.306   1.00 44.14 ? 338 SER A O   1 
ATOM   701  C  CB  . SER A 1 89  ? -3.449  -15.123 7.045   1.00 43.49 ? 338 SER A CB  1 
ATOM   702  O  OG  . SER A 1 89  ? -2.520  -14.353 7.788   1.00 43.89 ? 338 SER A OG  1 
ATOM   703  N  N   . PHE A 1 90  ? -2.155  -13.510 4.355   1.00 44.87 ? 339 PHE A N   1 
ATOM   704  C  CA  . PHE A 1 90  ? -2.305  -12.361 3.469   1.00 44.28 ? 339 PHE A CA  1 
ATOM   705  C  C   . PHE A 1 90  ? -2.028  -12.716 2.012   1.00 42.91 ? 339 PHE A C   1 
ATOM   706  O  O   . PHE A 1 90  ? -2.340  -11.942 1.108   1.00 43.05 ? 339 PHE A O   1 
ATOM   707  C  CB  . PHE A 1 90  ? -1.357  -11.241 3.902   1.00 45.59 ? 339 PHE A CB  1 
ATOM   708  C  CG  . PHE A 1 90  ? -1.691  -10.649 5.239   1.00 48.60 ? 339 PHE A CG  1 
ATOM   709  C  CD1 . PHE A 1 90  ? -2.853  -9.903  5.414   1.00 50.31 ? 339 PHE A CD1 1 
ATOM   710  C  CD2 . PHE A 1 90  ? -0.847  -10.841 6.329   1.00 49.86 ? 339 PHE A CD2 1 
ATOM   711  C  CE1 . PHE A 1 90  ? -3.173  -9.356  6.657   1.00 50.34 ? 339 PHE A CE1 1 
ATOM   712  C  CE2 . PHE A 1 90  ? -1.157  -10.299 7.578   1.00 50.33 ? 339 PHE A CE2 1 
ATOM   713  C  CZ  . PHE A 1 90  ? -2.321  -9.556  7.742   1.00 50.86 ? 339 PHE A CZ  1 
ATOM   714  N  N   . LYS A 1 91  ? -1.452  -13.888 1.779   1.00 41.05 ? 340 LYS A N   1 
ATOM   715  C  CA  . LYS A 1 91  ? -1.124  -14.292 0.420   1.00 38.99 ? 340 LYS A CA  1 
ATOM   716  C  C   . LYS A 1 91  ? -2.331  -14.666 -0.420  1.00 36.91 ? 340 LYS A C   1 
ATOM   717  O  O   . LYS A 1 91  ? -2.219  -14.900 -1.619  1.00 37.52 ? 340 LYS A O   1 
ATOM   718  C  CB  . LYS A 1 91  ? -0.091  -15.417 0.464   1.00 40.46 ? 340 LYS A CB  1 
ATOM   719  C  CG  . LYS A 1 91  ? 1.213   -14.926 1.094   1.00 42.22 ? 340 LYS A CG  1 
ATOM   720  C  CD  . LYS A 1 91  ? 2.286   -15.992 1.232   1.00 42.39 ? 340 LYS A CD  1 
ATOM   721  C  CE  . LYS A 1 91  ? 3.510   -15.407 1.933   1.00 42.12 ? 340 LYS A CE  1 
ATOM   722  N  NZ  . LYS A 1 91  ? 4.587   -16.407 2.169   1.00 44.36 ? 340 LYS A NZ  1 
ATOM   723  N  N   . GLN A 1 92  ? -3.496  -14.687 0.210   1.00 36.00 ? 341 GLN A N   1 
ATOM   724  C  CA  . GLN A 1 92  ? -4.734  -15.008 -0.489  1.00 35.45 ? 341 GLN A CA  1 
ATOM   725  C  C   . GLN A 1 92  ? -5.230  -13.799 -1.289  1.00 34.54 ? 341 GLN A C   1 
ATOM   726  O  O   . GLN A 1 92  ? -6.159  -13.916 -2.090  1.00 33.97 ? 341 GLN A O   1 
ATOM   727  C  CB  . GLN A 1 92  ? -5.819  -15.398 0.520   1.00 37.09 ? 341 GLN A CB  1 
ATOM   728  C  CG  . GLN A 1 92  ? -6.037  -14.341 1.602   1.00 40.34 ? 341 GLN A CG  1 
ATOM   729  C  CD  . GLN A 1 92  ? -7.405  -14.422 2.256   1.00 42.53 ? 341 GLN A CD  1 
ATOM   730  O  OE1 . GLN A 1 92  ? -8.421  -14.064 1.651   1.00 44.00 ? 341 GLN A OE1 1 
ATOM   731  N  NE2 . GLN A 1 92  ? -7.439  -14.896 3.498   1.00 42.30 ? 341 GLN A NE2 1 
ATOM   732  N  N   . TYR A 1 93  ? -4.614  -12.639 -1.072  1.00 32.47 ? 342 TYR A N   1 
ATOM   733  C  CA  . TYR A 1 93  ? -5.049  -11.423 -1.755  1.00 31.38 ? 342 TYR A CA  1 
ATOM   734  C  C   . TYR A 1 93  ? -4.409  -11.109 -3.109  1.00 30.66 ? 342 TYR A C   1 
ATOM   735  O  O   . TYR A 1 93  ? -4.854  -10.189 -3.801  1.00 30.81 ? 342 TYR A O   1 
ATOM   736  C  CB  . TYR A 1 93  ? -4.905  -10.226 -0.805  1.00 29.68 ? 342 TYR A CB  1 
ATOM   737  C  CG  . TYR A 1 93  ? -5.667  -10.413 0.491   1.00 28.21 ? 342 TYR A CG  1 
ATOM   738  C  CD1 . TYR A 1 93  ? -5.003  -10.429 1.716   1.00 29.47 ? 342 TYR A CD1 1 
ATOM   739  C  CD2 . TYR A 1 93  ? -7.048  -10.618 0.490   1.00 27.08 ? 342 TYR A CD2 1 
ATOM   740  C  CE1 . TYR A 1 93  ? -5.691  -10.648 2.912   1.00 29.27 ? 342 TYR A CE1 1 
ATOM   741  C  CE2 . TYR A 1 93  ? -7.749  -10.839 1.677   1.00 27.73 ? 342 TYR A CE2 1 
ATOM   742  C  CZ  . TYR A 1 93  ? -7.064  -10.855 2.885   1.00 29.92 ? 342 TYR A CZ  1 
ATOM   743  O  OH  . TYR A 1 93  ? -7.736  -11.092 4.067   1.00 32.03 ? 342 TYR A OH  1 
ATOM   744  N  N   . TRP A 1 94  ? -3.377  -11.856 -3.500  1.00 29.52 ? 343 TRP A N   1 
ATOM   745  C  CA  . TRP A 1 94  ? -2.759  -11.619 -4.808  1.00 28.39 ? 343 TRP A CA  1 
ATOM   746  C  C   . TRP A 1 94  ? -3.818  -11.909 -5.867  1.00 29.26 ? 343 TRP A C   1 
ATOM   747  O  O   . TRP A 1 94  ? -4.702  -12.741 -5.653  1.00 28.80 ? 343 TRP A O   1 
ATOM   748  C  CB  . TRP A 1 94  ? -1.573  -12.562 -5.061  1.00 25.48 ? 343 TRP A CB  1 
ATOM   749  C  CG  . TRP A 1 94  ? -0.351  -12.326 -4.223  1.00 22.56 ? 343 TRP A CG  1 
ATOM   750  C  CD1 . TRP A 1 94  ? 0.121   -13.127 -3.220  1.00 21.87 ? 343 TRP A CD1 1 
ATOM   751  C  CD2 . TRP A 1 94  ? 0.578   -11.242 -4.340  1.00 19.18 ? 343 TRP A CD2 1 
ATOM   752  N  NE1 . TRP A 1 94  ? 1.285   -12.610 -2.711  1.00 21.59 ? 343 TRP A NE1 1 
ATOM   753  C  CE2 . TRP A 1 94  ? 1.590   -11.453 -3.380  1.00 18.69 ? 343 TRP A CE2 1 
ATOM   754  C  CE3 . TRP A 1 94  ? 0.656   -10.116 -5.167  1.00 16.61 ? 343 TRP A CE3 1 
ATOM   755  C  CZ2 . TRP A 1 94  ? 2.667   -10.577 -3.220  1.00 17.10 ? 343 TRP A CZ2 1 
ATOM   756  C  CZ3 . TRP A 1 94  ? 1.727   -9.246  -5.009  1.00 15.84 ? 343 TRP A CZ3 1 
ATOM   757  C  CH2 . TRP A 1 94  ? 2.719   -9.483  -4.042  1.00 15.39 ? 343 TRP A CH2 1 
ATOM   758  N  N   . ASN A 1 95  ? -3.743  -11.220 -7.000  1.00 30.29 ? 344 ASN A N   1 
ATOM   759  C  CA  . ASN A 1 95  ? -4.693  -11.468 -8.072  1.00 31.53 ? 344 ASN A CA  1 
ATOM   760  C  C   . ASN A 1 95  ? -4.341  -12.821 -8.694  1.00 34.20 ? 344 ASN A C   1 
ATOM   761  O  O   . ASN A 1 95  ? -3.166  -13.194 -8.780  1.00 33.32 ? 344 ASN A O   1 
ATOM   762  C  CB  . ASN A 1 95  ? -4.626  -10.368 -9.142  1.00 30.29 ? 344 ASN A CB  1 
ATOM   763  C  CG  . ASN A 1 95  ? -5.342  -9.090  -8.724  1.00 30.09 ? 344 ASN A CG  1 
ATOM   764  O  OD1 . ASN A 1 95  ? -6.251  -9.122  -7.899  1.00 30.08 ? 344 ASN A OD1 1 
ATOM   765  N  ND2 . ASN A 1 95  ? -4.949  -7.964  -9.312  1.00 27.46 ? 344 ASN A ND2 1 
ATOM   766  N  N   . ARG A 1 96  ? -5.363  -13.558 -9.111  1.00 35.86 ? 345 ARG A N   1 
ATOM   767  C  CA  . ARG A 1 96  ? -5.161  -14.862 -9.726  1.00 36.73 ? 345 ARG A CA  1 
ATOM   768  C  C   . ARG A 1 96  ? -4.031  -14.742 -10.739 1.00 35.00 ? 345 ARG A C   1 
ATOM   769  O  O   . ARG A 1 96  ? -4.086  -13.909 -11.639 1.00 35.54 ? 345 ARG A O   1 
ATOM   770  C  CB  . ARG A 1 96  ? -6.443  -15.302 -10.432 1.00 40.46 ? 345 ARG A CB  1 
ATOM   771  C  CG  . ARG A 1 96  ? -6.457  -16.751 -10.878 1.00 44.00 ? 345 ARG A CG  1 
ATOM   772  C  CD  . ARG A 1 96  ? -7.167  -16.873 -12.209 1.00 45.94 ? 345 ARG A CD  1 
ATOM   773  N  NE  . ARG A 1 96  ? -6.460  -16.111 -13.232 1.00 47.87 ? 345 ARG A NE  1 
ATOM   774  C  CZ  . ARG A 1 96  ? -6.838  -16.024 -14.502 1.00 49.42 ? 345 ARG A CZ  1 
ATOM   775  N  NH1 . ARG A 1 96  ? -7.930  -16.657 -14.916 1.00 49.77 ? 345 ARG A NH1 1 
ATOM   776  N  NH2 . ARG A 1 96  ? -6.121  -15.308 -15.359 1.00 49.31 ? 345 ARG A NH2 1 
ATOM   777  N  N   . GLY A 1 97  ? -2.999  -15.566 -10.579 1.00 33.29 ? 346 GLY A N   1 
ATOM   778  C  CA  . GLY A 1 97  ? -1.872  -15.522 -11.493 1.00 31.10 ? 346 GLY A CA  1 
ATOM   779  C  C   . GLY A 1 97  ? -0.749  -14.622 -11.009 1.00 30.08 ? 346 GLY A C   1 
ATOM   780  O  O   . GLY A 1 97  ? 0.281   -14.499 -11.664 1.00 30.82 ? 346 GLY A O   1 
ATOM   781  N  N   . GLU A 1 98  ? -0.946  -13.986 -9.861  1.00 29.17 ? 347 GLU A N   1 
ATOM   782  C  CA  . GLU A 1 98  ? 0.062   -13.099 -9.304  1.00 28.46 ? 347 GLU A CA  1 
ATOM   783  C  C   . GLU A 1 98  ? 0.647   -13.718 -8.036  1.00 27.19 ? 347 GLU A C   1 
ATOM   784  O  O   . GLU A 1 98  ? 0.010   -14.555 -7.400  1.00 27.44 ? 347 GLU A O   1 
ATOM   785  C  CB  . GLU A 1 98  ? -0.557  -11.740 -8.965  1.00 28.38 ? 347 GLU A CB  1 
ATOM   786  C  CG  . GLU A 1 98  ? -1.277  -11.044 -10.115 1.00 30.11 ? 347 GLU A CG  1 
ATOM   787  C  CD  . GLU A 1 98  ? -0.387  -10.780 -11.316 1.00 33.08 ? 347 GLU A CD  1 
ATOM   788  O  OE1 . GLU A 1 98  ? 0.853   -10.734 -11.159 1.00 36.15 ? 347 GLU A OE1 1 
ATOM   789  O  OE2 . GLU A 1 98  ? -0.930  -10.600 -12.427 1.00 35.48 ? 347 GLU A OE2 1 
ATOM   790  N  N   . PRO A 1 99  ? 1.880   -13.335 -7.668  1.00 26.30 ? 348 PRO A N   1 
ATOM   791  C  CA  . PRO A 1 99  ? 2.725   -12.371 -8.386  1.00 26.38 ? 348 PRO A CA  1 
ATOM   792  C  C   . PRO A 1 99  ? 3.479   -13.118 -9.486  1.00 24.97 ? 348 PRO A C   1 
ATOM   793  O  O   . PRO A 1 99  ? 3.858   -14.263 -9.285  1.00 26.08 ? 348 PRO A O   1 
ATOM   794  C  CB  . PRO A 1 99  ? 3.643   -11.839 -7.284  1.00 24.88 ? 348 PRO A CB  1 
ATOM   795  C  CG  . PRO A 1 99  ? 3.845   -13.048 -6.420  1.00 24.68 ? 348 PRO A CG  1 
ATOM   796  C  CD  . PRO A 1 99  ? 2.456   -13.664 -6.350  1.00 25.40 ? 348 PRO A CD  1 
ATOM   797  N  N   . ASN A 1 100 ? 3.700   -12.484 -10.637 1.00 25.11 ? 349 ASN A N   1 
ATOM   798  C  CA  . ASN A 1 100 ? 4.382   -13.170 -11.731 1.00 25.80 ? 349 ASN A CA  1 
ATOM   799  C  C   . ASN A 1 100 ? 5.741   -12.637 -12.150 1.00 25.69 ? 349 ASN A C   1 
ATOM   800  O  O   . ASN A 1 100 ? 6.394   -13.218 -13.015 1.00 27.28 ? 349 ASN A O   1 
ATOM   801  C  CB  . ASN A 1 100 ? 3.474   -13.253 -12.966 1.00 26.63 ? 349 ASN A CB  1 
ATOM   802  C  CG  . ASN A 1 100 ? 3.045   -11.892 -13.474 1.00 27.51 ? 349 ASN A CG  1 
ATOM   803  O  OD1 . ASN A 1 100 ? 3.635   -10.870 -13.134 1.00 27.16 ? 349 ASN A OD1 1 
ATOM   804  N  ND2 . ASN A 1 100 ? 2.016   -11.876 -14.309 1.00 29.98 ? 349 ASN A ND2 1 
ATOM   805  N  N   . ASN A 1 101 ? 6.159   -11.523 -11.564 1.00 24.84 ? 350 ASN A N   1 
ATOM   806  C  CA  . ASN A 1 101 ? 7.468   -10.953 -11.863 1.00 25.09 ? 350 ASN A CA  1 
ATOM   807  C  C   . ASN A 1 101 ? 7.768   -10.758 -13.355 1.00 26.29 ? 350 ASN A C   1 
ATOM   808  O  O   . ASN A 1 101 ? 8.934   -10.725 -13.754 1.00 24.81 ? 350 ASN A O   1 
ATOM   809  C  CB  . ASN A 1 101 ? 8.546   -11.842 -11.244 1.00 23.19 ? 350 ASN A CB  1 
ATOM   810  C  CG  . ASN A 1 101 ? 9.816   -11.084 -10.921 1.00 23.52 ? 350 ASN A CG  1 
ATOM   811  O  OD1 . ASN A 1 101 ? 9.781   -10.056 -10.246 1.00 25.74 ? 350 ASN A OD1 1 
ATOM   812  N  ND2 . ASN A 1 101 ? 10.947  -11.595 -11.387 1.00 21.77 ? 350 ASN A ND2 1 
ATOM   813  N  N   . VAL A 1 102 ? 6.732   -10.615 -14.177 1.00 27.15 ? 351 VAL A N   1 
ATOM   814  C  CA  . VAL A 1 102 ? 6.946   -10.426 -15.611 1.00 29.99 ? 351 VAL A CA  1 
ATOM   815  C  C   . VAL A 1 102 ? 7.685   -9.127  -15.923 1.00 31.34 ? 351 VAL A C   1 
ATOM   816  O  O   . VAL A 1 102 ? 7.162   -8.030  -15.713 1.00 32.22 ? 351 VAL A O   1 
ATOM   817  C  CB  . VAL A 1 102 ? 5.610   -10.444 -16.392 1.00 29.90 ? 351 VAL A CB  1 
ATOM   818  C  CG1 . VAL A 1 102 ? 4.857   -11.718 -16.073 1.00 31.04 ? 351 VAL A CG1 1 
ATOM   819  C  CG2 . VAL A 1 102 ? 4.759   -9.222  -16.050 1.00 29.83 ? 351 VAL A CG2 1 
ATOM   820  N  N   . GLY A 1 103 ? 8.909   -9.253  -16.423 1.00 31.91 ? 352 GLY A N   1 
ATOM   821  C  CA  . GLY A 1 103 ? 9.688   -8.073  -16.748 1.00 32.66 ? 352 GLY A CA  1 
ATOM   822  C  C   . GLY A 1 103 ? 10.356  -7.490  -15.518 1.00 34.55 ? 352 GLY A C   1 
ATOM   823  O  O   . GLY A 1 103 ? 10.837  -6.347  -15.533 1.00 35.41 ? 352 GLY A O   1 
ATOM   824  N  N   . GLU A 1 104 ? 10.383  -8.281  -14.448 1.00 33.21 ? 353 GLU A N   1 
ATOM   825  C  CA  . GLU A 1 104 ? 10.991  -7.881  -13.186 1.00 32.74 ? 353 GLU A CA  1 
ATOM   826  C  C   . GLU A 1 104 ? 10.130  -6.848  -12.453 1.00 31.19 ? 353 GLU A C   1 
ATOM   827  O  O   . GLU A 1 104 ? 10.352  -5.639  -12.561 1.00 31.82 ? 353 GLU A O   1 
ATOM   828  C  CB  . GLU A 1 104 ? 12.398  -7.320  -13.426 1.00 35.02 ? 353 GLU A CB  1 
ATOM   829  C  CG  . GLU A 1 104 ? 13.261  -7.297  -12.178 1.00 40.40 ? 353 GLU A CG  1 
ATOM   830  C  CD  . GLU A 1 104 ? 13.520  -8.697  -11.636 1.00 43.45 ? 353 GLU A CD  1 
ATOM   831  O  OE1 . GLU A 1 104 ? 14.318  -9.437  -12.254 1.00 44.57 ? 353 GLU A OE1 1 
ATOM   832  O  OE2 . GLU A 1 104 ? 12.917  -9.062  -10.601 1.00 43.87 ? 353 GLU A OE2 1 
ATOM   833  N  N   . GLU A 1 105 ? 9.141   -7.341  -11.714 1.00 28.58 ? 354 GLU A N   1 
ATOM   834  C  CA  . GLU A 1 105 ? 8.235   -6.494  -10.945 1.00 25.08 ? 354 GLU A CA  1 
ATOM   835  C  C   . GLU A 1 105 ? 8.483   -6.772  -9.456  1.00 22.37 ? 354 GLU A C   1 
ATOM   836  O  O   . GLU A 1 105 ? 8.147   -7.846  -8.950  1.00 19.31 ? 354 GLU A O   1 
ATOM   837  C  CB  . GLU A 1 105 ? 6.790   -6.822  -11.327 1.00 26.15 ? 354 GLU A CB  1 
ATOM   838  C  CG  . GLU A 1 105 ? 6.540   -6.824  -12.832 1.00 29.35 ? 354 GLU A CG  1 
ATOM   839  C  CD  . GLU A 1 105 ? 5.081   -7.069  -13.192 1.00 32.88 ? 354 GLU A CD  1 
ATOM   840  O  OE1 . GLU A 1 105 ? 4.547   -8.153  -12.863 1.00 32.99 ? 354 GLU A OE1 1 
ATOM   841  O  OE2 . GLU A 1 105 ? 4.463   -6.171  -13.808 1.00 35.32 ? 354 GLU A OE2 1 
ATOM   842  N  N   . ASP A 1 106 ? 9.071   -5.810  -8.755  1.00 19.27 ? 355 ASP A N   1 
ATOM   843  C  CA  . ASP A 1 106 ? 9.377   -6.007  -7.345  1.00 19.89 ? 355 ASP A CA  1 
ATOM   844  C  C   . ASP A 1 106 ? 8.568   -5.207  -6.340  1.00 18.58 ? 355 ASP A C   1 
ATOM   845  O  O   . ASP A 1 106 ? 8.900   -5.180  -5.158  1.00 17.90 ? 355 ASP A O   1 
ATOM   846  C  CB  . ASP A 1 106 ? 10.864  -5.755  -7.099  1.00 18.60 ? 355 ASP A CB  1 
ATOM   847  C  CG  . ASP A 1 106 ? 11.745  -6.738  -7.834  1.00 18.95 ? 355 ASP A CG  1 
ATOM   848  O  OD1 . ASP A 1 106 ? 11.210  -7.761  -8.320  1.00 17.15 ? 355 ASP A OD1 1 
ATOM   849  O  OD2 . ASP A 1 106 ? 12.970  -6.491  -7.915  1.00 19.65 ? 355 ASP A OD2 1 
ATOM   850  N  N   . CYS A 1 107 ? 7.499   -4.573  -6.794  1.00 17.58 ? 356 CYS A N   1 
ATOM   851  C  CA  . CYS A 1 107 ? 6.684   -3.772  -5.898  1.00 17.43 ? 356 CYS A CA  1 
ATOM   852  C  C   . CYS A 1 107 ? 5.207   -4.126  -6.037  1.00 14.56 ? 356 CYS A C   1 
ATOM   853  O  O   . CYS A 1 107 ? 4.738   -4.427  -7.129  1.00 15.35 ? 356 CYS A O   1 
ATOM   854  C  CB  . CYS A 1 107 ? 6.962   -2.294  -6.188  1.00 19.20 ? 356 CYS A CB  1 
ATOM   855  S  SG  . CYS A 1 107 ? 8.669   -1.868  -5.709  1.00 25.56 ? 356 CYS A SG  1 
ATOM   856  N  N   . ALA A 1 108 ? 4.480   -4.100  -4.925  1.00 13.38 ? 357 ALA A N   1 
ATOM   857  C  CA  . ALA A 1 108 ? 3.061   -4.454  -4.934  1.00 13.95 ? 357 ALA A CA  1 
ATOM   858  C  C   . ALA A 1 108 ? 2.118   -3.256  -5.002  1.00 13.72 ? 357 ALA A C   1 
ATOM   859  O  O   . ALA A 1 108 ? 2.404   -2.198  -4.452  1.00 11.03 ? 357 ALA A O   1 
ATOM   860  C  CB  . ALA A 1 108 ? 2.727   -5.300  -3.706  1.00 10.41 ? 357 ALA A CB  1 
ATOM   861  N  N   . GLU A 1 109 ? 0.978   -3.462  -5.658  1.00 15.03 ? 358 GLU A N   1 
ATOM   862  C  CA  . GLU A 1 109 ? -0.038  -2.431  -5.832  1.00 17.64 ? 358 GLU A CA  1 
ATOM   863  C  C   . GLU A 1 109 ? -1.440  -3.026  -5.717  1.00 18.21 ? 358 GLU A C   1 
ATOM   864  O  O   . GLU A 1 109 ? -1.638  -4.221  -5.950  1.00 17.41 ? 358 GLU A O   1 
ATOM   865  C  CB  . GLU A 1 109 ? 0.088   -1.793  -7.223  1.00 17.81 ? 358 GLU A CB  1 
ATOM   866  C  CG  . GLU A 1 109 ? -0.074  -2.812  -8.353  1.00 22.75 ? 358 GLU A CG  1 
ATOM   867  C  CD  . GLU A 1 109 ? -0.493  -2.210  -9.696  1.00 26.67 ? 358 GLU A CD  1 
ATOM   868  O  OE1 . GLU A 1 109 ? -0.614  -2.981  -10.677 1.00 28.88 ? 358 GLU A OE1 1 
ATOM   869  O  OE2 . GLU A 1 109 ? -0.710  -0.983  -9.782  1.00 28.36 ? 358 GLU A OE2 1 
ATOM   870  N  N   . PHE A 1 110 ? -2.411  -2.192  -5.354  1.00 18.56 ? 359 PHE A N   1 
ATOM   871  C  CA  . PHE A 1 110 ? -3.788  -2.653  -5.294  1.00 19.20 ? 359 PHE A CA  1 
ATOM   872  C  C   . PHE A 1 110 ? -4.245  -2.578  -6.740  1.00 20.96 ? 359 PHE A C   1 
ATOM   873  O  O   . PHE A 1 110 ? -4.078  -1.546  -7.391  1.00 19.35 ? 359 PHE A O   1 
ATOM   874  C  CB  . PHE A 1 110 ? -4.667  -1.731  -4.461  1.00 17.49 ? 359 PHE A CB  1 
ATOM   875  C  CG  . PHE A 1 110 ? -4.337  -1.726  -3.005  1.00 18.86 ? 359 PHE A CG  1 
ATOM   876  C  CD1 . PHE A 1 110 ? -3.560  -0.711  -2.459  1.00 19.46 ? 359 PHE A CD1 1 
ATOM   877  C  CD2 . PHE A 1 110 ? -4.822  -2.723  -2.170  1.00 19.48 ? 359 PHE A CD2 1 
ATOM   878  C  CE1 . PHE A 1 110 ? -3.274  -0.687  -1.091  1.00 21.82 ? 359 PHE A CE1 1 
ATOM   879  C  CE2 . PHE A 1 110 ? -4.542  -2.711  -0.801  1.00 20.90 ? 359 PHE A CE2 1 
ATOM   880  C  CZ  . PHE A 1 110 ? -3.767  -1.689  -0.260  1.00 20.50 ? 359 PHE A CZ  1 
ATOM   881  N  N   . SER A 1 111 ? -4.806  -3.672  -7.239  1.00 23.45 ? 360 SER A N   1 
ATOM   882  C  CA  . SER A 1 111 ? -5.276  -3.738  -8.615  1.00 26.65 ? 360 SER A CA  1 
ATOM   883  C  C   . SER A 1 111 ? -6.604  -4.467  -8.663  1.00 27.13 ? 360 SER A C   1 
ATOM   884  O  O   . SER A 1 111 ? -6.681  -5.659  -8.358  1.00 28.03 ? 360 SER A O   1 
ATOM   885  C  CB  . SER A 1 111 ? -4.259  -4.475  -9.484  1.00 27.36 ? 360 SER A CB  1 
ATOM   886  O  OG  . SER A 1 111 ? -4.685  -4.521  -10.834 1.00 30.25 ? 360 SER A OG  1 
ATOM   887  N  N   . GLY A 1 112 ? -7.653  -3.755  -9.051  1.00 28.42 ? 361 GLY A N   1 
ATOM   888  C  CA  . GLY A 1 112 ? -8.958  -4.382  -9.110  1.00 27.90 ? 361 GLY A CA  1 
ATOM   889  C  C   . GLY A 1 112 ? -9.352  -4.824  -7.719  1.00 28.15 ? 361 GLY A C   1 
ATOM   890  O  O   . GLY A 1 112 ? -9.388  -4.004  -6.802  1.00 28.51 ? 361 GLY A O   1 
ATOM   891  N  N   . ASN A 1 113 ? -9.622  -6.118  -7.554  1.00 28.76 ? 362 ASN A N   1 
ATOM   892  C  CA  . ASN A 1 113 ? -10.035 -6.671  -6.263  1.00 28.18 ? 362 ASN A CA  1 
ATOM   893  C  C   . ASN A 1 113 ? -8.890  -7.262  -5.453  1.00 26.90 ? 362 ASN A C   1 
ATOM   894  O  O   . ASN A 1 113 ? -9.092  -7.717  -4.323  1.00 26.41 ? 362 ASN A O   1 
ATOM   895  C  CB  . ASN A 1 113 ? -11.100 -7.749  -6.476  1.00 30.40 ? 362 ASN A CB  1 
ATOM   896  C  CG  . ASN A 1 113 ? -12.206 -7.290  -7.399  1.00 34.16 ? 362 ASN A CG  1 
ATOM   897  O  OD1 . ASN A 1 113 ? -12.924 -6.336  -7.101  1.00 36.16 ? 362 ASN A OD1 1 
ATOM   898  N  ND2 . ASN A 1 113 ? -12.341 -7.959  -8.541  1.00 36.52 ? 362 ASN A ND2 1 
ATOM   899  N  N   . GLY A 1 114 ? -7.687  -7.256  -6.016  1.00 25.71 ? 363 GLY A N   1 
ATOM   900  C  CA  . GLY A 1 114 ? -6.559  -7.818  -5.290  1.00 26.61 ? 363 GLY A CA  1 
ATOM   901  C  C   . GLY A 1 114 ? -5.237  -7.098  -5.479  1.00 25.35 ? 363 GLY A C   1 
ATOM   902  O  O   . GLY A 1 114 ? -5.204  -5.923  -5.846  1.00 25.05 ? 363 GLY A O   1 
ATOM   903  N  N   . TRP A 1 115 ? -4.146  -7.811  -5.224  1.00 23.75 ? 364 TRP A N   1 
ATOM   904  C  CA  . TRP A 1 115 ? -2.812  -7.245  -5.364  1.00 22.23 ? 364 TRP A CA  1 
ATOM   905  C  C   . TRP A 1 115 ? -2.149  -7.720  -6.642  1.00 22.45 ? 364 TRP A C   1 
ATOM   906  O  O   . TRP A 1 115 ? -2.543  -8.729  -7.232  1.00 22.17 ? 364 TRP A O   1 
ATOM   907  C  CB  . TRP A 1 115 ? -1.920  -7.648  -4.190  1.00 20.11 ? 364 TRP A CB  1 
ATOM   908  C  CG  . TRP A 1 115 ? -2.458  -7.302  -2.845  1.00 21.32 ? 364 TRP A CG  1 
ATOM   909  C  CD1 . TRP A 1 115 ? -3.545  -6.522  -2.563  1.00 20.83 ? 364 TRP A CD1 1 
ATOM   910  C  CD2 . TRP A 1 115 ? -1.907  -7.695  -1.582  1.00 21.02 ? 364 TRP A CD2 1 
ATOM   911  N  NE1 . TRP A 1 115 ? -3.702  -6.404  -1.204  1.00 21.10 ? 364 TRP A NE1 1 
ATOM   912  C  CE2 . TRP A 1 115 ? -2.712  -7.115  -0.577  1.00 20.76 ? 364 TRP A CE2 1 
ATOM   913  C  CE3 . TRP A 1 115 ? -0.813  -8.481  -1.204  1.00 20.43 ? 364 TRP A CE3 1 
ATOM   914  C  CZ2 . TRP A 1 115 ? -2.456  -7.294  0.782   1.00 22.02 ? 364 TRP A CZ2 1 
ATOM   915  C  CZ3 . TRP A 1 115 ? -0.557  -8.662  0.149   1.00 22.65 ? 364 TRP A CZ3 1 
ATOM   916  C  CH2 . TRP A 1 115 ? -1.377  -8.070  1.127   1.00 23.10 ? 364 TRP A CH2 1 
ATOM   917  N  N   . ASN A 1 116 ? -1.133  -6.977  -7.063  1.00 21.54 ? 365 ASN A N   1 
ATOM   918  C  CA  . ASN A 1 116 ? -0.370  -7.322  -8.247  1.00 20.13 ? 365 ASN A CA  1 
ATOM   919  C  C   . ASN A 1 116 ? 1.008   -6.737  -8.087  1.00 18.35 ? 365 ASN A C   1 
ATOM   920  O  O   . ASN A 1 116 ? 1.167   -5.697  -7.452  1.00 17.17 ? 365 ASN A O   1 
ATOM   921  C  CB  . ASN A 1 116 ? -0.998  -6.742  -9.518  1.00 19.11 ? 365 ASN A CB  1 
ATOM   922  C  CG  . ASN A 1 116 ? -0.125  -6.969  -10.743 1.00 18.69 ? 365 ASN A CG  1 
ATOM   923  O  OD1 . ASN A 1 116 ? 0.253   -8.104  -11.043 1.00 18.27 ? 365 ASN A OD1 1 
ATOM   924  N  ND2 . ASN A 1 116 ? 0.210   -5.894  -11.450 1.00 14.74 ? 365 ASN A ND2 1 
ATOM   925  N  N   . ASP A 1 117 ? 2.005   -7.414  -8.641  1.00 17.02 ? 366 ASP A N   1 
ATOM   926  C  CA  . ASP A 1 117 ? 3.363   -6.894  -8.585  1.00 18.21 ? 366 ASP A CA  1 
ATOM   927  C  C   . ASP A 1 117 ? 3.608   -6.199  -9.915  1.00 17.94 ? 366 ASP A C   1 
ATOM   928  O  O   . ASP A 1 117 ? 3.162   -6.670  -10.957 1.00 17.88 ? 366 ASP A O   1 
ATOM   929  C  CB  . ASP A 1 117 ? 4.384   -8.018  -8.345  1.00 17.59 ? 366 ASP A CB  1 
ATOM   930  C  CG  . ASP A 1 117 ? 4.302   -9.135  -9.373  1.00 15.99 ? 366 ASP A CG  1 
ATOM   931  O  OD1 . ASP A 1 117 ? 3.210   -9.406  -9.902  1.00 15.43 ? 366 ASP A OD1 1 
ATOM   932  O  OD2 . ASP A 1 117 ? 5.339   -9.769  -9.632  1.00 18.64 ? 366 ASP A OD2 1 
ATOM   933  N  N   . ASP A 1 118 ? 4.287   -5.064  -9.875  1.00 20.48 ? 367 ASP A N   1 
ATOM   934  C  CA  . ASP A 1 118 ? 4.560   -4.307  -11.091 1.00 22.64 ? 367 ASP A CA  1 
ATOM   935  C  C   . ASP A 1 118 ? 5.937   -3.670  -10.966 1.00 23.44 ? 367 ASP A C   1 
ATOM   936  O  O   . ASP A 1 118 ? 6.575   -3.779  -9.916  1.00 23.61 ? 367 ASP A O   1 
ATOM   937  C  CB  . ASP A 1 118 ? 3.506   -3.212  -11.276 1.00 23.14 ? 367 ASP A CB  1 
ATOM   938  C  CG  . ASP A 1 118 ? 3.229   -2.911  -12.737 1.00 25.07 ? 367 ASP A CG  1 
ATOM   939  O  OD1 . ASP A 1 118 ? 4.186   -2.947  -13.539 1.00 23.98 ? 367 ASP A OD1 1 
ATOM   940  O  OD2 . ASP A 1 118 ? 2.053   -2.634  -13.079 1.00 24.32 ? 367 ASP A OD2 1 
ATOM   941  N  N   . LYS A 1 119 ? 6.387   -3.009  -12.031 1.00 23.88 ? 368 LYS A N   1 
ATOM   942  C  CA  . LYS A 1 119 ? 7.690   -2.352  -12.041 1.00 25.32 ? 368 LYS A CA  1 
ATOM   943  C  C   . LYS A 1 119 ? 7.722   -1.226  -11.017 1.00 26.12 ? 368 LYS A C   1 
ATOM   944  O  O   . LYS A 1 119 ? 6.840   -0.368  -10.993 1.00 26.65 ? 368 LYS A O   1 
ATOM   945  C  CB  . LYS A 1 119 ? 8.005   -1.791  -13.432 1.00 25.48 ? 368 LYS A CB  1 
ATOM   946  C  CG  . LYS A 1 119 ? 8.151   -2.844  -14.535 1.00 29.78 ? 368 LYS A CG  1 
ATOM   947  C  CD  . LYS A 1 119 ? 6.819   -3.525  -14.841 1.00 32.74 ? 368 LYS A CD  1 
ATOM   948  C  CE  . LYS A 1 119 ? 6.944   -4.575  -15.946 1.00 35.05 ? 368 LYS A CE  1 
ATOM   949  N  NZ  . LYS A 1 119 ? 5.629   -5.247  -16.249 1.00 32.66 ? 368 LYS A NZ  1 
ATOM   950  N  N   . CYS A 1 120 ? 8.746   -1.223  -10.173 1.00 26.11 ? 369 CYS A N   1 
ATOM   951  C  CA  . CYS A 1 120 ? 8.854   -0.199  -9.145  1.00 26.42 ? 369 CYS A CA  1 
ATOM   952  C  C   . CYS A 1 120 ? 9.056   1.207   -9.701  1.00 24.91 ? 369 CYS A C   1 
ATOM   953  O  O   . CYS A 1 120 ? 8.749   2.192   -9.022  1.00 22.96 ? 369 CYS A O   1 
ATOM   954  C  CB  . CYS A 1 120 ? 9.988   -0.537  -8.169  1.00 26.57 ? 369 CYS A CB  1 
ATOM   955  S  SG  . CYS A 1 120 ? 9.842   -2.171  -7.350  1.00 34.06 ? 369 CYS A SG  1 
ATOM   956  N  N   . ASN A 1 121 ? 9.555   1.309   -10.931 1.00 23.73 ? 370 ASN A N   1 
ATOM   957  C  CA  . ASN A 1 121 ? 9.798   2.622   -11.521 1.00 23.24 ? 370 ASN A CA  1 
ATOM   958  C  C   . ASN A 1 121 ? 8.568   3.220   -12.204 1.00 20.16 ? 370 ASN A C   1 
ATOM   959  O  O   . ASN A 1 121 ? 8.626   4.317   -12.734 1.00 19.12 ? 370 ASN A O   1 
ATOM   960  C  CB  . ASN A 1 121 ? 10.954  2.563   -12.518 1.00 28.07 ? 370 ASN A CB  1 
ATOM   961  C  CG  . ASN A 1 121 ? 11.538  3.948   -12.824 1.00 33.54 ? 370 ASN A CG  1 
ATOM   962  O  OD1 . ASN A 1 121 ? 12.119  4.168   -13.899 1.00 36.93 ? 370 ASN A OD1 1 
ATOM   963  N  ND2 . ASN A 1 121 ? 11.401  4.880   -11.877 1.00 31.08 ? 370 ASN A ND2 1 
ATOM   964  N  N   . LEU A 1 122 ? 7.458   2.498   -12.208 1.00 19.31 ? 371 LEU A N   1 
ATOM   965  C  CA  . LEU A 1 122 ? 6.240   3.033   -12.802 1.00 19.75 ? 371 LEU A CA  1 
ATOM   966  C  C   . LEU A 1 122 ? 5.617   4.015   -11.827 1.00 19.73 ? 371 LEU A C   1 
ATOM   967  O  O   . LEU A 1 122 ? 5.791   3.899   -10.612 1.00 19.87 ? 371 LEU A O   1 
ATOM   968  C  CB  . LEU A 1 122 ? 5.237   1.921   -13.089 1.00 21.23 ? 371 LEU A CB  1 
ATOM   969  C  CG  . LEU A 1 122 ? 5.477   1.151   -14.382 1.00 24.56 ? 371 LEU A CG  1 
ATOM   970  C  CD1 . LEU A 1 122 ? 4.454   0.035   -14.498 1.00 26.54 ? 371 LEU A CD1 1 
ATOM   971  C  CD2 . LEU A 1 122 ? 5.377   2.106   -15.566 1.00 22.22 ? 371 LEU A CD2 1 
ATOM   972  N  N   . ALA A 1 123 ? 4.887   4.987   -12.351 1.00 19.35 ? 372 ALA A N   1 
ATOM   973  C  CA  . ALA A 1 123 ? 4.255   5.968   -11.488 1.00 18.41 ? 372 ALA A CA  1 
ATOM   974  C  C   . ALA A 1 123 ? 2.815   5.543   -11.264 1.00 18.44 ? 372 ALA A C   1 
ATOM   975  O  O   . ALA A 1 123 ? 2.085   5.244   -12.212 1.00 16.94 ? 372 ALA A O   1 
ATOM   976  C  CB  . ALA A 1 123 ? 4.308   7.349   -12.125 1.00 16.60 ? 372 ALA A CB  1 
ATOM   977  N  N   . LYS A 1 124 ? 2.415   5.500   -10.003 1.00 15.31 ? 373 LYS A N   1 
ATOM   978  C  CA  . LYS A 1 124 ? 1.060   5.122   -9.664  1.00 16.75 ? 373 LYS A CA  1 
ATOM   979  C  C   . LYS A 1 124 ? 0.653   5.991   -8.487  1.00 16.13 ? 373 LYS A C   1 
ATOM   980  O  O   . LYS A 1 124 ? 1.453   6.790   -7.996  1.00 13.77 ? 373 LYS A O   1 
ATOM   981  C  CB  . LYS A 1 124 ? 1.004   3.644   -9.256  1.00 17.61 ? 373 LYS A CB  1 
ATOM   982  C  CG  . LYS A 1 124 ? 1.428   2.636   -10.331 1.00 20.10 ? 373 LYS A CG  1 
ATOM   983  C  CD  . LYS A 1 124 ? 1.348   1.205   -9.761  1.00 22.23 ? 373 LYS A CD  1 
ATOM   984  C  CE  . LYS A 1 124 ? 1.830   0.136   -10.739 1.00 20.84 ? 373 LYS A CE  1 
ATOM   985  N  NZ  . LYS A 1 124 ? 0.899   -0.102  -11.882 1.00 21.74 ? 373 LYS A NZ  1 
ATOM   986  N  N   . PHE A 1 125 ? -0.594  5.854   -8.047  1.00 15.43 ? 374 PHE A N   1 
ATOM   987  C  CA  . PHE A 1 125 ? -1.048  6.606   -6.890  1.00 15.51 ? 374 PHE A CA  1 
ATOM   988  C  C   . PHE A 1 125 ? -0.509  5.830   -5.692  1.00 15.36 ? 374 PHE A C   1 
ATOM   989  O  O   . PHE A 1 125 ? 0.007   4.714   -5.851  1.00 13.93 ? 374 PHE A O   1 
ATOM   990  C  CB  . PHE A 1 125 ? -2.575  6.672   -6.851  1.00 14.05 ? 374 PHE A CB  1 
ATOM   991  C  CG  . PHE A 1 125 ? -3.176  7.407   -8.018  1.00 17.21 ? 374 PHE A CG  1 
ATOM   992  C  CD1 . PHE A 1 125 ? -3.383  6.762   -9.235  1.00 15.81 ? 374 PHE A CD1 1 
ATOM   993  C  CD2 . PHE A 1 125 ? -3.497  8.763   -7.911  1.00 15.08 ? 374 PHE A CD2 1 
ATOM   994  C  CE1 . PHE A 1 125 ? -3.903  7.455   -10.330 1.00 14.87 ? 374 PHE A CE1 1 
ATOM   995  C  CE2 . PHE A 1 125 ? -4.014  9.460   -8.995  1.00 13.10 ? 374 PHE A CE2 1 
ATOM   996  C  CZ  . PHE A 1 125 ? -4.218  8.806   -10.208 1.00 14.94 ? 374 PHE A CZ  1 
ATOM   997  N  N   . TRP A 1 126 ? -0.609  6.406   -4.499  1.00 13.47 ? 375 TRP A N   1 
ATOM   998  C  CA  . TRP A 1 126 ? -0.103  5.721   -3.313  1.00 13.00 ? 375 TRP A CA  1 
ATOM   999  C  C   . TRP A 1 126 ? -0.936  6.043   -2.083  1.00 13.69 ? 375 TRP A C   1 
ATOM   1000 O  O   . TRP A 1 126 ? -1.681  7.030   -2.060  1.00 14.46 ? 375 TRP A O   1 
ATOM   1001 C  CB  . TRP A 1 126 ? 1.364   6.113   -3.074  1.00 8.35  ? 375 TRP A CB  1 
ATOM   1002 C  CG  . TRP A 1 126 ? 1.552   7.508   -2.550  1.00 8.53  ? 375 TRP A CG  1 
ATOM   1003 C  CD1 . TRP A 1 126 ? 1.571   7.894   -1.239  1.00 10.58 ? 375 TRP A CD1 1 
ATOM   1004 C  CD2 . TRP A 1 126 ? 1.726   8.707   -3.322  1.00 7.47  ? 375 TRP A CD2 1 
ATOM   1005 N  NE1 . TRP A 1 126 ? 1.747   9.255   -1.143  1.00 9.60  ? 375 TRP A NE1 1 
ATOM   1006 C  CE2 . TRP A 1 126 ? 1.844   9.780   -2.405  1.00 8.99  ? 375 TRP A CE2 1 
ATOM   1007 C  CE3 . TRP A 1 126 ? 1.793   8.979   -4.694  1.00 6.83  ? 375 TRP A CE3 1 
ATOM   1008 C  CZ2 . TRP A 1 126 ? 2.026   11.109  -2.820  1.00 7.74  ? 375 TRP A CZ2 1 
ATOM   1009 C  CZ3 . TRP A 1 126 ? 1.973   10.297  -5.109  1.00 7.41  ? 375 TRP A CZ3 1 
ATOM   1010 C  CH2 . TRP A 1 126 ? 2.088   11.346  -4.172  1.00 9.14  ? 375 TRP A CH2 1 
ATOM   1011 N  N   . ILE A 1 127 ? -0.813  5.206   -1.061  1.00 14.97 ? 376 ILE A N   1 
ATOM   1012 C  CA  . ILE A 1 127 ? -1.542  5.412   0.183   1.00 16.97 ? 376 ILE A CA  1 
ATOM   1013 C  C   . ILE A 1 127 ? -0.583  5.486   1.365   1.00 18.30 ? 376 ILE A C   1 
ATOM   1014 O  O   . ILE A 1 127 ? 0.199   4.566   1.595   1.00 18.60 ? 376 ILE A O   1 
ATOM   1015 C  CB  . ILE A 1 127 ? -2.546  4.266   0.452   1.00 15.96 ? 376 ILE A CB  1 
ATOM   1016 C  CG1 . ILE A 1 127 ? -3.604  4.232   -0.648  1.00 17.76 ? 376 ILE A CG1 1 
ATOM   1017 C  CG2 . ILE A 1 127 ? -3.211  4.461   1.809   1.00 14.59 ? 376 ILE A CG2 1 
ATOM   1018 C  CD1 . ILE A 1 127 ? -4.500  2.998   -0.592  1.00 16.93 ? 376 ILE A CD1 1 
ATOM   1019 N  N   . CYS A 1 128 ? -0.632  6.588   2.103   1.00 19.37 ? 377 CYS A N   1 
ATOM   1020 C  CA  . CYS A 1 128 ? 0.210   6.737   3.287   1.00 21.25 ? 377 CYS A CA  1 
ATOM   1021 C  C   . CYS A 1 128 ? -0.640  6.389   4.504   1.00 20.27 ? 377 CYS A C   1 
ATOM   1022 O  O   . CYS A 1 128 ? -1.865  6.555   4.492   1.00 19.41 ? 377 CYS A O   1 
ATOM   1023 C  CB  . CYS A 1 128 ? 0.720   8.175   3.452   1.00 19.59 ? 377 CYS A CB  1 
ATOM   1024 S  SG  . CYS A 1 128 ? 1.809   8.795   2.133   1.00 30.86 ? 377 CYS A SG  1 
ATOM   1025 N  N   . LYS A 1 129 ? 0.016   5.921   5.556   1.00 19.98 ? 378 LYS A N   1 
ATOM   1026 C  CA  . LYS A 1 129 ? -0.673  5.566   6.786   1.00 19.61 ? 378 LYS A CA  1 
ATOM   1027 C  C   . LYS A 1 129 ? 0.059   6.094   8.010   1.00 20.24 ? 378 LYS A C   1 
ATOM   1028 O  O   . LYS A 1 129 ? 1.291   6.070   8.073   1.00 19.29 ? 378 LYS A O   1 
ATOM   1029 C  CB  . LYS A 1 129 ? -0.802  4.045   6.897   1.00 19.00 ? 378 LYS A CB  1 
ATOM   1030 C  CG  . LYS A 1 129 ? -1.250  3.545   8.268   1.00 20.44 ? 378 LYS A CG  1 
ATOM   1031 C  CD  . LYS A 1 129 ? -1.391  2.023   8.281   1.00 24.30 ? 378 LYS A CD  1 
ATOM   1032 C  CE  . LYS A 1 129 ? -1.712  1.492   9.669   1.00 25.67 ? 378 LYS A CE  1 
ATOM   1033 N  NZ  . LYS A 1 129 ? -1.870  0.008   9.673   1.00 27.74 ? 378 LYS A NZ  1 
ATOM   1034 N  N   . LYS A 1 130 ? -0.708  6.594   8.972   1.00 20.44 ? 379 LYS A N   1 
ATOM   1035 C  CA  . LYS A 1 130 ? -0.146  7.073   10.227  1.00 22.42 ? 379 LYS A CA  1 
ATOM   1036 C  C   . LYS A 1 130 ? -1.216  6.982   11.303  1.00 22.11 ? 379 LYS A C   1 
ATOM   1037 O  O   . LYS A 1 130 ? -2.406  6.879   11.008  1.00 22.06 ? 379 LYS A O   1 
ATOM   1038 C  CB  . LYS A 1 130 ? 0.384   8.505   10.107  1.00 23.03 ? 379 LYS A CB  1 
ATOM   1039 C  CG  . LYS A 1 130 ? -0.659  9.592   9.967   1.00 24.41 ? 379 LYS A CG  1 
ATOM   1040 C  CD  . LYS A 1 130 ? 0.045   10.937  9.841   1.00 27.53 ? 379 LYS A CD  1 
ATOM   1041 C  CE  . LYS A 1 130 ? -0.906  12.055  9.456   1.00 27.72 ? 379 LYS A CE  1 
ATOM   1042 N  NZ  . LYS A 1 130 ? -0.156  13.320  9.233   1.00 31.78 ? 379 LYS A NZ  1 
ATOM   1043 N  N   . SER A 1 131 ? -0.785  7.011   12.554  1.00 21.63 ? 380 SER A N   1 
ATOM   1044 C  CA  . SER A 1 131 ? -1.708  6.900   13.665  1.00 23.32 ? 380 SER A CA  1 
ATOM   1045 C  C   . SER A 1 131 ? -2.656  8.091   13.754  1.00 23.93 ? 380 SER A C   1 
ATOM   1046 O  O   . SER A 1 131 ? -2.269  9.226   13.478  1.00 23.24 ? 380 SER A O   1 
ATOM   1047 C  CB  . SER A 1 131 ? -0.923  6.763   14.971  1.00 23.89 ? 380 SER A CB  1 
ATOM   1048 O  OG  . SER A 1 131 ? -1.810  6.593   16.063  1.00 31.51 ? 380 SER A OG  1 
ATOM   1049 N  N   . ALA A 1 132 ? -3.901  7.828   14.137  1.00 24.07 ? 381 ALA A N   1 
ATOM   1050 C  CA  . ALA A 1 132 ? -4.883  8.892   14.285  1.00 25.41 ? 381 ALA A CA  1 
ATOM   1051 C  C   . ALA A 1 132 ? -4.643  9.602   15.605  1.00 27.97 ? 381 ALA A C   1 
ATOM   1052 O  O   . ALA A 1 132 ? -4.171  8.998   16.568  1.00 30.71 ? 381 ALA A O   1 
ATOM   1053 C  CB  . ALA A 1 132 ? -6.286  8.325   14.264  1.00 22.74 ? 381 ALA A CB  1 
ATOM   1054 N  N   . ALA A 1 133 ? -4.964  10.887  15.645  1.00 30.47 ? 382 ALA A N   1 
ATOM   1055 C  CA  . ALA A 1 133 ? -4.802  11.672  16.855  1.00 34.09 ? 382 ALA A CA  1 
ATOM   1056 C  C   . ALA A 1 133 ? -6.074  11.550  17.685  1.00 37.45 ? 382 ALA A C   1 
ATOM   1057 O  O   . ALA A 1 133 ? -7.179  11.716  17.171  1.00 37.83 ? 382 ALA A O   1 
ATOM   1058 C  CB  . ALA A 1 133 ? -4.544  13.137  16.499  1.00 32.62 ? 382 ALA A CB  1 
ATOM   1059 N  N   . SER A 1 134 ? -5.923  11.227  18.963  1.00 42.73 ? 383 SER A N   1 
ATOM   1060 C  CA  . SER A 1 134 ? -7.079  11.118  19.842  1.00 46.71 ? 383 SER A CA  1 
ATOM   1061 C  C   . SER A 1 134 ? -7.195  12.422  20.609  1.00 50.00 ? 383 SER A C   1 
ATOM   1062 O  O   . SER A 1 134 ? -6.201  12.936  21.128  1.00 50.68 ? 383 SER A O   1 
ATOM   1063 C  CB  . SER A 1 134 ? -6.922  9.949   20.812  1.00 45.86 ? 383 SER A CB  1 
ATOM   1064 O  OG  . SER A 1 134 ? -7.131  8.719   20.146  1.00 45.81 ? 383 SER A OG  1 
ATOM   1065 N  N   . CYS A 1 135 ? -8.408  12.962  20.666  1.00 52.96 ? 384 CYS A N   1 
ATOM   1066 C  CA  . CYS A 1 135 ? -8.634  14.219  21.361  1.00 56.08 ? 384 CYS A CA  1 
ATOM   1067 C  C   . CYS A 1 135 ? -10.105 14.437  21.705  1.00 56.82 ? 384 CYS A C   1 
ATOM   1068 O  O   . CYS A 1 135 ? -10.920 13.539  21.404  1.00 57.11 ? 384 CYS A O   1 
ATOM   1069 C  CB  . CYS A 1 135 ? -8.106  15.373  20.505  1.00 58.19 ? 384 CYS A CB  1 
ATOM   1070 S  SG  . CYS A 1 135 ? -8.920  15.617  18.886  1.00 61.38 ? 384 CYS A SG  1 
HETATM 1071 C  C1  A MAN B 2 .   ? -3.759  -3.566  -16.263 0.75 40.42 ? 1   MAN B C1  1 
HETATM 1072 C  C2  A MAN B 2 .   ? -2.693  -4.529  -15.721 0.75 40.54 ? 1   MAN B C2  1 
HETATM 1073 C  C3  A MAN B 2 .   ? -2.992  -5.955  -16.187 0.75 39.60 ? 1   MAN B C3  1 
HETATM 1074 C  C4  A MAN B 2 .   ? -4.424  -6.340  -15.815 0.75 38.83 ? 1   MAN B C4  1 
HETATM 1075 C  C5  A MAN B 2 .   ? -5.410  -5.300  -16.356 0.75 39.46 ? 1   MAN B C5  1 
HETATM 1076 C  C6  A MAN B 2 .   ? -6.851  -5.585  -15.955 0.75 38.52 ? 1   MAN B C6  1 
HETATM 1077 O  O1  A MAN B 2 .   ? -3.722  -3.558  -17.649 0.75 39.42 ? 1   MAN B O1  1 
HETATM 1078 O  O2  A MAN B 2 .   ? -2.673  -4.485  -14.299 0.75 41.03 ? 1   MAN B O2  1 
HETATM 1079 O  O3  A MAN B 2 .   ? -2.074  -6.869  -15.558 0.75 38.43 ? 1   MAN B O3  1 
HETATM 1080 O  O4  A MAN B 2 .   ? -4.727  -7.615  -16.357 0.75 40.75 ? 1   MAN B O4  1 
HETATM 1081 O  O5  A MAN B 2 .   ? -5.070  -3.988  -15.854 0.75 39.41 ? 1   MAN B O5  1 
HETATM 1082 O  O6  A MAN B 2 .   ? -7.414  -4.511  -15.214 0.75 35.61 ? 1   MAN B O6  1 
HETATM 1083 C  C1  A MAN B 2 .   ? -1.111  -7.459  -16.389 0.75 37.52 ? 2   MAN B C1  1 
HETATM 1084 C  C1  B MAN B 2 .   ? 0.387   -6.401  -17.000 0.25 14.16 ? 2   MAN B C1  1 
HETATM 1085 C  C2  A MAN B 2 .   ? -0.559  -8.723  -15.710 0.75 39.16 ? 2   MAN B C2  1 
HETATM 1086 C  C2  B MAN B 2 .   ? 1.080   -6.013  -15.681 0.25 14.69 ? 2   MAN B C2  1 
HETATM 1087 C  C3  A MAN B 2 .   ? 0.216   -8.318  -14.452 0.75 36.76 ? 2   MAN B C3  1 
HETATM 1088 C  C3  B MAN B 2 .   ? 1.578   -7.278  -14.974 0.25 14.35 ? 2   MAN B C3  1 
HETATM 1089 C  C4  A MAN B 2 .   ? 1.343   -7.358  -14.839 0.75 34.92 ? 2   MAN B C4  1 
HETATM 1090 C  C4  B MAN B 2 .   ? 0.418   -8.253  -14.782 0.25 14.22 ? 2   MAN B C4  1 
HETATM 1091 C  C5  A MAN B 2 .   ? 0.744   -6.140  -15.558 0.75 35.14 ? 2   MAN B C5  1 
HETATM 1092 C  C5  B MAN B 2 .   ? -0.227  -8.557  -16.137 0.25 14.19 ? 2   MAN B C5  1 
HETATM 1093 C  C6  A MAN B 2 .   ? 1.791   -5.168  -16.066 0.75 32.75 ? 2   MAN B C6  1 
HETATM 1094 C  C6  B MAN B 2 .   ? -1.432  -9.471  -16.014 0.25 13.98 ? 2   MAN B C6  1 
HETATM 1095 O  O1  B MAN B 2 .   ? 1.297   -7.007  -17.849 0.25 13.57 ? 2   MAN B O1  1 
HETATM 1096 O  O2  A MAN B 2 .   ? 0.319   -9.429  -16.611 0.75 41.64 ? 2   MAN B O2  1 
HETATM 1097 O  O2  B MAN B 2 .   ? 0.157   -5.317  -14.814 0.25 16.47 ? 2   MAN B O2  1 
HETATM 1098 O  O3  A MAN B 2 .   ? 0.749   -9.466  -13.811 0.75 35.81 ? 2   MAN B O3  1 
HETATM 1099 O  O3  B MAN B 2 .   ? 2.127   -6.939  -13.711 0.25 13.56 ? 2   MAN B O3  1 
HETATM 1100 O  O4  A MAN B 2 .   ? 2.042   -6.944  -13.678 0.75 33.84 ? 2   MAN B O4  1 
HETATM 1101 O  O4  B MAN B 2 .   ? 0.884   -9.455  -14.185 0.25 14.78 ? 2   MAN B O4  1 
HETATM 1102 O  O5  A MAN B 2 .   ? -0.038  -6.566  -16.700 0.75 35.70 ? 2   MAN B O5  1 
HETATM 1103 O  O5  B MAN B 2 .   ? -0.681  -7.329  -16.752 0.25 13.35 ? 2   MAN B O5  1 
HETATM 1104 O  O6  A MAN B 2 .   ? 2.769   -5.830  -16.855 0.75 33.05 ? 2   MAN B O6  1 
HETATM 1105 O  O6  B MAN B 2 .   ? -2.363  -8.972  -15.062 0.25 12.49 ? 2   MAN B O6  1 
HETATM 1106 C  C1  A MAN B 2 .   ? -0.285  -10.083 -17.693 0.75 45.36 ? 3   MAN B C1  1 
HETATM 1107 C  C1  B MAN B 2 .   ? -0.286  -4.050  -15.221 0.25 17.07 ? 3   MAN B C1  1 
HETATM 1108 C  C2  A MAN B 2 .   ? 0.504   -11.351 -18.027 0.75 45.67 ? 3   MAN B C2  1 
HETATM 1109 C  C2  B MAN B 2 .   ? -0.759  -3.262  -13.994 0.25 17.61 ? 3   MAN B C2  1 
HETATM 1110 C  C3  A MAN B 2 .   ? 1.887   -10.976 -18.570 0.75 46.36 ? 3   MAN B C3  1 
HETATM 1111 C  C3  B MAN B 2 .   ? -2.011  -3.918  -13.407 0.25 17.87 ? 3   MAN B C3  1 
HETATM 1112 C  C4  A MAN B 2 .   ? 1.756   -10.020 -19.761 0.75 47.21 ? 3   MAN B C4  1 
HETATM 1113 C  C4  B MAN B 2 .   ? -3.094  -4.042  -14.481 0.25 18.24 ? 3   MAN B C4  1 
HETATM 1114 C  C5  A MAN B 2 .   ? 0.903   -8.809  -19.375 0.75 47.13 ? 3   MAN B C5  1 
HETATM 1115 C  C5  B MAN B 2 .   ? -2.541  -4.783  -15.702 0.25 18.09 ? 3   MAN B C5  1 
HETATM 1116 C  C6  A MAN B 2 .   ? 0.626   -7.898  -20.557 0.75 47.40 ? 3   MAN B C6  1 
HETATM 1117 C  C6  B MAN B 2 .   ? -3.529  -4.817  -16.854 0.25 17.40 ? 3   MAN B C6  1 
HETATM 1118 O  O2  A MAN B 2 .   ? -0.204  -12.111 -18.997 0.75 45.65 ? 3   MAN B O2  1 
HETATM 1119 O  O2  B MAN B 2 .   ? -1.050  -1.922  -14.369 0.25 18.29 ? 3   MAN B O2  1 
HETATM 1120 O  O3  A MAN B 2 .   ? 2.579   -12.147 -18.970 0.75 47.47 ? 3   MAN B O3  1 
HETATM 1121 O  O3  B MAN B 2 .   ? -2.497  -3.141  -12.324 0.25 17.63 ? 3   MAN B O3  1 
HETATM 1122 O  O4  A MAN B 2 .   ? 3.044   -9.580  -20.166 0.75 48.11 ? 3   MAN B O4  1 
HETATM 1123 O  O4  B MAN B 2 .   ? -4.211  -4.747  -13.960 0.25 18.68 ? 3   MAN B O4  1 
HETATM 1124 O  O5  A MAN B 2 .   ? -0.375  -9.245  -18.851 0.75 47.05 ? 3   MAN B O5  1 
HETATM 1125 O  O5  B MAN B 2 .   ? -1.341  -4.128  -16.180 0.25 16.98 ? 3   MAN B O5  1 
HETATM 1126 O  O6  A MAN B 2 .   ? 1.836   -7.467  -21.167 0.75 47.79 ? 3   MAN B O6  1 
HETATM 1127 O  O6  B MAN B 2 .   ? -2.865  -4.985  -18.098 0.25 17.18 ? 3   MAN B O6  1 
HETATM 1128 CA CA  . CA  C 3 .   ? 9.809   -9.607  -8.063  1.00 19.47 ? 101 CA  A CA  1 
HETATM 1129 CA CA  . CA  D 3 .   ? 2.356   -8.865  -11.918 1.00 24.78 ? 102 CA  A CA  1 
HETATM 1130 CA CA  . CA  E 3 .   ? 13.532  -9.013  -8.623  1.00 33.00 ? 103 CA  A CA  1 
HETATM 1131 O  O   . HOH F 4 .   ? 14.259  -8.785  -6.301  1.00 20.05 ? 389 HOH A O   1 
HETATM 1132 O  O   . HOH F 4 .   ? 15.196  -10.882 -9.006  1.00 24.09 ? 390 HOH A O   1 
HETATM 1133 O  O   . HOH F 4 .   ? 7.913   -10.408 -8.247  1.00 14.03 ? 391 HOH A O   1 
HETATM 1134 O  O   . HOH F 4 .   ? 8.500   9.159   -9.055  1.00 19.61 ? 392 HOH A O   1 
HETATM 1135 O  O   . HOH F 4 .   ? -4.412  4.391   -12.284 1.00 11.84 ? 393 HOH A O   1 
HETATM 1136 O  O   . HOH F 4 .   ? 10.517  -3.626  -10.094 1.00 17.86 ? 394 HOH A O   1 
HETATM 1137 O  O   . HOH F 4 .   ? 9.683   -3.916  1.224   1.00 32.79 ? 395 HOH A O   1 
HETATM 1138 O  O   . HOH F 4 .   ? 2.238   2.065   7.285   1.00 31.63 ? 396 HOH A O   1 
HETATM 1139 O  O   A HOH F 4 .   ? -0.939  -2.545  -13.091 0.75 38.39 ? 397 HOH A O   1 
HETATM 1140 O  O   . HOH F 4 .   ? 13.093  -15.512 -1.958  1.00 14.32 ? 398 HOH A O   1 
HETATM 1141 O  O   . HOH F 4 .   ? 3.717   14.434  -5.146  1.00 21.77 ? 399 HOH A O   1 
HETATM 1142 O  O   . HOH F 4 .   ? -6.150  1.167   10.907  1.00 20.63 ? 400 HOH A O   1 
HETATM 1143 O  O   . HOH F 4 .   ? 6.897   -13.901 0.468   1.00 24.35 ? 401 HOH A O   1 
HETATM 1144 O  O   . HOH F 4 .   ? -5.382  19.144  8.100   1.00 31.83 ? 402 HOH A O   1 
HETATM 1145 O  O   . HOH F 4 .   ? -4.896  6.489   17.162  1.00 25.24 ? 403 HOH A O   1 
HETATM 1146 O  O   . HOH F 4 .   ? 3.890   -14.273 -1.602  1.00 31.75 ? 404 HOH A O   1 
HETATM 1147 O  O   . HOH F 4 .   ? 12.757  5.926   -1.286  1.00 37.93 ? 405 HOH A O   1 
HETATM 1148 O  O   . HOH F 4 .   ? 10.687  -16.366 1.170   1.00 32.30 ? 406 HOH A O   1 
HETATM 1149 O  O   . HOH F 4 .   ? -10.446 6.463   1.533   1.00 31.93 ? 407 HOH A O   1 
HETATM 1150 O  O   . HOH F 4 .   ? -1.203  14.064  -3.841  1.00 34.25 ? 408 HOH A O   1 
HETATM 1151 O  O   . HOH F 4 .   ? 11.458  -0.368  -12.347 1.00 27.48 ? 409 HOH A O   1 
HETATM 1152 O  O   . HOH F 4 .   ? 8.431   15.927  -2.656  1.00 25.94 ? 410 HOH A O   1 
HETATM 1153 O  O   . HOH F 4 .   ? 7.087   5.555   3.956   1.00 26.42 ? 411 HOH A O   1 
HETATM 1154 O  O   . HOH F 4 .   ? 2.171   11.702  0.939   1.00 28.01 ? 412 HOH A O   1 
HETATM 1155 O  O   . HOH F 4 .   ? -7.939  -1.621  -6.423  1.00 37.87 ? 413 HOH A O   1 
HETATM 1156 O  O   . HOH F 4 .   ? -2.537  4.264   15.648  1.00 42.18 ? 414 HOH A O   1 
HETATM 1157 O  O   . HOH F 4 .   ? 7.433   -12.916 -6.293  1.00 28.50 ? 415 HOH A O   1 
HETATM 1158 O  O   . HOH F 4 .   ? 1.919   7.081   13.219  1.00 32.84 ? 416 HOH A O   1 
HETATM 1159 O  O   . HOH F 4 .   ? 6.258   -15.227 -3.433  1.00 26.97 ? 417 HOH A O   1 
HETATM 1160 O  O   . HOH F 4 .   ? 0.716   -14.507 -14.757 1.00 32.49 ? 418 HOH A O   1 
HETATM 1161 O  O   . HOH F 4 .   ? -13.243 -3.664  6.650   1.00 36.97 ? 419 HOH A O   1 
HETATM 1162 O  O   . HOH F 4 .   ? 12.292  -6.624  -0.563  1.00 38.28 ? 420 HOH A O   1 
HETATM 1163 O  O   . HOH F 4 .   ? 15.695  -14.828 -4.541  1.00 45.43 ? 421 HOH A O   1 
HETATM 1164 O  O   . HOH F 4 .   ? 12.430  9.929   -2.971  1.00 32.66 ? 422 HOH A O   1 
HETATM 1165 O  O   . HOH F 4 .   ? 9.190   -14.447 -8.985  1.00 30.06 ? 423 HOH A O   1 
HETATM 1166 O  O   . HOH F 4 .   ? -5.592  -0.680  14.151  1.00 31.59 ? 424 HOH A O   1 
HETATM 1167 O  O   . HOH F 4 .   ? -3.147  -1.241  11.986  1.00 43.19 ? 425 HOH A O   1 
HETATM 1168 O  O   . HOH F 4 .   ? -12.727 17.142  -1.304  1.00 41.21 ? 426 HOH A O   1 
HETATM 1169 O  O   . HOH F 4 .   ? -9.334  -15.940 5.469   1.00 36.77 ? 427 HOH A O   1 
HETATM 1170 O  O   . HOH F 4 .   ? -10.010 -7.888  1.002   1.00 41.22 ? 428 HOH A O   1 
HETATM 1171 O  O   . HOH F 4 .   ? -10.569 14.279  11.082  1.00 42.27 ? 429 HOH A O   1 
HETATM 1172 O  O   . HOH F 4 .   ? 13.845  5.529   -10.861 1.00 42.86 ? 430 HOH A O   1 
HETATM 1173 O  O   . HOH F 4 .   ? 10.059  13.582  -2.656  1.00 39.15 ? 431 HOH A O   1 
HETATM 1174 O  O   . HOH F 4 .   ? 7.130   -13.747 -15.400 1.00 41.89 ? 432 HOH A O   1 
HETATM 1175 O  O   . HOH F 4 .   ? 0.611   -16.409 -4.945  1.00 42.85 ? 433 HOH A O   1 
HETATM 1176 O  O   . HOH F 4 .   ? -7.536  10.296  1.444   1.00 29.02 ? 434 HOH A O   1 
HETATM 1177 O  O   . HOH F 4 .   ? -7.653  -12.173 -9.888  1.00 39.58 ? 435 HOH A O   1 
HETATM 1178 O  O   . HOH F 4 .   ? -12.337 5.609   -3.368  1.00 46.23 ? 436 HOH A O   1 
HETATM 1179 O  O   . HOH F 4 .   ? 11.582  -14.360 -12.436 1.00 43.93 ? 437 HOH A O   1 
HETATM 1180 O  O   . HOH F 4 .   ? -2.453  -16.924 -8.579  1.00 41.53 ? 438 HOH A O   1 
HETATM 1181 O  O   . HOH F 4 .   ? -1.569  4.335   -11.654 1.00 36.05 ? 439 HOH A O   1 
HETATM 1182 O  O   . HOH F 4 .   ? 15.396  -7.681  -8.876  1.00 42.06 ? 440 HOH A O   1 
HETATM 1183 O  O   . HOH F 4 .   ? -3.404  0.201   15.047  1.00 31.80 ? 441 HOH A O   1 
HETATM 1184 O  O   . HOH F 4 .   ? -6.359  4.924   -4.992  1.00 31.27 ? 442 HOH A O   1 
HETATM 1185 O  O   . HOH F 4 .   ? -6.471  12.513  -0.813  1.00 31.78 ? 443 HOH A O   1 
HETATM 1186 O  O   . HOH F 4 .   ? 1.731   14.208  -0.180  1.00 41.03 ? 444 HOH A O   1 
HETATM 1187 O  O   . HOH F 4 .   ? -13.644 -7.339  6.632   1.00 39.63 ? 445 HOH A O   1 
HETATM 1188 O  O   . HOH F 4 .   ? 6.888   15.299  8.965   1.00 40.68 ? 446 HOH A O   1 
HETATM 1189 O  O   . HOH F 4 .   ? -5.852  7.051   -12.856 1.00 44.51 ? 447 HOH A O   1 
# 
